data_9E6I
#
_entry.id   9E6I
#
loop_
_entity.id
_entity.type
_entity.pdbx_description
1 polymer 'Dolichyl-phosphate-mannose--protein mannosyltransferase 4'
2 polymer 'Cell wall mannoprotein CIS3'
3 non-polymer '(3R)-3,31-dimethyl-7,11,15,19,23,27-hexamethylidenedotriacont-31-en-1-yl dihydrogen phosphate'
#
loop_
_entity_poly.entity_id
_entity_poly.type
_entity_poly.pdbx_seq_one_letter_code
_entity_poly.pdbx_strand_id
1 'polypeptide(L)'
;MSVPKKRNHGKLPPSTKDVDDPSLKYTKAAPKCEQVAEHWLLQPLPEPESRYSFWVTIVTLLAFAARFYKIWYPKEVVFD
EVHFGKFASYYLERSYFFDVHPPFAKMMIAFIGWLCGYDGSFKFDEIGYSYETHPAPYIAYRSFNAILGTLTVPIMFNTL
KELNFRAITCAFASLLVAIDTAHVTETRLILLDAILIISIAATMYCYVRFYKCQLRQPFTWSWYIWLHATGLSLSFVIST
KYVGVMTYSAIGFAAVVNLWQLLDIKAGLSLRQFMRHFSKRLNGLVLIPFVIYLFWFWVHFTVLNTSGPGDAFMSAEFQE
TLKDSPLSVDSKTVNYFDIITIKHQDTDAFLHSHLARYPQRYEDGRISSAGQQVTGYTHPDFNNQWEVLPPHGSDVGKGQ
AVLLNQHIRLRHVATDTYLLAHDVASPFYPTNEEITTVTLEEGDGELYPETLFAFQPLKKSDEGHVLKSKTVSFRLFHVD
TSVALWTHNDELLPDWGFQQQEINGNKKVIDPSNNWVVDEIVNLDEVRKVYIPKVVKPLPFLKKWIETQKSMFEHNNKLS
SEHPFASEPYSWPGSLSGVSFWTNGDEKKQIYFIGNIIGWWFQVISLAVFVGIIVADLITRHRGYYALNKMTREKLYGPL
MFFFVSWCCHYFPFFLMARQKFLHHYLPAHLIACLFSGALWEVIFSDCKSLDLEKDEDISGASYERNPKVYVKPYTVFLV
CVSCAVAWFFVYFSPLVYGDVSLSPSEVVSREWFDIELNFSK
;
A,B
2 'polypeptide(L)' TSTNATSSSCATPSLK C
#
loop_
_chem_comp.id
_chem_comp.type
_chem_comp.name
_chem_comp.formula
NNM non-polymer '(3R)-3,31-dimethyl-7,11,15,19,23,27-hexamethylidenedotriacont-31-en-1-yl dihydrogen phosphate' 'C40 H69 O4 P'
#
# COMPACT_ATOMS: atom_id res chain seq x y z
N GLN A 35 -6.67 -6.21 -40.53
CA GLN A 35 -6.90 -5.82 -39.15
C GLN A 35 -6.78 -7.02 -38.20
N VAL A 36 -6.58 -6.76 -36.90
CA VAL A 36 -6.36 -7.84 -35.92
C VAL A 36 -7.56 -8.81 -35.93
N ALA A 37 -7.28 -10.09 -36.20
CA ALA A 37 -8.25 -11.18 -36.25
C ALA A 37 -9.42 -10.96 -37.23
N GLU A 38 -9.18 -10.23 -38.32
CA GLU A 38 -10.22 -9.91 -39.30
C GLU A 38 -10.85 -11.16 -39.91
N HIS A 39 -10.06 -12.15 -40.34
CA HIS A 39 -10.61 -13.33 -40.97
C HIS A 39 -11.37 -14.23 -39.99
N TRP A 40 -10.88 -14.37 -38.75
CA TRP A 40 -11.52 -15.14 -37.69
C TRP A 40 -12.86 -14.53 -37.29
N LEU A 41 -12.90 -13.23 -37.01
CA LEU A 41 -14.09 -12.55 -36.46
C LEU A 41 -15.21 -12.33 -37.50
N LEU A 42 -14.87 -12.41 -38.79
CA LEU A 42 -15.84 -12.32 -39.89
C LEU A 42 -16.43 -13.68 -40.30
N GLN A 43 -15.97 -14.79 -39.72
CA GLN A 43 -16.58 -16.10 -39.94
C GLN A 43 -18.04 -16.15 -39.43
N PRO A 44 -18.88 -17.01 -40.02
CA PRO A 44 -20.16 -17.37 -39.41
C PRO A 44 -19.94 -18.08 -38.07
N LEU A 45 -20.97 -18.10 -37.22
CA LEU A 45 -20.89 -18.83 -35.94
C LEU A 45 -20.57 -20.32 -36.19
N PRO A 46 -19.69 -20.92 -35.37
CA PRO A 46 -19.28 -22.32 -35.53
C PRO A 46 -20.40 -23.33 -35.26
N GLU A 47 -21.51 -22.90 -34.67
CA GLU A 47 -22.66 -23.74 -34.30
C GLU A 47 -23.99 -23.01 -34.55
N PRO A 48 -25.11 -23.73 -34.72
CA PRO A 48 -26.44 -23.13 -34.83
C PRO A 48 -26.82 -22.30 -33.59
N GLU A 49 -27.60 -21.23 -33.79
CA GLU A 49 -28.01 -20.34 -32.70
C GLU A 49 -28.75 -21.06 -31.57
N SER A 50 -29.51 -22.11 -31.88
CA SER A 50 -30.24 -22.91 -30.89
C SER A 50 -29.32 -23.51 -29.82
N ARG A 51 -28.09 -23.89 -30.18
CA ARG A 51 -27.09 -24.39 -29.20
C ARG A 51 -26.62 -23.29 -28.27
N TYR A 52 -26.38 -22.09 -28.79
CA TYR A 52 -26.03 -20.93 -27.96
C TYR A 52 -27.18 -20.57 -27.01
N SER A 53 -28.42 -20.52 -27.52
CA SER A 53 -29.62 -20.24 -26.72
C SER A 53 -29.83 -21.27 -25.62
N PHE A 54 -29.59 -22.56 -25.89
CA PHE A 54 -29.63 -23.61 -24.88
C PHE A 54 -28.63 -23.36 -23.75
N TRP A 55 -27.35 -23.21 -24.09
CA TRP A 55 -26.29 -23.08 -23.09
C TRP A 55 -26.36 -21.77 -22.29
N VAL A 56 -26.70 -20.64 -22.94
CA VAL A 56 -26.85 -19.36 -22.23
C VAL A 56 -28.00 -19.42 -21.22
N THR A 57 -29.09 -20.11 -21.56
CA THR A 57 -30.23 -20.30 -20.66
C THR A 57 -29.81 -21.12 -19.44
N ILE A 58 -29.14 -22.25 -19.64
CA ILE A 58 -28.67 -23.12 -18.54
C ILE A 58 -27.75 -22.38 -17.58
N VAL A 59 -26.71 -21.71 -18.09
CA VAL A 59 -25.75 -21.02 -17.22
C VAL A 59 -26.36 -19.80 -16.52
N THR A 60 -27.31 -19.11 -17.15
CA THR A 60 -28.05 -18.01 -16.53
C THR A 60 -28.96 -18.51 -15.40
N LEU A 61 -29.63 -19.66 -15.58
CA LEU A 61 -30.44 -20.29 -14.53
C LEU A 61 -29.59 -20.73 -13.34
N LEU A 62 -28.40 -21.29 -13.58
CA LEU A 62 -27.44 -21.62 -12.52
C LEU A 62 -26.99 -20.38 -11.76
N ALA A 63 -26.66 -19.28 -12.48
CA ALA A 63 -26.28 -18.01 -11.88
C ALA A 63 -27.39 -17.39 -11.03
N PHE A 64 -28.63 -17.46 -11.51
CA PHE A 64 -29.83 -17.03 -10.80
C PHE A 64 -30.00 -17.83 -9.50
N ALA A 65 -29.96 -19.17 -9.58
CA ALA A 65 -30.10 -20.05 -8.43
C ALA A 65 -29.02 -19.76 -7.37
N ALA A 66 -27.76 -19.60 -7.78
CA ALA A 66 -26.65 -19.32 -6.86
C ALA A 66 -26.78 -17.97 -6.13
N ARG A 67 -27.33 -16.93 -6.78
CA ARG A 67 -27.44 -15.59 -6.17
C ARG A 67 -28.70 -15.42 -5.33
N PHE A 68 -29.82 -15.97 -5.79
CA PHE A 68 -31.11 -15.87 -5.10
C PHE A 68 -31.32 -16.90 -3.98
N TYR A 69 -30.47 -17.92 -3.88
CA TYR A 69 -30.53 -18.86 -2.77
C TYR A 69 -30.45 -18.12 -1.42
N LYS A 70 -31.50 -18.28 -0.61
CA LYS A 70 -31.66 -17.66 0.72
C LYS A 70 -31.29 -16.17 0.77
N ILE A 71 -31.73 -15.39 -0.22
CA ILE A 71 -31.36 -13.96 -0.32
C ILE A 71 -31.84 -13.11 0.88
N TRP A 72 -32.86 -13.56 1.59
CA TRP A 72 -33.36 -12.93 2.82
C TRP A 72 -32.45 -13.15 4.04
N TYR A 73 -31.46 -14.05 3.95
CA TYR A 73 -30.57 -14.42 5.04
C TYR A 73 -29.14 -13.87 4.80
N PRO A 74 -28.43 -13.38 5.84
CA PRO A 74 -28.91 -13.12 7.21
C PRO A 74 -29.86 -11.92 7.24
N LYS A 75 -30.75 -11.86 8.24
CA LYS A 75 -31.66 -10.72 8.45
C LYS A 75 -30.97 -9.57 9.20
N GLU A 76 -29.70 -9.39 8.94
CA GLU A 76 -28.84 -8.43 9.62
C GLU A 76 -27.95 -7.72 8.59
N VAL A 77 -27.45 -6.56 8.98
CA VAL A 77 -26.46 -5.79 8.22
C VAL A 77 -25.15 -6.57 8.14
N VAL A 78 -24.62 -6.72 6.93
CA VAL A 78 -23.40 -7.49 6.63
C VAL A 78 -22.32 -6.58 6.07
N PHE A 79 -21.07 -6.68 6.57
CA PHE A 79 -19.90 -6.01 5.97
C PHE A 79 -20.18 -4.53 5.59
N ASP A 80 -19.81 -4.11 4.38
CA ASP A 80 -19.99 -2.77 3.83
C ASP A 80 -21.46 -2.39 3.53
N GLU A 81 -22.46 -3.23 3.84
CA GLU A 81 -23.87 -2.78 3.89
C GLU A 81 -24.02 -1.61 4.89
N VAL A 82 -23.16 -1.53 5.92
CA VAL A 82 -23.07 -0.39 6.86
C VAL A 82 -22.81 0.95 6.17
N HIS A 83 -22.12 0.93 5.03
CA HIS A 83 -21.80 2.14 4.28
C HIS A 83 -22.84 2.39 3.19
N PHE A 84 -23.11 1.40 2.35
CA PHE A 84 -23.95 1.62 1.16
C PHE A 84 -25.44 1.66 1.48
N GLY A 85 -25.88 0.93 2.50
CA GLY A 85 -27.23 1.07 3.05
C GLY A 85 -27.43 2.46 3.67
N LYS A 86 -26.46 2.92 4.47
CA LYS A 86 -26.45 4.26 5.07
C LYS A 86 -26.50 5.38 4.01
N PHE A 87 -25.71 5.25 2.94
CA PHE A 87 -25.75 6.22 1.83
C PHE A 87 -27.10 6.20 1.10
N ALA A 88 -27.72 5.04 0.94
CA ALA A 88 -29.07 4.96 0.38
C ALA A 88 -30.09 5.73 1.24
N SER A 89 -30.02 5.57 2.56
CA SER A 89 -30.83 6.33 3.51
C SER A 89 -30.61 7.83 3.40
N TYR A 90 -29.35 8.31 3.33
CA TYR A 90 -29.09 9.74 3.18
C TYR A 90 -29.60 10.35 1.86
N TYR A 91 -29.60 9.58 0.76
CA TYR A 91 -30.24 10.04 -0.48
C TYR A 91 -31.74 10.24 -0.34
N LEU A 92 -32.42 9.34 0.35
CA LEU A 92 -33.87 9.40 0.56
C LEU A 92 -34.27 10.56 1.48
N GLU A 93 -33.45 10.83 2.50
CA GLU A 93 -33.59 12.00 3.39
C GLU A 93 -33.10 13.32 2.78
N ARG A 94 -32.40 13.25 1.64
CA ARG A 94 -31.77 14.40 0.97
C ARG A 94 -30.64 15.05 1.79
N SER A 95 -30.07 14.30 2.72
CA SER A 95 -28.98 14.73 3.62
C SER A 95 -27.63 14.61 2.94
N TYR A 96 -26.85 15.68 2.91
CA TYR A 96 -25.55 15.70 2.27
C TYR A 96 -24.55 14.79 3.00
N PHE A 97 -23.92 13.89 2.24
CA PHE A 97 -22.86 13.02 2.72
C PHE A 97 -21.67 13.05 1.77
N PHE A 98 -20.49 12.78 2.32
CA PHE A 98 -19.25 12.68 1.56
C PHE A 98 -18.85 11.20 1.43
N ASP A 99 -18.31 10.83 0.27
CA ASP A 99 -17.72 9.53 0.03
C ASP A 99 -16.57 9.67 -0.97
N VAL A 100 -15.60 8.76 -0.91
CA VAL A 100 -14.42 8.72 -1.77
C VAL A 100 -14.69 8.17 -3.17
N HIS A 101 -15.88 7.59 -3.40
CA HIS A 101 -16.29 7.06 -4.69
C HIS A 101 -17.38 7.90 -5.38
N PRO A 102 -17.44 7.90 -6.72
CA PRO A 102 -18.46 8.65 -7.44
C PRO A 102 -19.90 8.14 -7.17
N PRO A 103 -20.92 8.95 -7.46
CA PRO A 103 -22.24 8.78 -6.85
C PRO A 103 -23.14 7.72 -7.53
N PHE A 104 -22.86 7.30 -8.77
CA PHE A 104 -23.83 6.55 -9.60
C PHE A 104 -24.33 5.27 -8.94
N ALA A 105 -23.43 4.40 -8.48
CA ALA A 105 -23.84 3.11 -7.92
C ALA A 105 -24.64 3.27 -6.62
N LYS A 106 -24.26 4.22 -5.76
CA LYS A 106 -25.01 4.54 -4.53
C LYS A 106 -26.40 5.10 -4.84
N MET A 107 -26.52 5.94 -5.89
CA MET A 107 -27.82 6.42 -6.36
C MET A 107 -28.69 5.30 -6.92
N MET A 108 -28.10 4.30 -7.59
CA MET A 108 -28.87 3.14 -8.04
C MET A 108 -29.43 2.34 -6.86
N ILE A 109 -28.64 2.12 -5.81
CA ILE A 109 -29.11 1.47 -4.59
C ILE A 109 -30.23 2.32 -3.98
N ALA A 110 -30.01 3.61 -3.74
CA ALA A 110 -31.04 4.51 -3.22
C ALA A 110 -32.33 4.53 -4.05
N PHE A 111 -32.21 4.43 -5.38
CA PHE A 111 -33.36 4.38 -6.29
C PHE A 111 -34.25 3.14 -6.04
N ILE A 112 -33.67 1.99 -5.70
CA ILE A 112 -34.45 0.81 -5.31
C ILE A 112 -35.23 1.07 -4.02
N GLY A 113 -34.61 1.75 -3.05
CA GLY A 113 -35.26 2.13 -1.80
C GLY A 113 -36.43 3.07 -2.05
N TRP A 114 -36.21 4.05 -2.93
CA TRP A 114 -37.25 4.98 -3.37
C TRP A 114 -38.43 4.27 -4.05
N LEU A 115 -38.17 3.28 -4.92
CA LEU A 115 -39.22 2.45 -5.53
C LEU A 115 -40.01 1.64 -4.50
N CYS A 116 -39.38 1.24 -3.40
CA CYS A 116 -40.03 0.53 -2.29
C CYS A 116 -40.78 1.47 -1.32
N GLY A 117 -40.73 2.79 -1.52
CA GLY A 117 -41.32 3.76 -0.60
C GLY A 117 -40.59 3.88 0.74
N TYR A 118 -39.31 3.47 0.79
CA TYR A 118 -38.48 3.59 1.98
C TYR A 118 -38.07 5.06 2.20
N ASP A 119 -38.11 5.50 3.46
CA ASP A 119 -37.90 6.89 3.87
C ASP A 119 -36.46 7.21 4.28
N GLY A 120 -35.63 6.19 4.51
CA GLY A 120 -34.25 6.36 4.96
C GLY A 120 -34.07 6.38 6.49
N SER A 121 -35.09 6.02 7.26
CA SER A 121 -35.06 5.98 8.73
C SER A 121 -33.93 5.10 9.30
N PHE A 122 -33.73 3.90 8.75
CA PHE A 122 -32.69 2.97 9.20
C PHE A 122 -31.29 3.34 8.68
N LYS A 123 -30.29 3.41 9.59
CA LYS A 123 -28.94 3.92 9.27
C LYS A 123 -27.87 2.89 9.01
N PHE A 124 -28.13 1.60 9.20
CA PHE A 124 -27.11 0.55 8.98
C PHE A 124 -25.81 0.85 9.77
N ASP A 125 -25.90 1.23 11.04
CA ASP A 125 -24.73 1.76 11.75
C ASP A 125 -23.64 0.73 12.01
N GLU A 126 -24.01 -0.52 12.31
CA GLU A 126 -23.07 -1.58 12.63
C GLU A 126 -23.43 -2.91 11.95
N ILE A 127 -22.42 -3.78 11.80
CA ILE A 127 -22.61 -5.16 11.35
C ILE A 127 -23.38 -5.92 12.44
N GLY A 128 -24.35 -6.72 12.05
CA GLY A 128 -25.19 -7.50 12.97
C GLY A 128 -26.50 -6.81 13.37
N TYR A 129 -26.71 -5.54 12.99
CA TYR A 129 -27.99 -4.88 13.23
C TYR A 129 -29.13 -5.59 12.53
N SER A 130 -30.19 -5.90 13.28
CA SER A 130 -31.38 -6.59 12.77
C SER A 130 -32.19 -5.69 11.83
N TYR A 131 -32.59 -6.25 10.68
CA TYR A 131 -33.56 -5.62 9.79
C TYR A 131 -35.02 -5.77 10.28
N GLU A 132 -35.28 -6.48 11.38
CA GLU A 132 -36.63 -6.68 11.92
C GLU A 132 -37.11 -5.53 12.79
N THR A 133 -36.21 -4.88 13.54
CA THR A 133 -36.56 -3.77 14.45
C THR A 133 -36.82 -2.47 13.70
N HIS A 134 -36.10 -2.23 12.59
CA HIS A 134 -36.25 -1.07 11.72
C HIS A 134 -36.24 -1.51 10.24
N PRO A 135 -37.42 -1.72 9.61
CA PRO A 135 -37.50 -2.39 8.32
C PRO A 135 -36.97 -1.53 7.17
N ALA A 136 -35.68 -1.68 6.84
CA ALA A 136 -35.15 -1.29 5.54
C ALA A 136 -35.53 -2.33 4.47
N PRO A 137 -35.72 -1.96 3.19
CA PRO A 137 -36.06 -2.89 2.11
C PRO A 137 -34.83 -3.72 1.64
N TYR A 138 -34.13 -4.35 2.58
CA TYR A 138 -32.86 -5.05 2.35
C TYR A 138 -32.99 -6.19 1.34
N ILE A 139 -34.11 -6.91 1.33
CA ILE A 139 -34.39 -7.97 0.33
C ILE A 139 -34.45 -7.36 -1.06
N ALA A 140 -35.03 -6.17 -1.24
CA ALA A 140 -35.11 -5.50 -2.53
C ALA A 140 -33.73 -5.03 -3.00
N TYR A 141 -32.92 -4.46 -2.09
CA TYR A 141 -31.54 -4.08 -2.39
C TYR A 141 -30.66 -5.27 -2.77
N ARG A 142 -30.71 -6.35 -1.98
CA ARG A 142 -29.97 -7.59 -2.27
C ARG A 142 -30.44 -8.23 -3.58
N SER A 143 -31.75 -8.23 -3.83
CA SER A 143 -32.33 -8.74 -5.08
C SER A 143 -31.88 -7.94 -6.30
N PHE A 144 -31.80 -6.61 -6.19
CA PHE A 144 -31.27 -5.76 -7.26
C PHE A 144 -29.84 -6.16 -7.63
N ASN A 145 -28.96 -6.32 -6.64
CA ASN A 145 -27.59 -6.78 -6.88
C ASN A 145 -27.54 -8.21 -7.44
N ALA A 146 -28.39 -9.11 -6.95
CA ALA A 146 -28.47 -10.48 -7.44
C ALA A 146 -28.92 -10.53 -8.91
N ILE A 147 -29.82 -9.64 -9.34
CA ILE A 147 -30.21 -9.48 -10.75
C ILE A 147 -29.02 -9.04 -11.58
N LEU A 148 -28.27 -8.02 -11.16
CA LEU A 148 -27.10 -7.52 -11.89
C LEU A 148 -25.99 -8.57 -11.99
N GLY A 149 -25.71 -9.27 -10.89
CA GLY A 149 -24.77 -10.39 -10.88
C GLY A 149 -25.19 -11.53 -11.81
N THR A 150 -26.49 -11.84 -11.85
CA THR A 150 -27.05 -12.85 -12.76
C THR A 150 -26.94 -12.41 -14.22
N LEU A 151 -27.26 -11.15 -14.54
CA LEU A 151 -27.20 -10.59 -15.90
C LEU A 151 -25.77 -10.42 -16.44
N THR A 152 -24.77 -10.36 -15.56
CA THR A 152 -23.36 -10.38 -15.96
C THR A 152 -23.03 -11.66 -16.75
N VAL A 153 -23.54 -12.81 -16.31
CA VAL A 153 -23.24 -14.13 -16.90
C VAL A 153 -23.63 -14.24 -18.39
N PRO A 154 -24.86 -13.90 -18.83
CA PRO A 154 -25.20 -13.92 -20.25
C PRO A 154 -24.44 -12.87 -21.08
N ILE A 155 -24.01 -11.74 -20.49
CA ILE A 155 -23.17 -10.75 -21.20
C ILE A 155 -21.79 -11.35 -21.48
N MET A 156 -21.20 -12.05 -20.51
CA MET A 156 -19.94 -12.76 -20.67
C MET A 156 -20.04 -13.86 -21.74
N PHE A 157 -21.11 -14.65 -21.69
CA PHE A 157 -21.41 -15.67 -22.70
C PHE A 157 -21.47 -15.07 -24.10
N ASN A 158 -22.24 -13.99 -24.26
CA ASN A 158 -22.42 -13.36 -25.57
C ASN A 158 -21.15 -12.65 -26.06
N THR A 159 -20.26 -12.22 -25.16
CA THR A 159 -18.95 -11.67 -25.53
C THR A 159 -18.13 -12.71 -26.28
N LEU A 160 -18.03 -13.95 -25.76
CA LEU A 160 -17.31 -15.03 -26.45
C LEU A 160 -18.03 -15.52 -27.71
N LYS A 161 -19.37 -15.56 -27.69
CA LYS A 161 -20.17 -15.87 -28.89
C LYS A 161 -19.83 -14.91 -30.02
N GLU A 162 -19.75 -13.61 -29.73
CA GLU A 162 -19.41 -12.60 -30.73
C GLU A 162 -17.95 -12.68 -31.17
N LEU A 163 -17.05 -13.19 -30.32
CA LEU A 163 -15.68 -13.53 -30.71
C LEU A 163 -15.56 -14.88 -31.45
N ASN A 164 -16.67 -15.44 -31.93
CA ASN A 164 -16.77 -16.65 -32.73
C ASN A 164 -16.36 -17.96 -32.03
N PHE A 165 -16.34 -18.00 -30.69
CA PHE A 165 -16.10 -19.23 -29.94
C PHE A 165 -17.34 -20.13 -29.90
N ARG A 166 -17.15 -21.43 -29.66
CA ARG A 166 -18.23 -22.43 -29.60
C ARG A 166 -19.15 -22.20 -28.40
N ALA A 167 -20.38 -22.70 -28.47
CA ALA A 167 -21.38 -22.50 -27.42
C ALA A 167 -20.95 -23.09 -26.07
N ILE A 168 -20.28 -24.27 -26.09
CA ILE A 168 -19.75 -24.90 -24.87
C ILE A 168 -18.64 -24.07 -24.21
N THR A 169 -17.81 -23.41 -25.00
CA THR A 169 -16.74 -22.52 -24.55
C THR A 169 -17.31 -21.28 -23.89
N CYS A 170 -18.35 -20.69 -24.51
CA CYS A 170 -19.10 -19.58 -23.95
C CYS A 170 -19.76 -19.97 -22.62
N ALA A 171 -20.35 -21.16 -22.55
CA ALA A 171 -20.99 -21.70 -21.36
C ALA A 171 -19.99 -21.87 -20.22
N PHE A 172 -18.84 -22.49 -20.50
CA PHE A 172 -17.80 -22.77 -19.51
C PHE A 172 -17.20 -21.49 -18.92
N ALA A 173 -16.79 -20.53 -19.76
CA ALA A 173 -16.25 -19.25 -19.27
C ALA A 173 -17.26 -18.49 -18.39
N SER A 174 -18.55 -18.55 -18.76
CA SER A 174 -19.62 -17.90 -18.00
C SER A 174 -19.93 -18.67 -16.71
N LEU A 175 -19.81 -20.00 -16.72
CA LEU A 175 -19.97 -20.84 -15.54
C LEU A 175 -18.92 -20.52 -14.48
N LEU A 176 -17.66 -20.29 -14.89
CA LEU A 176 -16.59 -19.87 -13.97
C LEU A 176 -16.93 -18.60 -13.20
N VAL A 177 -17.81 -17.73 -13.71
CA VAL A 177 -18.31 -16.53 -12.99
C VAL A 177 -19.65 -16.82 -12.29
N ALA A 178 -20.49 -17.67 -12.87
CA ALA A 178 -21.80 -18.01 -12.34
C ALA A 178 -21.73 -18.66 -10.96
N ILE A 179 -20.73 -19.54 -10.75
CA ILE A 179 -20.50 -20.32 -9.53
C ILE A 179 -19.12 -20.04 -8.89
N ASP A 180 -18.57 -18.85 -9.09
CA ASP A 180 -17.43 -18.39 -8.29
C ASP A 180 -17.92 -17.87 -6.93
N THR A 181 -17.28 -18.32 -5.86
CA THR A 181 -17.71 -18.00 -4.49
C THR A 181 -17.61 -16.50 -4.19
N ALA A 182 -16.57 -15.82 -4.68
CA ALA A 182 -16.39 -14.39 -4.45
C ALA A 182 -17.42 -13.54 -5.22
N HIS A 183 -17.59 -13.82 -6.52
CA HIS A 183 -18.60 -13.17 -7.36
C HIS A 183 -20.01 -13.42 -6.82
N VAL A 184 -20.31 -14.62 -6.33
CA VAL A 184 -21.60 -14.91 -5.71
C VAL A 184 -21.73 -14.09 -4.44
N THR A 185 -20.87 -14.22 -3.43
CA THR A 185 -20.96 -13.48 -2.15
C THR A 185 -21.17 -11.97 -2.35
N GLU A 186 -20.35 -11.32 -3.17
CA GLU A 186 -20.45 -9.86 -3.41
C GLU A 186 -21.76 -9.44 -4.08
N THR A 187 -22.23 -10.22 -5.06
CA THR A 187 -23.40 -9.83 -5.86
C THR A 187 -24.75 -10.18 -5.24
N ARG A 188 -24.79 -10.69 -4.00
CA ARG A 188 -26.05 -10.91 -3.24
C ARG A 188 -26.20 -9.98 -2.03
N LEU A 189 -25.18 -9.21 -1.70
CA LEU A 189 -25.18 -8.25 -0.60
C LEU A 189 -25.31 -6.82 -1.13
N ILE A 190 -25.61 -5.84 -0.28
CA ILE A 190 -25.82 -4.42 -0.69
C ILE A 190 -24.47 -3.73 -0.92
N LEU A 191 -23.78 -4.10 -2.00
CA LEU A 191 -22.43 -3.63 -2.36
C LEU A 191 -22.42 -2.96 -3.74
N LEU A 192 -21.40 -2.15 -4.03
CA LEU A 192 -21.29 -1.45 -5.32
C LEU A 192 -20.79 -2.37 -6.45
N ASP A 193 -20.20 -3.51 -6.11
CA ASP A 193 -19.43 -4.35 -7.02
C ASP A 193 -20.31 -5.06 -8.05
N ALA A 194 -21.57 -5.35 -7.73
CA ALA A 194 -22.54 -5.86 -8.71
C ALA A 194 -22.74 -4.90 -9.89
N ILE A 195 -22.84 -3.60 -9.60
CA ILE A 195 -23.00 -2.53 -10.59
C ILE A 195 -21.69 -2.31 -11.37
N LEU A 196 -20.54 -2.41 -10.70
CA LEU A 196 -19.23 -2.31 -11.33
C LEU A 196 -19.01 -3.44 -12.34
N ILE A 197 -19.17 -4.69 -11.89
CA ILE A 197 -18.84 -5.90 -12.65
C ILE A 197 -19.75 -6.02 -13.89
N ILE A 198 -21.06 -5.77 -13.77
CA ILE A 198 -21.94 -5.79 -14.93
C ILE A 198 -21.57 -4.68 -15.94
N SER A 199 -21.16 -3.51 -15.46
CA SER A 199 -20.74 -2.39 -16.33
C SER A 199 -19.44 -2.71 -17.07
N ILE A 200 -18.50 -3.43 -16.43
CA ILE A 200 -17.27 -3.92 -17.06
C ILE A 200 -17.60 -4.98 -18.12
N ALA A 201 -18.44 -5.97 -17.78
CA ALA A 201 -18.90 -6.99 -18.73
C ALA A 201 -19.58 -6.36 -19.94
N ALA A 202 -20.50 -5.40 -19.72
CA ALA A 202 -21.18 -4.66 -20.77
C ALA A 202 -20.21 -3.86 -21.63
N THR A 203 -19.17 -3.25 -21.03
CA THR A 203 -18.12 -2.54 -21.76
C THR A 203 -17.37 -3.47 -22.72
N MET A 204 -16.93 -4.63 -22.24
CA MET A 204 -16.23 -5.62 -23.07
C MET A 204 -17.10 -6.11 -24.22
N TYR A 205 -18.35 -6.48 -23.93
CA TYR A 205 -19.32 -6.90 -24.93
C TYR A 205 -19.57 -5.81 -25.99
N CYS A 206 -19.91 -4.59 -25.57
CA CYS A 206 -20.19 -3.48 -26.48
C CYS A 206 -18.97 -3.15 -27.35
N TYR A 207 -17.75 -3.19 -26.80
CA TYR A 207 -16.54 -2.97 -27.58
C TYR A 207 -16.30 -4.06 -28.63
N VAL A 208 -16.51 -5.33 -28.28
CA VAL A 208 -16.43 -6.44 -29.25
C VAL A 208 -17.45 -6.26 -30.38
N ARG A 209 -18.69 -5.87 -30.05
CA ARG A 209 -19.73 -5.58 -31.05
C ARG A 209 -19.34 -4.41 -31.96
N PHE A 210 -18.83 -3.33 -31.37
CA PHE A 210 -18.30 -2.18 -32.09
C PHE A 210 -17.17 -2.60 -33.04
N TYR A 211 -16.22 -3.39 -32.57
CA TYR A 211 -15.08 -3.85 -33.37
C TYR A 211 -15.52 -4.72 -34.55
N LYS A 212 -16.49 -5.64 -34.37
CA LYS A 212 -17.06 -6.39 -35.51
C LYS A 212 -17.75 -5.49 -36.53
N CYS A 213 -18.49 -4.47 -36.08
CA CYS A 213 -19.07 -3.48 -36.98
C CYS A 213 -17.98 -2.68 -37.72
N GLN A 214 -16.88 -2.34 -37.04
CA GLN A 214 -15.72 -1.68 -37.63
C GLN A 214 -15.06 -2.53 -38.73
N LEU A 215 -14.92 -3.85 -38.50
CA LEU A 215 -14.35 -4.77 -39.50
C LEU A 215 -15.27 -4.94 -40.72
N ARG A 216 -16.58 -5.03 -40.52
CA ARG A 216 -17.54 -5.20 -41.62
C ARG A 216 -17.73 -3.93 -42.44
N GLN A 217 -18.16 -2.86 -41.79
CA GLN A 217 -18.47 -1.60 -42.45
C GLN A 217 -18.48 -0.45 -41.43
N PRO A 218 -17.43 0.40 -41.41
CA PRO A 218 -17.38 1.54 -40.51
C PRO A 218 -18.43 2.60 -40.87
N PHE A 219 -18.78 3.44 -39.89
CA PHE A 219 -19.74 4.55 -40.02
C PHE A 219 -21.17 4.15 -40.40
N THR A 220 -21.54 2.88 -40.22
CA THR A 220 -22.95 2.43 -40.26
C THR A 220 -23.68 2.89 -38.99
N TRP A 221 -25.02 2.86 -39.03
CA TRP A 221 -25.82 3.16 -37.84
C TRP A 221 -25.49 2.23 -36.66
N SER A 222 -25.32 0.93 -36.94
CA SER A 222 -24.89 -0.03 -35.93
C SER A 222 -23.51 0.29 -35.36
N TRP A 223 -22.57 0.77 -36.18
CA TRP A 223 -21.25 1.21 -35.71
C TRP A 223 -21.36 2.35 -34.69
N TYR A 224 -22.23 3.33 -34.94
CA TYR A 224 -22.47 4.43 -33.99
C TYR A 224 -23.15 3.94 -32.71
N ILE A 225 -24.18 3.10 -32.81
CA ILE A 225 -24.85 2.52 -31.64
C ILE A 225 -23.84 1.83 -30.72
N TRP A 226 -23.02 0.92 -31.26
CA TRP A 226 -22.09 0.17 -30.42
C TRP A 226 -20.95 1.03 -29.88
N LEU A 227 -20.48 2.03 -30.64
CA LEU A 227 -19.49 2.99 -30.13
C LEU A 227 -20.02 3.76 -28.91
N HIS A 228 -21.22 4.31 -29.01
CA HIS A 228 -21.83 5.06 -27.92
C HIS A 228 -22.27 4.16 -26.76
N ALA A 229 -22.67 2.91 -27.04
CA ALA A 229 -22.93 1.92 -26.00
C ALA A 229 -21.66 1.55 -25.23
N THR A 230 -20.51 1.40 -25.90
CA THR A 230 -19.21 1.24 -25.22
C THR A 230 -18.90 2.43 -24.33
N GLY A 231 -19.07 3.65 -24.84
CA GLY A 231 -18.87 4.87 -24.05
C GLY A 231 -19.79 4.96 -22.84
N LEU A 232 -21.08 4.66 -23.01
CA LEU A 232 -22.06 4.67 -21.92
C LEU A 232 -21.66 3.68 -20.81
N SER A 233 -21.32 2.44 -21.19
CA SER A 233 -20.87 1.42 -20.25
C SER A 233 -19.57 1.83 -19.54
N LEU A 234 -18.60 2.40 -20.26
CA LEU A 234 -17.37 2.96 -19.68
C LEU A 234 -17.69 4.08 -18.66
N SER A 235 -18.66 4.94 -18.96
CA SER A 235 -19.12 5.97 -18.01
C SER A 235 -19.66 5.35 -16.73
N PHE A 236 -20.46 4.29 -16.80
CA PHE A 236 -20.99 3.61 -15.61
C PHE A 236 -19.90 2.96 -14.77
N VAL A 237 -18.86 2.42 -15.41
CA VAL A 237 -17.70 1.85 -14.73
C VAL A 237 -16.99 2.90 -13.87
N ILE A 238 -16.57 4.03 -14.47
CA ILE A 238 -15.87 5.09 -13.72
C ILE A 238 -16.77 5.86 -12.75
N SER A 239 -18.08 5.92 -13.03
CA SER A 239 -19.06 6.54 -12.11
C SER A 239 -19.41 5.65 -10.92
N THR A 240 -18.99 4.38 -10.93
CA THR A 240 -19.15 3.45 -9.80
C THR A 240 -17.94 3.49 -8.87
N LYS A 241 -16.73 3.24 -9.40
CA LYS A 241 -15.47 3.29 -8.65
C LYS A 241 -14.33 3.78 -9.55
N TYR A 242 -13.35 4.50 -9.00
CA TYR A 242 -12.20 5.02 -9.76
C TYR A 242 -11.28 3.94 -10.34
N VAL A 243 -11.31 2.72 -9.78
CA VAL A 243 -10.67 1.54 -10.38
C VAL A 243 -11.15 1.29 -11.82
N GLY A 244 -12.32 1.82 -12.19
CA GLY A 244 -12.82 1.84 -13.56
C GLY A 244 -11.88 2.47 -14.61
N VAL A 245 -10.89 3.27 -14.20
CA VAL A 245 -9.82 3.75 -15.08
C VAL A 245 -9.05 2.60 -15.75
N MET A 246 -8.99 1.42 -15.11
CA MET A 246 -8.35 0.24 -15.66
C MET A 246 -9.12 -0.30 -16.87
N THR A 247 -10.46 -0.20 -16.83
CA THR A 247 -11.33 -0.57 -17.96
C THR A 247 -11.19 0.44 -19.11
N TYR A 248 -11.09 1.74 -18.80
CA TYR A 248 -10.74 2.75 -19.81
C TYR A 248 -9.38 2.48 -20.45
N SER A 249 -8.39 2.05 -19.67
CA SER A 249 -7.06 1.74 -20.17
C SER A 249 -7.08 0.52 -21.10
N ALA A 250 -7.80 -0.55 -20.72
CA ALA A 250 -7.96 -1.75 -21.53
C ALA A 250 -8.63 -1.46 -22.89
N ILE A 251 -9.78 -0.78 -22.88
CA ILE A 251 -10.50 -0.40 -24.11
C ILE A 251 -9.72 0.66 -24.91
N GLY A 252 -9.10 1.61 -24.22
CA GLY A 252 -8.28 2.65 -24.82
C GLY A 252 -7.09 2.07 -25.58
N PHE A 253 -6.38 1.11 -24.99
CA PHE A 253 -5.30 0.39 -25.65
C PHE A 253 -5.78 -0.30 -26.92
N ALA A 254 -6.87 -1.08 -26.84
CA ALA A 254 -7.43 -1.76 -28.02
C ALA A 254 -7.90 -0.77 -29.10
N ALA A 255 -8.49 0.36 -28.72
CA ALA A 255 -8.92 1.40 -29.63
C ALA A 255 -7.75 2.11 -30.32
N VAL A 256 -6.65 2.34 -29.59
CA VAL A 256 -5.40 2.92 -30.13
C VAL A 256 -4.72 1.94 -31.08
N VAL A 257 -4.62 0.66 -30.73
CA VAL A 257 -4.09 -0.39 -31.64
C VAL A 257 -4.87 -0.40 -32.94
N ASN A 258 -6.20 -0.36 -32.88
CA ASN A 258 -7.00 -0.32 -34.10
C ASN A 258 -6.85 1.00 -34.87
N LEU A 259 -6.77 2.15 -34.20
CA LEU A 259 -6.47 3.43 -34.87
C LEU A 259 -5.09 3.40 -35.55
N TRP A 260 -4.10 2.75 -34.94
CA TRP A 260 -2.77 2.56 -35.52
C TRP A 260 -2.83 1.75 -36.83
N GLN A 261 -3.63 0.67 -36.88
CA GLN A 261 -3.87 -0.07 -38.12
C GLN A 261 -4.56 0.78 -39.20
N LEU A 262 -5.52 1.63 -38.81
CA LEU A 262 -6.21 2.52 -39.75
C LEU A 262 -5.35 3.69 -40.25
N LEU A 263 -4.28 4.04 -39.54
CA LEU A 263 -3.31 5.06 -39.94
C LEU A 263 -2.32 4.54 -40.99
N ASP A 264 -2.10 3.22 -41.05
CA ASP A 264 -1.22 2.61 -42.05
C ASP A 264 -1.70 2.92 -43.47
N ILE A 265 -0.76 3.32 -44.34
CA ILE A 265 -1.01 3.57 -45.76
C ILE A 265 -1.65 2.35 -46.44
N LYS A 266 -1.29 1.13 -45.99
CA LYS A 266 -1.88 -0.12 -46.48
C LYS A 266 -3.36 -0.29 -46.16
N ALA A 267 -3.91 0.46 -45.19
CA ALA A 267 -5.34 0.47 -44.91
C ALA A 267 -6.16 1.15 -46.02
N GLY A 268 -5.50 1.93 -46.89
CA GLY A 268 -6.13 2.59 -48.03
C GLY A 268 -7.01 3.78 -47.66
N LEU A 269 -6.85 4.32 -46.44
CA LEU A 269 -7.60 5.49 -45.97
C LEU A 269 -6.85 6.78 -46.26
N SER A 270 -7.57 7.80 -46.71
CA SER A 270 -7.07 9.18 -46.73
C SER A 270 -6.95 9.74 -45.32
N LEU A 271 -6.10 10.75 -45.11
CA LEU A 271 -5.95 11.37 -43.80
C LEU A 271 -7.28 11.96 -43.28
N ARG A 272 -8.14 12.46 -44.18
CA ARG A 272 -9.50 12.95 -43.81
C ARG A 272 -10.40 11.84 -43.27
N GLN A 273 -10.35 10.63 -43.87
CA GLN A 273 -11.12 9.48 -43.39
C GLN A 273 -10.59 8.98 -42.05
N PHE A 274 -9.27 8.94 -41.88
CA PHE A 274 -8.64 8.63 -40.59
C PHE A 274 -9.08 9.64 -39.51
N MET A 275 -9.00 10.94 -39.78
CA MET A 275 -9.43 11.97 -38.83
C MET A 275 -10.92 11.85 -38.47
N ARG A 276 -11.77 11.43 -39.42
CA ARG A 276 -13.17 11.11 -39.13
C ARG A 276 -13.29 9.94 -38.13
N HIS A 277 -12.51 8.87 -38.29
CA HIS A 277 -12.47 7.78 -37.29
C HIS A 277 -12.03 8.29 -35.92
N PHE A 278 -10.93 9.03 -35.88
CA PHE A 278 -10.36 9.59 -34.65
C PHE A 278 -11.38 10.47 -33.91
N SER A 279 -11.94 11.49 -34.57
CA SER A 279 -12.88 12.42 -33.93
C SER A 279 -14.16 11.75 -33.44
N LYS A 280 -14.69 10.77 -34.18
CA LYS A 280 -15.89 10.03 -33.74
C LYS A 280 -15.61 9.13 -32.54
N ARG A 281 -14.46 8.45 -32.50
CA ARG A 281 -14.06 7.63 -31.35
C ARG A 281 -13.76 8.47 -30.12
N LEU A 282 -13.07 9.61 -30.28
CA LEU A 282 -12.83 10.57 -29.20
C LEU A 282 -14.17 11.04 -28.59
N ASN A 283 -15.14 11.37 -29.44
CA ASN A 283 -16.46 11.78 -28.97
C ASN A 283 -17.21 10.65 -28.23
N GLY A 284 -17.24 9.44 -28.81
CA GLY A 284 -17.98 8.31 -28.26
C GLY A 284 -17.34 7.66 -27.03
N LEU A 285 -16.01 7.66 -26.92
CA LEU A 285 -15.27 6.97 -25.85
C LEU A 285 -14.72 7.91 -24.77
N VAL A 286 -14.71 9.23 -24.98
CA VAL A 286 -14.17 10.19 -24.00
C VAL A 286 -15.16 11.31 -23.68
N LEU A 287 -15.60 12.09 -24.68
CA LEU A 287 -16.40 13.30 -24.42
C LEU A 287 -17.80 12.99 -23.88
N ILE A 288 -18.56 12.11 -24.53
CA ILE A 288 -19.90 11.73 -24.07
C ILE A 288 -19.86 11.02 -22.71
N PRO A 289 -18.98 10.02 -22.48
CA PRO A 289 -18.85 9.40 -21.17
C PRO A 289 -18.51 10.40 -20.07
N PHE A 290 -17.66 11.40 -20.35
CA PHE A 290 -17.35 12.45 -19.38
C PHE A 290 -18.58 13.32 -19.04
N VAL A 291 -19.42 13.65 -20.03
CA VAL A 291 -20.69 14.37 -19.77
C VAL A 291 -21.64 13.55 -18.91
N ILE A 292 -21.75 12.24 -19.15
CA ILE A 292 -22.60 11.35 -18.35
C ILE A 292 -22.04 11.20 -16.92
N TYR A 293 -20.72 11.14 -16.76
CA TYR A 293 -20.07 11.18 -15.46
C TYR A 293 -20.42 12.46 -14.68
N LEU A 294 -20.34 13.63 -15.32
CA LEU A 294 -20.74 14.90 -14.70
C LEU A 294 -22.25 14.95 -14.38
N PHE A 295 -23.09 14.35 -15.22
CA PHE A 295 -24.54 14.27 -14.99
C PHE A 295 -24.86 13.59 -13.66
N TRP A 296 -24.17 12.51 -13.30
CA TRP A 296 -24.39 11.84 -12.01
C TRP A 296 -24.05 12.71 -10.80
N PHE A 297 -23.01 13.56 -10.90
CA PHE A 297 -22.73 14.55 -9.86
C PHE A 297 -23.77 15.66 -9.80
N TRP A 298 -24.29 16.08 -10.95
CA TRP A 298 -25.37 17.05 -11.00
C TRP A 298 -26.63 16.52 -10.31
N VAL A 299 -27.01 15.26 -10.57
CA VAL A 299 -28.11 14.59 -9.85
C VAL A 299 -27.79 14.49 -8.36
N HIS A 300 -26.60 14.04 -7.99
CA HIS A 300 -26.17 13.92 -6.59
C HIS A 300 -26.35 15.23 -5.80
N PHE A 301 -25.85 16.37 -6.33
CA PHE A 301 -26.01 17.67 -5.68
C PHE A 301 -27.44 18.22 -5.70
N THR A 302 -28.28 17.79 -6.65
CA THR A 302 -29.67 18.21 -6.74
C THR A 302 -30.55 17.44 -5.75
N VAL A 303 -30.25 16.15 -5.54
CA VAL A 303 -30.93 15.31 -4.56
C VAL A 303 -30.51 15.70 -3.15
N LEU A 304 -29.19 15.79 -2.88
CA LEU A 304 -28.63 16.14 -1.58
C LEU A 304 -28.54 17.66 -1.40
N ASN A 305 -29.65 18.26 -0.97
CA ASN A 305 -29.80 19.71 -0.82
C ASN A 305 -29.92 20.17 0.63
N THR A 306 -29.78 19.26 1.58
CA THR A 306 -29.88 19.50 3.02
C THR A 306 -28.54 19.21 3.70
N SER A 307 -28.21 19.97 4.73
CA SER A 307 -27.01 19.79 5.56
C SER A 307 -26.98 18.39 6.18
N GLY A 308 -25.80 17.77 6.26
CA GLY A 308 -25.66 16.39 6.71
C GLY A 308 -24.23 16.02 7.12
N PRO A 309 -23.94 14.72 7.36
CA PRO A 309 -22.62 14.29 7.85
C PRO A 309 -21.46 14.58 6.89
N GLY A 310 -21.74 14.89 5.62
CA GLY A 310 -20.74 15.26 4.63
C GLY A 310 -20.20 16.69 4.77
N ASP A 311 -20.86 17.54 5.56
CA ASP A 311 -20.56 18.97 5.63
C ASP A 311 -19.12 19.23 6.09
N ALA A 312 -18.63 18.42 7.04
CA ALA A 312 -17.28 18.53 7.61
C ALA A 312 -16.15 18.38 6.57
N PHE A 313 -16.43 17.81 5.40
CA PHE A 313 -15.45 17.59 4.33
C PHE A 313 -15.41 18.72 3.30
N MET A 314 -16.35 19.66 3.37
CA MET A 314 -16.55 20.71 2.38
C MET A 314 -16.30 22.10 2.98
N SER A 315 -16.04 23.07 2.10
CA SER A 315 -15.87 24.46 2.49
C SER A 315 -17.18 25.08 3.00
N ALA A 316 -17.06 26.15 3.78
CA ALA A 316 -18.21 26.95 4.21
C ALA A 316 -19.05 27.46 3.02
N GLU A 317 -18.39 27.83 1.90
CA GLU A 317 -19.09 28.28 0.68
C GLU A 317 -19.96 27.16 0.07
N PHE A 318 -19.47 25.92 0.06
CA PHE A 318 -20.27 24.76 -0.35
C PHE A 318 -21.44 24.53 0.61
N GLN A 319 -21.18 24.58 1.92
CA GLN A 319 -22.20 24.38 2.96
C GLN A 319 -23.30 25.44 2.87
N GLU A 320 -23.01 26.68 2.45
CA GLU A 320 -24.02 27.72 2.21
C GLU A 320 -25.02 27.37 1.09
N THR A 321 -24.70 26.40 0.22
CA THR A 321 -25.62 25.89 -0.80
C THR A 321 -26.64 24.88 -0.25
N LEU A 322 -26.43 24.40 0.97
CA LEU A 322 -27.27 23.41 1.63
C LEU A 322 -28.28 24.11 2.54
N LYS A 323 -29.53 23.64 2.48
CA LYS A 323 -30.57 24.00 3.43
C LYS A 323 -30.20 23.47 4.81
N ASP A 324 -30.70 24.14 5.84
CA ASP A 324 -30.68 23.58 7.19
C ASP A 324 -31.45 22.27 7.21
N SER A 325 -31.01 21.30 8.02
CA SER A 325 -31.78 20.08 8.21
C SER A 325 -33.11 20.40 8.90
N PRO A 326 -34.20 19.69 8.58
CA PRO A 326 -35.48 19.86 9.27
C PRO A 326 -35.33 19.77 10.79
N LEU A 327 -34.47 18.86 11.26
CA LEU A 327 -34.13 18.72 12.67
C LEU A 327 -33.40 19.96 13.23
N SER A 328 -32.49 20.56 12.46
CA SER A 328 -31.75 21.76 12.90
C SER A 328 -32.63 23.03 12.96
N VAL A 329 -33.65 23.11 12.12
CA VAL A 329 -34.63 24.21 12.11
C VAL A 329 -35.38 24.29 13.45
N ASP A 330 -35.81 23.13 13.93
CA ASP A 330 -36.53 23.01 15.20
C ASP A 330 -35.61 22.85 16.41
N SER A 331 -34.30 22.61 16.19
CA SER A 331 -33.34 22.45 17.27
C SER A 331 -33.16 23.75 18.04
N LYS A 332 -33.31 23.66 19.36
CA LYS A 332 -33.10 24.77 20.28
C LYS A 332 -32.05 24.35 21.29
N THR A 333 -31.16 25.27 21.63
CA THR A 333 -30.20 25.07 22.72
C THR A 333 -30.96 24.77 24.01
N VAL A 334 -30.56 23.73 24.73
CA VAL A 334 -31.09 23.40 26.06
C VAL A 334 -30.29 24.18 27.09
N ASN A 335 -30.99 24.94 27.93
CA ASN A 335 -30.40 25.71 29.01
C ASN A 335 -30.74 25.07 30.36
N TYR A 336 -29.94 25.39 31.38
CA TYR A 336 -30.33 25.08 32.76
C TYR A 336 -31.67 25.76 33.11
N PHE A 337 -32.49 25.06 33.89
CA PHE A 337 -33.87 25.39 34.25
C PHE A 337 -34.87 25.31 33.08
N ASP A 338 -34.48 24.78 31.92
CA ASP A 338 -35.43 24.39 30.89
C ASP A 338 -36.16 23.10 31.33
N ILE A 339 -37.46 23.04 31.04
CA ILE A 339 -38.30 21.85 31.19
C ILE A 339 -38.32 21.14 29.84
N ILE A 340 -37.84 19.90 29.83
CA ILE A 340 -37.61 19.11 28.63
C ILE A 340 -38.36 17.78 28.67
N THR A 341 -38.64 17.25 27.48
CA THR A 341 -39.02 15.85 27.30
C THR A 341 -37.82 15.10 26.69
N ILE A 342 -37.53 13.91 27.24
CA ILE A 342 -36.40 13.08 26.80
C ILE A 342 -36.97 11.84 26.14
N LYS A 343 -36.61 11.59 24.88
CA LYS A 343 -37.18 10.54 24.05
C LYS A 343 -36.10 9.53 23.65
N HIS A 344 -36.44 8.25 23.76
CA HIS A 344 -35.59 7.13 23.37
C HIS A 344 -35.56 6.99 21.85
N GLN A 345 -34.39 6.76 21.26
CA GLN A 345 -34.25 6.74 19.80
C GLN A 345 -34.84 5.48 19.15
N ASP A 346 -34.72 4.32 19.80
CA ASP A 346 -35.11 3.05 19.19
C ASP A 346 -36.58 2.69 19.42
N THR A 347 -37.15 3.09 20.56
CA THR A 347 -38.52 2.72 20.95
C THR A 347 -39.51 3.87 20.88
N ASP A 348 -39.04 5.08 20.56
CA ASP A 348 -39.81 6.33 20.59
C ASP A 348 -40.46 6.67 21.94
N ALA A 349 -40.12 5.96 23.03
CA ALA A 349 -40.70 6.18 24.35
C ALA A 349 -40.07 7.40 25.05
N PHE A 350 -40.88 8.16 25.76
CA PHE A 350 -40.43 9.25 26.62
C PHE A 350 -40.07 8.75 28.01
N LEU A 351 -39.01 9.32 28.59
CA LEU A 351 -38.69 9.16 30.00
C LEU A 351 -39.86 9.72 30.83
N HIS A 352 -40.51 8.86 31.60
CA HIS A 352 -41.78 9.14 32.25
C HIS A 352 -41.74 8.72 33.72
N SER A 353 -42.46 9.42 34.60
CA SER A 353 -42.62 9.00 35.99
C SER A 353 -43.98 9.40 36.54
N HIS A 354 -44.47 8.67 37.53
CA HIS A 354 -45.76 8.95 38.17
C HIS A 354 -45.75 8.48 39.61
N LEU A 355 -46.78 8.81 40.39
CA LEU A 355 -46.87 8.50 41.82
C LEU A 355 -46.91 7.00 42.18
N ALA A 356 -47.09 6.10 41.22
CA ALA A 356 -47.05 4.66 41.50
C ALA A 356 -45.62 4.21 41.86
N ARG A 357 -45.53 3.17 42.68
CA ARG A 357 -44.26 2.68 43.25
C ARG A 357 -43.94 1.27 42.79
N TYR A 358 -42.67 0.93 42.71
CA TYR A 358 -42.25 -0.44 42.46
C TYR A 358 -42.80 -1.38 43.55
N PRO A 359 -43.20 -2.61 43.22
CA PRO A 359 -43.65 -3.57 44.21
C PRO A 359 -42.48 -3.97 45.10
N GLN A 360 -42.69 -4.16 46.41
CA GLN A 360 -41.62 -4.47 47.36
C GLN A 360 -40.76 -5.68 46.95
N ARG A 361 -41.37 -6.64 46.23
CA ARG A 361 -40.68 -7.77 45.60
C ARG A 361 -41.14 -7.91 44.17
N TYR A 362 -40.21 -8.15 43.26
CA TYR A 362 -40.52 -8.57 41.89
C TYR A 362 -40.95 -10.05 41.86
N GLU A 363 -41.44 -10.52 40.71
CA GLU A 363 -41.98 -11.87 40.56
C GLU A 363 -40.95 -12.98 40.80
N ASP A 364 -39.67 -12.70 40.56
CA ASP A 364 -38.56 -13.61 40.83
C ASP A 364 -38.07 -13.59 42.29
N GLY A 365 -38.69 -12.77 43.14
CA GLY A 365 -38.42 -12.67 44.57
C GLY A 365 -37.33 -11.68 44.95
N ARG A 366 -36.66 -11.01 43.98
CA ARG A 366 -35.73 -9.90 44.27
C ARG A 366 -36.47 -8.73 44.93
N ILE A 367 -35.78 -8.02 45.80
CA ILE A 367 -36.33 -6.90 46.57
C ILE A 367 -36.05 -5.62 45.78
N SER A 368 -37.10 -4.85 45.52
CA SER A 368 -36.99 -3.52 44.93
C SER A 368 -36.77 -2.46 46.01
N SER A 369 -36.54 -1.21 45.62
CA SER A 369 -36.50 -0.10 46.56
C SER A 369 -37.88 0.29 47.14
N ALA A 370 -38.96 -0.22 46.55
CA ALA A 370 -40.33 0.31 46.72
C ALA A 370 -40.43 1.83 46.45
N GLY A 371 -39.49 2.36 45.65
CA GLY A 371 -39.42 3.74 45.21
C GLY A 371 -40.46 4.06 44.14
N GLN A 372 -40.49 5.33 43.73
CA GLN A 372 -41.37 5.79 42.66
C GLN A 372 -40.95 5.18 41.31
N GLN A 373 -41.92 4.78 40.48
CA GLN A 373 -41.62 4.17 39.19
C GLN A 373 -41.12 5.21 38.19
N VAL A 374 -40.09 4.85 37.44
CA VAL A 374 -39.66 5.54 36.21
C VAL A 374 -39.81 4.55 35.06
N THR A 375 -40.55 4.95 34.04
CA THR A 375 -41.00 4.08 32.95
C THR A 375 -40.83 4.78 31.60
N GLY A 376 -40.94 4.02 30.51
CA GLY A 376 -40.98 4.53 29.15
C GLY A 376 -42.41 4.59 28.66
N TYR A 377 -42.88 5.80 28.32
CA TYR A 377 -44.25 6.02 27.84
C TYR A 377 -44.25 6.62 26.44
N THR A 378 -44.99 6.04 25.50
CA THR A 378 -44.96 6.41 24.07
C THR A 378 -45.84 7.61 23.71
N HIS A 379 -46.66 8.10 24.64
CA HIS A 379 -47.53 9.24 24.40
C HIS A 379 -47.05 10.48 25.19
N PRO A 380 -47.10 11.67 24.58
CA PRO A 380 -46.71 12.89 25.26
C PRO A 380 -47.74 13.27 26.34
N ASP A 381 -47.28 13.46 27.57
CA ASP A 381 -48.08 13.92 28.70
C ASP A 381 -47.26 14.80 29.68
N PHE A 382 -47.91 15.23 30.77
CA PHE A 382 -47.26 16.07 31.79
C PHE A 382 -46.21 15.31 32.61
N ASN A 383 -46.33 13.98 32.70
CA ASN A 383 -45.41 13.10 33.41
C ASN A 383 -44.13 12.78 32.59
N ASN A 384 -44.01 13.29 31.37
CA ASN A 384 -42.78 13.25 30.58
C ASN A 384 -41.85 14.45 30.83
N GLN A 385 -42.26 15.39 31.69
CA GLN A 385 -41.57 16.67 31.84
C GLN A 385 -40.52 16.62 32.94
N TRP A 386 -39.28 16.89 32.56
CA TRP A 386 -38.12 16.92 33.45
C TRP A 386 -37.47 18.29 33.38
N GLU A 387 -37.23 18.93 34.52
CA GLU A 387 -36.44 20.16 34.58
C GLU A 387 -34.96 19.83 34.72
N VAL A 388 -34.13 20.44 33.87
CA VAL A 388 -32.67 20.28 33.92
C VAL A 388 -32.09 21.24 34.94
N LEU A 389 -31.56 20.71 36.03
CA LEU A 389 -30.97 21.49 37.11
C LEU A 389 -29.45 21.31 37.15
N PRO A 390 -28.71 22.36 37.52
CA PRO A 390 -27.28 22.23 37.69
C PRO A 390 -26.96 21.51 39.02
N PRO A 391 -25.74 20.98 39.19
CA PRO A 391 -25.30 20.40 40.46
C PRO A 391 -25.38 21.43 41.59
N HIS A 392 -25.60 20.95 42.82
CA HIS A 392 -25.66 21.80 44.00
C HIS A 392 -24.37 22.60 44.17
N GLY A 393 -24.49 23.90 44.45
CA GLY A 393 -23.36 24.82 44.64
C GLY A 393 -22.67 25.32 43.36
N SER A 394 -23.23 25.05 42.18
CA SER A 394 -22.73 25.63 40.93
C SER A 394 -23.21 27.07 40.73
N ASP A 395 -22.33 27.94 40.20
CA ASP A 395 -22.65 29.34 39.88
C ASP A 395 -23.48 29.51 38.59
N VAL A 396 -24.04 28.41 38.07
CA VAL A 396 -24.68 28.36 36.76
C VAL A 396 -26.14 28.82 36.87
N GLY A 397 -26.45 29.94 36.21
CA GLY A 397 -27.78 30.57 36.27
C GLY A 397 -28.71 30.24 35.10
N LYS A 398 -29.96 30.71 35.22
CA LYS A 398 -30.99 30.60 34.18
C LYS A 398 -30.54 31.23 32.86
N GLY A 399 -30.68 30.47 31.77
CA GLY A 399 -30.31 30.90 30.42
C GLY A 399 -28.92 30.49 29.95
N GLN A 400 -28.10 29.89 30.81
CA GLN A 400 -26.83 29.28 30.40
C GLN A 400 -27.08 27.93 29.75
N ALA A 401 -26.40 27.68 28.63
CA ALA A 401 -26.49 26.42 27.88
C ALA A 401 -25.90 25.25 28.68
N VAL A 402 -26.59 24.10 28.63
CA VAL A 402 -26.09 22.83 29.15
C VAL A 402 -25.05 22.29 28.16
N LEU A 403 -23.87 21.91 28.64
CA LEU A 403 -22.85 21.27 27.81
C LEU A 403 -22.86 19.75 28.00
N LEU A 404 -22.55 19.02 26.93
CA LEU A 404 -22.42 17.58 26.96
C LEU A 404 -21.32 17.14 27.94
N ASN A 405 -21.59 16.03 28.65
CA ASN A 405 -20.76 15.44 29.69
C ASN A 405 -20.60 16.27 30.98
N GLN A 406 -21.37 17.35 31.15
CA GLN A 406 -21.46 18.05 32.44
C GLN A 406 -22.45 17.34 33.36
N HIS A 407 -22.15 17.35 34.66
CA HIS A 407 -23.06 16.84 35.67
C HIS A 407 -24.30 17.72 35.74
N ILE A 408 -25.45 17.08 35.83
CA ILE A 408 -26.78 17.67 35.92
C ILE A 408 -27.61 16.87 36.91
N ARG A 409 -28.77 17.42 37.27
CA ARG A 409 -29.83 16.70 37.98
C ARG A 409 -31.11 16.87 37.16
N LEU A 410 -31.97 15.87 37.18
CA LEU A 410 -33.28 15.93 36.52
C LEU A 410 -34.35 15.91 37.59
N ARG A 411 -35.19 16.93 37.63
CA ARG A 411 -36.35 16.99 38.53
C ARG A 411 -37.61 16.69 37.75
N HIS A 412 -38.35 15.68 38.17
CA HIS A 412 -39.64 15.37 37.59
C HIS A 412 -40.66 16.44 37.99
N VAL A 413 -41.23 17.15 37.01
CA VAL A 413 -42.05 18.34 37.28
C VAL A 413 -43.36 17.97 37.98
N ALA A 414 -43.96 16.82 37.66
CA ALA A 414 -45.27 16.46 38.20
C ALA A 414 -45.24 15.97 39.65
N THR A 415 -44.17 15.30 40.07
CA THR A 415 -44.03 14.75 41.42
C THR A 415 -43.05 15.50 42.30
N ASP A 416 -42.33 16.49 41.74
CA ASP A 416 -41.32 17.29 42.44
C ASP A 416 -40.24 16.45 43.12
N THR A 417 -39.72 15.45 42.39
CA THR A 417 -38.70 14.50 42.84
C THR A 417 -37.51 14.50 41.91
N TYR A 418 -36.31 14.21 42.42
CA TYR A 418 -35.10 14.06 41.59
C TYR A 418 -35.01 12.65 41.04
N LEU A 419 -34.62 12.51 39.77
CA LEU A 419 -34.24 11.23 39.19
C LEU A 419 -33.06 10.64 39.98
N LEU A 420 -33.09 9.34 40.21
CA LEU A 420 -32.09 8.62 40.99
C LEU A 420 -31.84 7.23 40.39
N ALA A 421 -30.58 6.80 40.42
CA ALA A 421 -30.18 5.42 40.16
C ALA A 421 -29.32 4.92 41.31
N HIS A 422 -29.46 3.64 41.65
CA HIS A 422 -28.82 3.03 42.82
C HIS A 422 -28.52 1.55 42.58
N ASP A 423 -27.75 0.94 43.49
CA ASP A 423 -27.41 -0.50 43.45
C ASP A 423 -28.60 -1.40 43.89
N VAL A 424 -29.72 -1.26 43.19
CA VAL A 424 -30.90 -2.13 43.27
C VAL A 424 -31.16 -2.65 41.87
N ALA A 425 -31.38 -3.95 41.72
CA ALA A 425 -31.55 -4.54 40.40
C ALA A 425 -32.92 -4.18 39.77
N SER A 426 -32.97 -3.97 38.46
CA SER A 426 -34.19 -3.66 37.71
C SER A 426 -35.18 -4.83 37.61
N PRO A 427 -36.49 -4.60 37.42
CA PRO A 427 -37.51 -5.64 37.33
C PRO A 427 -37.16 -6.83 36.42
N PHE A 428 -36.77 -6.60 35.16
CA PHE A 428 -36.52 -7.68 34.19
C PHE A 428 -35.06 -8.09 34.09
N TYR A 429 -34.10 -7.18 34.35
CA TYR A 429 -32.68 -7.44 34.17
C TYR A 429 -31.93 -7.40 35.51
N PRO A 430 -31.57 -8.57 36.10
CA PRO A 430 -30.87 -8.64 37.38
C PRO A 430 -29.52 -7.94 37.45
N THR A 431 -28.88 -7.73 36.30
CA THR A 431 -27.58 -7.06 36.20
C THR A 431 -27.68 -5.55 36.04
N ASN A 432 -28.86 -5.04 35.66
CA ASN A 432 -29.10 -3.62 35.41
C ASN A 432 -29.75 -3.00 36.65
N GLU A 433 -29.59 -1.69 36.79
CA GLU A 433 -30.07 -0.96 37.96
C GLU A 433 -31.52 -0.48 37.79
N GLU A 434 -32.29 -0.51 38.87
CA GLU A 434 -33.60 0.14 38.95
C GLU A 434 -33.40 1.66 38.91
N ILE A 435 -34.21 2.33 38.09
CA ILE A 435 -34.25 3.79 38.03
C ILE A 435 -35.49 4.26 38.77
N THR A 436 -35.32 5.17 39.72
CA THR A 436 -36.40 5.68 40.56
C THR A 436 -36.31 7.19 40.72
N THR A 437 -37.08 7.76 41.64
CA THR A 437 -36.95 9.16 42.04
C THR A 437 -36.96 9.31 43.54
N VAL A 438 -36.32 10.36 44.05
CA VAL A 438 -36.18 10.68 45.47
C VAL A 438 -36.74 12.07 45.78
N THR A 439 -37.16 12.29 47.03
CA THR A 439 -37.63 13.62 47.46
C THR A 439 -36.51 14.67 47.40
N LEU A 440 -36.87 15.95 47.31
CA LEU A 440 -35.87 17.03 47.24
C LEU A 440 -34.97 17.05 48.48
N GLU A 441 -35.53 16.81 49.66
CA GLU A 441 -34.80 16.83 50.94
C GLU A 441 -33.75 15.72 51.02
N GLU A 442 -34.12 14.50 50.64
CA GLU A 442 -33.22 13.33 50.63
C GLU A 442 -32.16 13.45 49.53
N GLY A 443 -32.56 13.92 48.35
CA GLY A 443 -31.66 14.13 47.22
C GLY A 443 -30.69 15.29 47.42
N ASP A 444 -31.02 16.29 48.24
CA ASP A 444 -30.08 17.35 48.66
C ASP A 444 -29.25 16.96 49.90
N GLY A 445 -29.55 15.79 50.49
CA GLY A 445 -28.87 15.21 51.64
C GLY A 445 -27.88 14.11 51.24
N GLU A 446 -28.02 12.94 51.86
CA GLU A 446 -27.09 11.81 51.71
C GLU A 446 -27.09 11.20 50.30
N LEU A 447 -28.25 11.21 49.62
CA LEU A 447 -28.43 10.61 48.30
C LEU A 447 -28.02 11.53 47.15
N TYR A 448 -27.39 12.67 47.45
CA TYR A 448 -26.97 13.64 46.43
C TYR A 448 -26.12 13.02 45.30
N PRO A 449 -25.11 12.18 45.56
CA PRO A 449 -24.31 11.55 44.50
C PRO A 449 -25.15 10.70 43.53
N GLU A 450 -26.17 10.02 44.02
CA GLU A 450 -27.07 9.14 43.26
C GLU A 450 -28.09 9.90 42.38
N THR A 451 -28.15 11.23 42.53
CA THR A 451 -28.99 12.10 41.68
C THR A 451 -28.22 12.75 40.54
N LEU A 452 -26.91 12.49 40.44
CA LEU A 452 -26.05 13.10 39.42
C LEU A 452 -26.05 12.30 38.13
N PHE A 453 -26.50 12.95 37.07
CA PHE A 453 -26.49 12.43 35.71
C PHE A 453 -25.62 13.30 34.79
N ALA A 454 -25.30 12.78 33.61
CA ALA A 454 -24.69 13.56 32.55
C ALA A 454 -25.34 13.19 31.21
N PHE A 455 -25.52 14.19 30.35
CA PHE A 455 -25.80 13.95 28.94
C PHE A 455 -24.49 13.57 28.25
N GLN A 456 -24.14 12.28 28.31
CA GLN A 456 -22.89 11.78 27.79
C GLN A 456 -22.96 11.72 26.24
N PRO A 457 -22.02 12.34 25.53
CA PRO A 457 -22.04 12.33 24.07
C PRO A 457 -21.77 10.93 23.52
N LEU A 458 -22.32 10.63 22.34
CA LEU A 458 -22.04 9.36 21.66
C LEU A 458 -20.57 9.23 21.24
N LYS A 459 -19.95 10.36 20.88
CA LYS A 459 -18.54 10.48 20.50
C LYS A 459 -17.79 11.34 21.50
N LYS A 460 -16.60 10.91 21.91
CA LYS A 460 -15.72 11.69 22.79
C LYS A 460 -15.32 13.06 22.22
N SER A 461 -15.31 13.21 20.89
CA SER A 461 -15.06 14.49 20.22
C SER A 461 -16.09 15.55 20.54
N ASP A 462 -17.28 15.14 20.99
CA ASP A 462 -18.40 16.03 21.18
C ASP A 462 -18.55 16.52 22.63
N GLU A 463 -17.68 16.06 23.53
CA GLU A 463 -17.63 16.53 24.92
C GLU A 463 -17.45 18.05 24.99
N GLY A 464 -18.24 18.71 25.85
CA GLY A 464 -18.23 20.16 26.00
C GLY A 464 -19.00 20.94 24.93
N HIS A 465 -19.57 20.30 23.90
CA HIS A 465 -20.49 20.99 23.01
C HIS A 465 -21.83 21.31 23.69
N VAL A 466 -22.49 22.35 23.20
CA VAL A 466 -23.81 22.77 23.64
C VAL A 466 -24.86 21.72 23.27
N LEU A 467 -25.63 21.26 24.26
CA LEU A 467 -26.78 20.40 24.06
C LEU A 467 -27.89 21.14 23.30
N LYS A 468 -28.45 20.51 22.27
CA LYS A 468 -29.58 21.02 21.50
C LYS A 468 -30.65 19.97 21.35
N SER A 469 -31.92 20.38 21.42
CA SER A 469 -33.06 19.51 21.15
C SER A 469 -33.01 18.95 19.73
N LYS A 470 -33.56 17.75 19.54
CA LYS A 470 -33.77 17.00 18.29
C LYS A 470 -32.52 16.57 17.51
N THR A 471 -31.41 17.31 17.64
CA THR A 471 -30.20 17.09 16.83
C THR A 471 -29.07 16.37 17.55
N VAL A 472 -29.02 16.49 18.88
CA VAL A 472 -27.92 15.93 19.68
C VAL A 472 -28.43 14.69 20.38
N SER A 473 -27.99 13.52 19.92
CA SER A 473 -28.16 12.26 20.64
C SER A 473 -27.14 12.16 21.78
N PHE A 474 -27.55 11.57 22.90
CA PHE A 474 -26.69 11.33 24.05
C PHE A 474 -27.12 10.06 24.79
N ARG A 475 -26.25 9.56 25.66
CA ARG A 475 -26.60 8.57 26.68
C ARG A 475 -26.89 9.32 27.97
N LEU A 476 -27.99 9.00 28.63
CA LEU A 476 -28.28 9.56 29.94
C LEU A 476 -27.52 8.74 30.99
N PHE A 477 -26.33 9.23 31.33
CA PHE A 477 -25.34 8.49 32.11
C PHE A 477 -25.45 8.84 33.59
N HIS A 478 -25.53 7.84 34.46
CA HIS A 478 -25.50 8.02 35.89
C HIS A 478 -24.05 8.06 36.40
N VAL A 479 -23.70 9.12 37.16
CA VAL A 479 -22.30 9.42 37.51
C VAL A 479 -21.75 8.44 38.55
N ASP A 480 -22.54 8.08 39.57
CA ASP A 480 -22.05 7.30 40.71
C ASP A 480 -21.81 5.83 40.34
N THR A 481 -22.82 5.16 39.76
CA THR A 481 -22.75 3.73 39.42
C THR A 481 -22.24 3.45 38.00
N SER A 482 -22.01 4.49 37.20
CA SER A 482 -21.49 4.39 35.83
C SER A 482 -22.35 3.54 34.87
N VAL A 483 -23.67 3.64 34.98
CA VAL A 483 -24.65 3.00 34.07
C VAL A 483 -25.28 4.03 33.13
N ALA A 484 -25.82 3.58 31.99
CA ALA A 484 -26.62 4.41 31.10
C ALA A 484 -28.10 4.01 31.17
N LEU A 485 -28.99 4.98 31.20
CA LEU A 485 -30.42 4.72 31.13
C LEU A 485 -30.77 4.08 29.78
N TRP A 486 -31.60 3.04 29.85
CA TRP A 486 -31.98 2.20 28.73
C TRP A 486 -33.44 1.77 28.84
N THR A 487 -34.06 1.49 27.70
CA THR A 487 -35.41 0.94 27.63
C THR A 487 -35.57 0.03 26.42
N HIS A 488 -36.59 -0.82 26.47
CA HIS A 488 -36.89 -1.83 25.46
C HIS A 488 -38.40 -2.00 25.31
N ASN A 489 -38.83 -2.63 24.22
CA ASN A 489 -40.24 -2.81 23.87
C ASN A 489 -40.60 -4.24 23.48
N ASP A 490 -39.71 -5.21 23.71
CA ASP A 490 -39.94 -6.64 23.52
C ASP A 490 -40.77 -7.23 24.67
N GLU A 491 -40.62 -6.70 25.87
CA GLU A 491 -41.44 -7.05 27.04
C GLU A 491 -41.85 -5.80 27.82
N LEU A 492 -43.14 -5.72 28.20
CA LEU A 492 -43.70 -4.58 28.93
C LEU A 492 -43.89 -4.93 30.40
N LEU A 493 -43.80 -3.94 31.28
CA LEU A 493 -44.01 -4.14 32.71
C LEU A 493 -45.40 -4.75 33.00
N PRO A 494 -45.56 -5.56 34.06
CA PRO A 494 -46.86 -6.13 34.41
C PRO A 494 -47.90 -5.05 34.80
N ASP A 495 -49.10 -5.47 35.21
CA ASP A 495 -50.21 -4.57 35.55
C ASP A 495 -49.84 -3.49 36.58
N TRP A 496 -48.92 -3.78 37.51
CA TRP A 496 -48.44 -2.80 38.50
C TRP A 496 -47.60 -1.65 37.89
N GLY A 497 -47.04 -1.86 36.70
CA GLY A 497 -46.31 -0.87 35.89
C GLY A 497 -47.10 -0.40 34.66
N PHE A 498 -48.42 -0.62 34.66
CA PHE A 498 -49.35 -0.14 33.62
C PHE A 498 -49.02 -0.58 32.19
N GLN A 499 -48.31 -1.70 32.00
CA GLN A 499 -47.87 -2.14 30.67
C GLN A 499 -47.02 -1.09 29.93
N GLN A 500 -46.27 -0.28 30.69
CA GLN A 500 -45.30 0.66 30.15
C GLN A 500 -43.93 -0.01 29.96
N GLN A 501 -43.04 0.62 29.19
CA GLN A 501 -41.68 0.11 29.02
C GLN A 501 -40.90 0.27 30.31
N GLU A 502 -40.02 -0.68 30.61
CA GLU A 502 -39.08 -0.56 31.73
C GLU A 502 -37.98 0.47 31.40
N ILE A 503 -37.63 1.32 32.36
CA ILE A 503 -36.42 2.13 32.32
C ILE A 503 -35.44 1.56 33.35
N ASN A 504 -34.25 1.17 32.89
CA ASN A 504 -33.23 0.58 33.75
C ASN A 504 -31.83 1.17 33.46
N GLY A 505 -30.90 0.99 34.39
CA GLY A 505 -29.50 1.38 34.28
C GLY A 505 -28.66 0.26 33.68
N ASN A 506 -28.42 0.33 32.37
CA ASN A 506 -27.61 -0.64 31.64
C ASN A 506 -26.12 -0.44 31.89
N LYS A 507 -25.44 -1.48 32.37
CA LYS A 507 -23.98 -1.50 32.59
C LYS A 507 -23.18 -1.51 31.28
N LYS A 508 -23.76 -1.95 30.17
CA LYS A 508 -23.17 -1.85 28.83
C LYS A 508 -23.37 -0.44 28.28
N VAL A 509 -22.73 0.56 28.87
CA VAL A 509 -22.92 1.97 28.55
C VAL A 509 -22.81 2.27 27.06
N ILE A 510 -21.84 1.65 26.36
CA ILE A 510 -21.54 1.96 24.96
C ILE A 510 -22.62 1.43 24.00
N ASP A 511 -23.53 0.58 24.47
CA ASP A 511 -24.61 0.00 23.65
C ASP A 511 -25.40 1.12 22.91
N PRO A 512 -25.52 1.04 21.57
CA PRO A 512 -26.25 2.02 20.78
C PRO A 512 -27.73 2.12 21.12
N SER A 513 -28.32 1.08 21.70
CA SER A 513 -29.69 1.15 22.20
C SER A 513 -29.84 2.03 23.43
N ASN A 514 -28.77 2.54 24.05
CA ASN A 514 -28.87 3.47 25.19
C ASN A 514 -29.01 4.94 24.75
N ASN A 515 -29.41 5.20 23.51
CA ASN A 515 -29.39 6.54 22.93
C ASN A 515 -30.73 7.27 23.14
N TRP A 516 -30.63 8.51 23.61
CA TRP A 516 -31.74 9.42 23.88
C TRP A 516 -31.53 10.73 23.14
N VAL A 517 -32.62 11.48 22.97
CA VAL A 517 -32.62 12.85 22.45
C VAL A 517 -33.57 13.70 23.27
N VAL A 518 -33.26 14.99 23.45
CA VAL A 518 -34.24 15.96 23.94
C VAL A 518 -35.23 16.25 22.81
N ASP A 519 -36.50 15.90 22.97
CA ASP A 519 -37.50 16.07 21.91
C ASP A 519 -38.06 17.51 21.89
N GLU A 520 -38.57 17.98 23.03
CA GLU A 520 -39.16 19.31 23.17
C GLU A 520 -38.63 20.05 24.42
N ILE A 521 -38.57 21.38 24.32
CA ILE A 521 -38.38 22.28 25.46
C ILE A 521 -39.73 22.97 25.71
N VAL A 522 -40.42 22.57 26.78
CA VAL A 522 -41.82 22.96 27.07
C VAL A 522 -41.92 24.44 27.46
N ASN A 523 -40.97 24.94 28.25
CA ASN A 523 -40.97 26.30 28.80
C ASN A 523 -40.14 27.30 27.96
N LEU A 524 -40.07 27.11 26.64
CA LEU A 524 -39.26 27.94 25.76
C LEU A 524 -39.77 29.38 25.65
N ASP A 525 -38.89 30.37 25.89
CA ASP A 525 -39.22 31.79 25.75
C ASP A 525 -39.55 32.18 24.28
N GLU A 526 -40.48 33.13 24.08
CA GLU A 526 -40.91 33.59 22.74
C GLU A 526 -39.74 34.05 21.84
N VAL A 527 -38.71 34.67 22.43
CA VAL A 527 -37.50 35.10 21.70
C VAL A 527 -36.73 33.89 21.14
N ARG A 528 -36.66 32.79 21.89
CA ARG A 528 -35.97 31.55 21.49
C ARG A 528 -36.79 30.75 20.47
N LYS A 529 -38.12 30.96 20.38
CA LYS A 529 -38.99 30.30 19.38
C LYS A 529 -38.70 30.75 17.95
N VAL A 530 -38.38 32.03 17.73
CA VAL A 530 -38.18 32.59 16.38
C VAL A 530 -37.02 31.89 15.66
N TYR A 531 -37.33 31.21 14.56
CA TYR A 531 -36.35 30.61 13.67
C TYR A 531 -35.99 31.59 12.53
N ILE A 532 -34.70 31.81 12.30
CA ILE A 532 -34.21 32.59 11.17
C ILE A 532 -33.70 31.58 10.13
N PRO A 533 -34.42 31.35 9.02
CA PRO A 533 -33.97 30.42 8.00
C PRO A 533 -32.67 30.89 7.36
N LYS A 534 -31.71 29.98 7.20
CA LYS A 534 -30.51 30.25 6.39
C LYS A 534 -30.91 30.56 4.96
N VAL A 535 -30.37 31.66 4.44
CA VAL A 535 -30.52 32.01 3.04
C VAL A 535 -29.54 31.16 2.22
N VAL A 536 -30.08 30.23 1.44
CA VAL A 536 -29.28 29.37 0.54
C VAL A 536 -28.62 30.23 -0.53
N LYS A 537 -27.29 30.17 -0.63
CA LYS A 537 -26.52 30.85 -1.67
C LYS A 537 -26.15 29.88 -2.78
N PRO A 538 -26.37 30.22 -4.07
CA PRO A 538 -26.03 29.33 -5.17
C PRO A 538 -24.53 29.27 -5.42
N LEU A 539 -24.02 28.10 -5.78
CA LEU A 539 -22.64 27.88 -6.25
C LEU A 539 -22.67 27.29 -7.67
N PRO A 540 -21.83 27.76 -8.62
CA PRO A 540 -21.76 27.16 -9.94
C PRO A 540 -21.40 25.67 -9.88
N PHE A 541 -22.10 24.84 -10.66
CA PHE A 541 -21.95 23.38 -10.65
C PHE A 541 -20.49 22.93 -10.78
N LEU A 542 -19.72 23.49 -11.74
CA LEU A 542 -18.33 23.08 -11.95
C LEU A 542 -17.44 23.39 -10.75
N LYS A 543 -17.69 24.49 -10.03
CA LYS A 543 -16.95 24.81 -8.81
C LYS A 543 -17.26 23.80 -7.70
N LYS A 544 -18.55 23.51 -7.52
CA LYS A 544 -19.04 22.49 -6.59
C LYS A 544 -18.45 21.11 -6.88
N TRP A 545 -18.45 20.69 -8.14
CA TRP A 545 -17.88 19.43 -8.60
C TRP A 545 -16.35 19.36 -8.42
N ILE A 546 -15.60 20.41 -8.78
CA ILE A 546 -14.14 20.44 -8.62
C ILE A 546 -13.75 20.32 -7.15
N GLU A 547 -14.44 21.02 -6.25
CA GLU A 547 -14.20 20.94 -4.81
C GLU A 547 -14.43 19.52 -4.29
N THR A 548 -15.62 18.95 -4.54
CA THR A 548 -15.93 17.57 -4.14
C THR A 548 -14.92 16.58 -4.73
N GLN A 549 -14.50 16.76 -5.99
CA GLN A 549 -13.55 15.86 -6.63
C GLN A 549 -12.15 15.90 -6.00
N LYS A 550 -11.67 17.11 -5.68
CA LYS A 550 -10.39 17.25 -4.96
C LYS A 550 -10.47 16.57 -3.59
N SER A 551 -11.54 16.82 -2.84
CA SER A 551 -11.76 16.17 -1.54
C SER A 551 -11.80 14.64 -1.68
N MET A 552 -12.47 14.10 -2.70
CA MET A 552 -12.52 12.66 -2.98
C MET A 552 -11.12 12.06 -3.17
N PHE A 553 -10.28 12.67 -4.03
CA PHE A 553 -8.93 12.16 -4.27
C PHE A 553 -8.00 12.32 -3.06
N GLU A 554 -8.08 13.44 -2.35
CA GLU A 554 -7.28 13.68 -1.15
C GLU A 554 -7.60 12.68 -0.03
N HIS A 555 -8.87 12.42 0.24
CA HIS A 555 -9.29 11.46 1.27
C HIS A 555 -9.01 10.02 0.85
N ASN A 556 -9.18 9.67 -0.42
CA ASN A 556 -8.85 8.33 -0.93
C ASN A 556 -7.35 8.02 -0.76
N ASN A 557 -6.47 9.00 -1.02
CA ASN A 557 -5.03 8.84 -0.85
C ASN A 557 -4.59 8.75 0.63
N LYS A 558 -5.40 9.30 1.53
CA LYS A 558 -5.06 9.26 2.98
C LYS A 558 -5.76 8.06 3.61
N LEU A 559 -6.37 8.23 4.77
CA LEU A 559 -7.14 7.12 5.40
C LEU A 559 -6.20 5.92 5.62
N SER A 560 -4.93 6.19 5.94
CA SER A 560 -3.97 5.11 6.21
C SER A 560 -4.46 4.29 7.41
N SER A 561 -4.54 2.96 7.26
CA SER A 561 -5.04 2.09 8.35
C SER A 561 -4.53 0.66 8.16
N GLU A 562 -4.82 -0.24 9.11
CA GLU A 562 -4.35 -1.64 9.02
C GLU A 562 -5.53 -2.60 9.25
N HIS A 563 -6.46 -2.66 8.29
CA HIS A 563 -7.62 -3.58 8.41
C HIS A 563 -7.12 -5.02 8.53
N PRO A 564 -7.65 -5.84 9.46
CA PRO A 564 -7.18 -7.22 9.64
C PRO A 564 -7.50 -8.06 8.40
N PHE A 565 -7.72 -7.40 7.26
CA PHE A 565 -8.08 -8.10 6.02
C PHE A 565 -7.49 -7.47 4.74
N ALA A 566 -6.61 -6.46 4.85
CA ALA A 566 -5.93 -5.91 3.69
C ALA A 566 -5.05 -6.98 3.04
N SER A 567 -4.99 -7.00 1.71
CA SER A 567 -4.20 -7.98 0.97
C SER A 567 -3.48 -7.37 -0.21
N GLU A 568 -2.29 -7.89 -0.49
CA GLU A 568 -1.41 -7.39 -1.55
C GLU A 568 -1.68 -8.08 -2.89
N PRO A 569 -1.43 -7.39 -4.03
CA PRO A 569 -1.76 -7.91 -5.35
C PRO A 569 -1.18 -9.30 -5.65
N TYR A 570 0.00 -9.63 -5.14
CA TYR A 570 0.63 -10.93 -5.38
C TYR A 570 -0.18 -12.12 -4.85
N SER A 571 -1.02 -11.92 -3.82
CA SER A 571 -1.81 -12.99 -3.22
C SER A 571 -3.15 -13.22 -3.93
N TRP A 572 -3.60 -12.26 -4.74
CA TRP A 572 -4.95 -12.30 -5.31
C TRP A 572 -5.14 -13.43 -6.31
N PRO A 573 -4.32 -13.64 -7.36
CA PRO A 573 -4.59 -14.70 -8.33
C PRO A 573 -4.66 -16.11 -7.72
N GLY A 574 -4.00 -16.32 -6.58
CA GLY A 574 -4.06 -17.58 -5.83
C GLY A 574 -5.23 -17.67 -4.84
N SER A 575 -5.96 -16.57 -4.60
CA SER A 575 -6.99 -16.43 -3.56
C SER A 575 -6.49 -16.93 -2.19
N LEU A 576 -5.27 -16.53 -1.80
CA LEU A 576 -4.55 -17.09 -0.65
C LEU A 576 -5.11 -16.67 0.71
N SER A 577 -5.83 -15.55 0.76
CA SER A 577 -6.54 -15.03 1.94
C SER A 577 -7.89 -14.47 1.52
N GLY A 578 -8.82 -14.37 2.46
CA GLY A 578 -10.16 -13.81 2.26
C GLY A 578 -10.52 -12.75 3.30
N VAL A 579 -11.79 -12.38 3.34
CA VAL A 579 -12.31 -11.31 4.21
C VAL A 579 -13.55 -11.81 4.96
N SER A 580 -13.59 -11.64 6.28
CA SER A 580 -14.80 -11.93 7.06
C SER A 580 -15.84 -10.84 6.83
N PHE A 581 -17.04 -11.23 6.40
CA PHE A 581 -18.13 -10.30 6.08
C PHE A 581 -19.16 -10.23 7.20
N TRP A 582 -19.40 -11.34 7.89
CA TRP A 582 -20.39 -11.44 8.96
C TRP A 582 -20.14 -12.67 9.82
N THR A 583 -20.48 -12.59 11.10
CA THR A 583 -20.40 -13.68 12.08
C THR A 583 -21.56 -13.59 13.04
N ASN A 584 -22.18 -14.73 13.36
CA ASN A 584 -23.12 -14.87 14.45
C ASN A 584 -22.53 -15.83 15.50
N GLY A 585 -22.26 -15.29 16.69
CA GLY A 585 -21.60 -16.02 17.78
C GLY A 585 -22.45 -17.14 18.36
N ASP A 586 -23.76 -16.93 18.48
CA ASP A 586 -24.70 -17.86 19.11
C ASP A 586 -24.92 -19.10 18.23
N GLU A 587 -25.12 -18.89 16.93
CA GLU A 587 -25.34 -19.98 15.97
C GLU A 587 -24.04 -20.54 15.37
N LYS A 588 -22.88 -19.92 15.67
CA LYS A 588 -21.57 -20.22 15.07
C LYS A 588 -21.60 -20.22 13.53
N LYS A 589 -22.23 -19.20 12.96
CA LYS A 589 -22.37 -19.03 11.50
C LYS A 589 -21.55 -17.85 11.01
N GLN A 590 -21.06 -17.91 9.78
CA GLN A 590 -20.24 -16.84 9.22
C GLN A 590 -20.35 -16.74 7.69
N ILE A 591 -20.20 -15.52 7.17
CA ILE A 591 -19.98 -15.26 5.74
C ILE A 591 -18.51 -14.89 5.55
N TYR A 592 -17.85 -15.57 4.62
CA TYR A 592 -16.44 -15.36 4.29
C TYR A 592 -16.26 -15.16 2.78
N PHE A 593 -15.64 -14.05 2.42
CA PHE A 593 -15.37 -13.67 1.05
C PHE A 593 -14.05 -14.28 0.57
N ILE A 594 -14.15 -15.22 -0.36
CA ILE A 594 -13.01 -15.90 -0.99
C ILE A 594 -13.37 -16.35 -2.42
N GLY A 595 -12.39 -16.42 -3.31
CA GLY A 595 -12.55 -16.94 -4.67
C GLY A 595 -12.69 -18.47 -4.72
N ASN A 596 -13.24 -18.97 -5.83
CA ASN A 596 -13.26 -20.42 -6.08
C ASN A 596 -11.84 -20.87 -6.46
N ILE A 597 -11.08 -21.39 -5.50
CA ILE A 597 -9.64 -21.63 -5.64
C ILE A 597 -9.30 -22.53 -6.84
N ILE A 598 -10.11 -23.57 -7.10
CA ILE A 598 -9.91 -24.42 -8.29
C ILE A 598 -10.06 -23.60 -9.57
N GLY A 599 -11.09 -22.77 -9.65
CA GLY A 599 -11.33 -21.88 -10.79
C GLY A 599 -10.21 -20.85 -10.98
N TRP A 600 -9.73 -20.25 -9.90
CA TRP A 600 -8.69 -19.22 -9.93
C TRP A 600 -7.35 -19.82 -10.34
N TRP A 601 -6.96 -20.97 -9.77
CA TRP A 601 -5.74 -21.67 -10.14
C TRP A 601 -5.76 -22.17 -11.59
N PHE A 602 -6.91 -22.67 -12.05
CA PHE A 602 -7.11 -23.01 -13.45
C PHE A 602 -6.86 -21.80 -14.37
N GLN A 603 -7.26 -20.59 -13.97
CA GLN A 603 -6.98 -19.36 -14.71
C GLN A 603 -5.51 -18.95 -14.66
N VAL A 604 -4.84 -19.07 -13.51
CA VAL A 604 -3.38 -18.83 -13.40
C VAL A 604 -2.60 -19.76 -14.33
N ILE A 605 -2.95 -21.06 -14.35
CA ILE A 605 -2.35 -22.03 -15.27
C ILE A 605 -2.63 -21.62 -16.72
N SER A 606 -3.86 -21.20 -17.03
CA SER A 606 -4.22 -20.75 -18.38
C SER A 606 -3.37 -19.54 -18.82
N LEU A 607 -3.19 -18.54 -17.97
CA LEU A 607 -2.35 -17.37 -18.25
C LEU A 607 -0.89 -17.77 -18.51
N ALA A 608 -0.33 -18.66 -17.67
CA ALA A 608 1.03 -19.16 -17.83
C ALA A 608 1.21 -19.96 -19.14
N VAL A 609 0.27 -20.84 -19.47
CA VAL A 609 0.28 -21.64 -20.71
C VAL A 609 0.25 -20.73 -21.93
N PHE A 610 -0.60 -19.70 -21.93
CA PHE A 610 -0.66 -18.74 -23.03
C PHE A 610 0.66 -17.99 -23.23
N VAL A 611 1.28 -17.49 -22.17
CA VAL A 611 2.60 -16.83 -22.26
C VAL A 611 3.63 -17.80 -22.86
N GLY A 612 3.61 -19.07 -22.42
CA GLY A 612 4.44 -20.12 -23.00
C GLY A 612 4.20 -20.33 -24.51
N ILE A 613 2.94 -20.36 -24.94
CA ILE A 613 2.56 -20.49 -26.35
C ILE A 613 3.05 -19.31 -27.18
N ILE A 614 2.84 -18.07 -26.71
CA ILE A 614 3.29 -16.85 -27.41
C ILE A 614 4.81 -16.82 -27.53
N VAL A 615 5.54 -17.11 -26.44
CA VAL A 615 7.01 -17.16 -26.47
C VAL A 615 7.51 -18.25 -27.42
N ALA A 616 6.90 -19.44 -27.41
CA ALA A 616 7.25 -20.52 -28.33
C ALA A 616 6.98 -20.16 -29.80
N ASP A 617 5.82 -19.55 -30.11
CA ASP A 617 5.51 -19.05 -31.46
C ASP A 617 6.52 -18.00 -31.95
N LEU A 618 6.89 -17.04 -31.09
CA LEU A 618 7.89 -16.02 -31.43
C LEU A 618 9.27 -16.61 -31.68
N ILE A 619 9.73 -17.55 -30.83
CA ILE A 619 11.03 -18.21 -30.99
C ILE A 619 11.05 -19.06 -32.27
N THR A 620 10.04 -19.89 -32.49
CA THR A 620 9.97 -20.76 -33.67
C THR A 620 9.93 -19.98 -34.97
N ARG A 621 9.11 -18.92 -35.06
CA ARG A 621 9.10 -18.02 -36.22
C ARG A 621 10.46 -17.38 -36.47
N HIS A 622 11.14 -16.91 -35.43
CA HIS A 622 12.47 -16.32 -35.58
C HIS A 622 13.50 -17.32 -36.14
N ARG A 623 13.23 -18.62 -36.01
CA ARG A 623 14.02 -19.72 -36.58
C ARG A 623 13.54 -20.18 -37.96
N GLY A 624 12.55 -19.50 -38.56
CA GLY A 624 11.95 -19.89 -39.83
C GLY A 624 11.07 -21.14 -39.75
N TYR A 625 10.61 -21.50 -38.55
CA TYR A 625 9.72 -22.63 -38.31
C TYR A 625 8.32 -22.11 -37.95
N TYR A 626 7.35 -22.34 -38.81
CA TYR A 626 5.99 -21.81 -38.70
C TYR A 626 5.03 -22.89 -38.20
N ALA A 627 5.05 -23.14 -36.89
CA ALA A 627 4.30 -24.24 -36.28
C ALA A 627 2.77 -24.05 -36.34
N LEU A 628 2.32 -22.81 -36.13
CA LEU A 628 0.92 -22.47 -35.93
C LEU A 628 0.25 -21.98 -37.23
N ASN A 629 -0.93 -22.52 -37.53
CA ASN A 629 -1.81 -22.04 -38.59
C ASN A 629 -2.21 -20.57 -38.37
N LYS A 630 -2.33 -19.80 -39.45
CA LYS A 630 -2.88 -18.44 -39.48
C LYS A 630 -4.14 -18.25 -38.60
N MET A 631 -5.16 -19.11 -38.71
CA MET A 631 -6.40 -18.97 -37.93
C MET A 631 -6.17 -19.14 -36.43
N THR A 632 -5.28 -20.06 -36.03
CA THR A 632 -4.89 -20.20 -34.62
C THR A 632 -4.21 -18.94 -34.12
N ARG A 633 -3.35 -18.32 -34.93
CA ARG A 633 -2.70 -17.07 -34.58
C ARG A 633 -3.67 -15.91 -34.49
N GLU A 634 -4.65 -15.82 -35.38
CA GLU A 634 -5.69 -14.80 -35.27
C GLU A 634 -6.46 -14.90 -33.95
N LYS A 635 -6.74 -16.12 -33.46
CA LYS A 635 -7.32 -16.32 -32.12
C LYS A 635 -6.36 -15.90 -31.00
N LEU A 636 -5.08 -16.27 -31.09
CA LEU A 636 -4.07 -15.96 -30.07
C LEU A 636 -3.76 -14.47 -29.96
N TYR A 637 -3.47 -13.82 -31.09
CA TYR A 637 -3.07 -12.40 -31.16
C TYR A 637 -4.26 -11.44 -31.27
N GLY A 638 -5.47 -11.95 -31.49
CA GLY A 638 -6.71 -11.18 -31.46
C GLY A 638 -7.42 -11.27 -30.11
N PRO A 639 -8.48 -12.10 -29.98
CA PRO A 639 -9.29 -12.15 -28.76
C PRO A 639 -8.49 -12.52 -27.50
N LEU A 640 -7.59 -13.50 -27.58
CA LEU A 640 -6.81 -13.92 -26.41
C LEU A 640 -5.85 -12.83 -25.94
N MET A 641 -5.11 -12.20 -26.86
CA MET A 641 -4.26 -11.06 -26.54
C MET A 641 -5.06 -9.87 -26.00
N PHE A 642 -6.24 -9.58 -26.59
CA PHE A 642 -7.13 -8.54 -26.09
C PHE A 642 -7.52 -8.79 -24.63
N PHE A 643 -7.94 -10.01 -24.28
CA PHE A 643 -8.26 -10.37 -22.91
C PHE A 643 -7.02 -10.39 -22.00
N PHE A 644 -5.89 -10.88 -22.47
CA PHE A 644 -4.64 -10.90 -21.70
C PHE A 644 -4.19 -9.48 -21.33
N VAL A 645 -4.15 -8.56 -22.30
CA VAL A 645 -3.81 -7.15 -22.04
C VAL A 645 -4.87 -6.50 -21.14
N SER A 646 -6.15 -6.81 -21.35
CA SER A 646 -7.21 -6.31 -20.47
C SER A 646 -7.04 -6.80 -19.03
N TRP A 647 -6.67 -8.07 -18.83
CA TRP A 647 -6.34 -8.62 -17.51
C TRP A 647 -5.12 -7.90 -16.90
N CYS A 648 -4.05 -7.70 -17.69
CA CYS A 648 -2.87 -6.93 -17.27
C CYS A 648 -3.25 -5.52 -16.77
N CYS A 649 -4.11 -4.81 -17.51
CA CYS A 649 -4.61 -3.49 -17.10
C CYS A 649 -5.39 -3.51 -15.78
N HIS A 650 -6.08 -4.60 -15.46
CA HIS A 650 -6.84 -4.74 -14.20
C HIS A 650 -6.04 -5.38 -13.07
N TYR A 651 -4.79 -5.79 -13.29
CA TYR A 651 -3.97 -6.45 -12.28
C TYR A 651 -2.69 -5.68 -11.95
N PHE A 652 -1.83 -5.43 -12.93
CA PHE A 652 -0.49 -4.86 -12.66
C PHE A 652 -0.48 -3.44 -12.07
N PRO A 653 -1.40 -2.52 -12.43
CA PRO A 653 -1.40 -1.18 -11.84
C PRO A 653 -1.54 -1.16 -10.31
N PHE A 654 -2.11 -2.21 -9.70
CA PHE A 654 -2.23 -2.30 -8.24
C PHE A 654 -0.90 -2.47 -7.52
N PHE A 655 0.15 -2.95 -8.18
CA PHE A 655 1.51 -3.01 -7.61
C PHE A 655 2.13 -1.61 -7.46
N LEU A 656 1.61 -0.61 -8.18
CA LEU A 656 2.06 0.78 -8.11
C LEU A 656 1.26 1.60 -7.09
N MET A 657 0.22 1.02 -6.48
CA MET A 657 -0.65 1.71 -5.52
C MET A 657 -0.19 1.44 -4.09
N ALA A 658 0.09 2.51 -3.35
CA ALA A 658 0.55 2.47 -1.95
C ALA A 658 -0.59 2.50 -0.91
N ARG A 659 -1.84 2.74 -1.34
CA ARG A 659 -3.01 2.71 -0.44
C ARG A 659 -3.39 1.28 -0.05
N GLN A 660 -4.28 1.15 0.94
CA GLN A 660 -4.89 -0.14 1.27
C GLN A 660 -5.59 -0.78 0.06
N LYS A 661 -5.41 -2.10 -0.10
CA LYS A 661 -6.02 -2.90 -1.17
C LYS A 661 -6.60 -4.19 -0.57
N PHE A 662 -7.53 -4.79 -1.29
CA PHE A 662 -8.32 -5.94 -0.84
C PHE A 662 -8.61 -6.86 -2.03
N LEU A 663 -8.89 -8.14 -1.74
CA LEU A 663 -9.12 -9.17 -2.75
C LEU A 663 -10.21 -8.80 -3.78
N HIS A 664 -11.27 -8.08 -3.38
CA HIS A 664 -12.35 -7.69 -4.29
C HIS A 664 -11.86 -6.82 -5.47
N HIS A 665 -10.73 -6.11 -5.32
CA HIS A 665 -10.10 -5.33 -6.38
C HIS A 665 -9.67 -6.19 -7.58
N TYR A 666 -9.46 -7.49 -7.37
CA TYR A 666 -9.11 -8.44 -8.42
C TYR A 666 -10.32 -8.99 -9.19
N LEU A 667 -11.55 -8.83 -8.71
CA LEU A 667 -12.74 -9.39 -9.39
C LEU A 667 -12.91 -8.92 -10.84
N PRO A 668 -12.63 -7.65 -11.21
CA PRO A 668 -12.55 -7.22 -12.60
C PRO A 668 -11.53 -8.01 -13.44
N ALA A 669 -10.35 -8.28 -12.90
CA ALA A 669 -9.32 -9.07 -13.58
C ALA A 669 -9.76 -10.54 -13.70
N HIS A 670 -10.27 -11.14 -12.63
CA HIS A 670 -10.84 -12.48 -12.63
C HIS A 670 -11.95 -12.64 -13.69
N LEU A 671 -12.86 -11.66 -13.79
CA LEU A 671 -13.92 -11.65 -14.80
C LEU A 671 -13.35 -11.80 -16.22
N ILE A 672 -12.29 -11.03 -16.54
CA ILE A 672 -11.60 -11.12 -17.84
C ILE A 672 -10.84 -12.44 -17.98
N ALA A 673 -10.22 -12.94 -16.90
CA ALA A 673 -9.52 -14.21 -16.88
C ALA A 673 -10.45 -15.40 -17.15
N CYS A 674 -11.73 -15.34 -16.75
CA CYS A 674 -12.74 -16.34 -17.10
C CYS A 674 -12.97 -16.41 -18.62
N LEU A 675 -13.16 -15.26 -19.30
CA LEU A 675 -13.31 -15.21 -20.76
C LEU A 675 -12.07 -15.76 -21.46
N PHE A 676 -10.91 -15.31 -20.99
CA PHE A 676 -9.61 -15.71 -21.49
C PHE A 676 -9.40 -17.21 -21.41
N SER A 677 -9.61 -17.82 -20.23
CA SER A 677 -9.37 -19.25 -20.02
C SER A 677 -10.30 -20.10 -20.86
N GLY A 678 -11.60 -19.76 -20.94
CA GLY A 678 -12.50 -20.48 -21.84
C GLY A 678 -12.00 -20.47 -23.28
N ALA A 679 -11.68 -19.28 -23.80
CA ALA A 679 -11.15 -19.10 -25.15
C ALA A 679 -9.84 -19.89 -25.39
N LEU A 680 -8.90 -19.85 -24.45
CA LEU A 680 -7.57 -20.46 -24.59
C LEU A 680 -7.67 -21.96 -24.78
N TRP A 681 -8.47 -22.63 -23.94
CA TRP A 681 -8.58 -24.08 -24.01
C TRP A 681 -9.32 -24.54 -25.27
N GLU A 682 -10.23 -23.76 -25.86
CA GLU A 682 -10.75 -24.09 -27.20
C GLU A 682 -9.63 -24.09 -28.24
N VAL A 683 -8.72 -23.10 -28.19
CA VAL A 683 -7.58 -23.03 -29.10
C VAL A 683 -6.65 -24.23 -28.91
N ILE A 684 -6.31 -24.59 -27.68
CA ILE A 684 -5.45 -25.75 -27.39
C ILE A 684 -6.04 -27.06 -27.92
N PHE A 685 -7.36 -27.23 -27.83
CA PHE A 685 -8.07 -28.40 -28.37
C PHE A 685 -8.49 -28.22 -29.85
N SER A 686 -7.91 -27.28 -30.58
CA SER A 686 -8.09 -27.11 -32.03
C SER A 686 -6.90 -27.65 -32.82
N ASP A 687 -7.12 -27.99 -34.09
CA ASP A 687 -6.04 -28.33 -35.02
C ASP A 687 -5.20 -27.09 -35.33
N CYS A 688 -4.14 -26.89 -34.55
CA CYS A 688 -3.33 -25.69 -34.61
C CYS A 688 -2.20 -25.74 -35.65
N LYS A 689 -1.99 -26.88 -36.30
CA LYS A 689 -0.81 -27.09 -37.16
C LYS A 689 -0.91 -26.28 -38.45
N SER A 690 0.18 -25.63 -38.83
CA SER A 690 0.32 -25.10 -40.18
C SER A 690 0.33 -26.22 -41.23
N LEU A 691 -0.13 -25.91 -42.44
CA LEU A 691 -0.07 -26.81 -43.60
C LEU A 691 1.37 -27.09 -44.03
N ASP A 692 2.27 -26.13 -43.89
CA ASP A 692 3.67 -26.21 -44.30
C ASP A 692 4.56 -25.46 -43.30
N LEU A 693 5.32 -26.22 -42.51
CA LEU A 693 6.13 -25.71 -41.40
C LEU A 693 7.27 -24.77 -41.86
N GLU A 694 7.63 -24.78 -43.14
CA GLU A 694 8.68 -23.94 -43.71
C GLU A 694 8.14 -22.63 -44.31
N LYS A 695 6.81 -22.46 -44.41
CA LYS A 695 6.18 -21.29 -45.02
C LYS A 695 5.34 -20.51 -44.02
N ASP A 696 5.54 -19.21 -44.00
CA ASP A 696 4.71 -18.32 -43.19
C ASP A 696 3.35 -18.10 -43.86
N GLU A 697 2.29 -18.66 -43.27
CA GLU A 697 0.91 -18.51 -43.72
C GLU A 697 0.38 -17.07 -43.62
N ASP A 698 1.08 -16.17 -42.92
CA ASP A 698 0.76 -14.75 -42.88
C ASP A 698 1.18 -13.98 -44.14
N ILE A 699 2.04 -14.58 -44.97
CA ILE A 699 2.44 -13.96 -46.24
C ILE A 699 1.22 -13.91 -47.17
N SER A 700 1.02 -12.77 -47.81
CA SER A 700 -0.08 -12.58 -48.75
C SER A 700 -0.04 -13.62 -49.89
N GLY A 701 -1.13 -14.35 -50.06
CA GLY A 701 -1.27 -15.40 -51.08
C GLY A 701 -0.91 -16.82 -50.59
N ALA A 702 -0.39 -16.98 -49.37
CA ALA A 702 -0.18 -18.30 -48.79
C ALA A 702 -1.52 -19.02 -48.54
N SER A 703 -1.55 -20.32 -48.81
CA SER A 703 -2.68 -21.19 -48.48
C SER A 703 -2.62 -21.54 -46.98
N TYR A 704 -3.78 -21.50 -46.32
CA TYR A 704 -3.93 -21.88 -44.91
C TYR A 704 -5.30 -22.52 -44.68
N GLU A 705 -5.41 -23.36 -43.64
CA GLU A 705 -6.69 -23.98 -43.26
C GLU A 705 -7.59 -22.93 -42.58
N ARG A 706 -8.72 -22.62 -43.21
CA ARG A 706 -9.66 -21.56 -42.78
C ARG A 706 -10.58 -22.00 -41.65
N ASN A 707 -10.86 -23.30 -41.53
CA ASN A 707 -11.77 -23.84 -40.51
C ASN A 707 -11.07 -24.94 -39.70
N PRO A 708 -10.08 -24.58 -38.85
CA PRO A 708 -9.40 -25.57 -38.01
C PRO A 708 -10.40 -26.38 -37.20
N LYS A 709 -10.26 -27.70 -37.24
CA LYS A 709 -11.16 -28.61 -36.52
C LYS A 709 -10.92 -28.50 -35.02
N VAL A 710 -11.98 -28.27 -34.25
CA VAL A 710 -11.95 -28.44 -32.79
C VAL A 710 -12.17 -29.91 -32.46
N TYR A 711 -11.31 -30.50 -31.63
CA TYR A 711 -11.47 -31.86 -31.12
C TYR A 711 -12.55 -31.89 -30.03
N VAL A 712 -13.81 -31.74 -30.45
CA VAL A 712 -14.96 -31.50 -29.55
C VAL A 712 -15.10 -32.54 -28.46
N LYS A 713 -14.94 -33.85 -28.74
CA LYS A 713 -15.12 -34.91 -27.73
C LYS A 713 -14.16 -34.77 -26.54
N PRO A 714 -12.82 -34.80 -26.74
CA PRO A 714 -11.88 -34.64 -25.62
C PRO A 714 -11.99 -33.24 -24.99
N TYR A 715 -12.27 -32.20 -25.78
CA TYR A 715 -12.47 -30.86 -25.27
C TYR A 715 -13.68 -30.78 -24.31
N THR A 716 -14.83 -31.34 -24.68
CA THR A 716 -16.01 -31.39 -23.83
C THR A 716 -15.77 -32.19 -22.56
N VAL A 717 -15.10 -33.35 -22.65
CA VAL A 717 -14.73 -34.12 -21.45
C VAL A 717 -13.86 -33.29 -20.51
N PHE A 718 -12.83 -32.63 -21.04
CA PHE A 718 -11.97 -31.75 -20.27
C PHE A 718 -12.76 -30.62 -19.57
N LEU A 719 -13.61 -29.90 -20.30
CA LEU A 719 -14.44 -28.83 -19.73
C LEU A 719 -15.40 -29.35 -18.66
N VAL A 720 -16.01 -30.52 -18.86
CA VAL A 720 -16.90 -31.14 -17.88
C VAL A 720 -16.12 -31.48 -16.61
N CYS A 721 -14.93 -32.08 -16.70
CA CYS A 721 -14.09 -32.38 -15.55
C CYS A 721 -13.75 -31.12 -14.74
N VAL A 722 -13.31 -30.04 -15.40
CA VAL A 722 -13.00 -28.77 -14.73
C VAL A 722 -14.27 -28.15 -14.11
N SER A 723 -15.39 -28.16 -14.84
CA SER A 723 -16.66 -27.64 -14.34
C SER A 723 -17.15 -28.39 -13.11
N CYS A 724 -17.04 -29.72 -13.09
CA CYS A 724 -17.38 -30.54 -11.93
C CYS A 724 -16.49 -30.23 -10.72
N ALA A 725 -15.18 -30.00 -10.93
CA ALA A 725 -14.28 -29.63 -9.85
C ALA A 725 -14.61 -28.25 -9.27
N VAL A 726 -14.86 -27.25 -10.13
CA VAL A 726 -15.28 -25.89 -9.71
C VAL A 726 -16.62 -25.94 -8.96
N ALA A 727 -17.59 -26.72 -9.46
CA ALA A 727 -18.89 -26.90 -8.81
C ALA A 727 -18.78 -27.62 -7.46
N TRP A 728 -17.94 -28.64 -7.37
CA TRP A 728 -17.63 -29.32 -6.10
C TRP A 728 -17.07 -28.35 -5.06
N PHE A 729 -16.11 -27.51 -5.45
CA PHE A 729 -15.54 -26.50 -4.55
C PHE A 729 -16.59 -25.49 -4.10
N PHE A 730 -17.43 -25.00 -5.03
CA PHE A 730 -18.51 -24.07 -4.70
C PHE A 730 -19.47 -24.66 -3.68
N VAL A 731 -19.87 -25.92 -3.84
CA VAL A 731 -20.72 -26.63 -2.87
C VAL A 731 -20.01 -26.79 -1.53
N TYR A 732 -18.73 -27.18 -1.52
CA TYR A 732 -17.94 -27.36 -0.31
C TYR A 732 -17.79 -26.06 0.52
N PHE A 733 -17.64 -24.90 -0.14
CA PHE A 733 -17.57 -23.58 0.47
C PHE A 733 -18.92 -22.87 0.62
N SER A 734 -20.01 -23.45 0.12
CA SER A 734 -21.34 -22.81 0.16
C SER A 734 -21.79 -22.37 1.57
N PRO A 735 -21.52 -23.10 2.67
CA PRO A 735 -21.81 -22.61 4.02
C PRO A 735 -21.18 -21.25 4.35
N LEU A 736 -19.98 -20.97 3.82
CA LEU A 736 -19.27 -19.70 4.02
C LEU A 736 -19.70 -18.60 3.03
N VAL A 737 -20.28 -18.97 1.89
CA VAL A 737 -20.86 -18.02 0.91
C VAL A 737 -22.21 -17.50 1.40
N TYR A 738 -23.02 -18.38 1.98
CA TYR A 738 -24.39 -18.07 2.39
C TYR A 738 -24.52 -17.77 3.89
N GLY A 739 -23.59 -18.25 4.71
CA GLY A 739 -23.61 -18.12 6.17
C GLY A 739 -24.76 -18.88 6.83
N ASP A 740 -25.46 -19.76 6.11
CA ASP A 740 -26.75 -20.32 6.51
C ASP A 740 -26.65 -21.66 7.25
N VAL A 741 -25.46 -22.26 7.29
CA VAL A 741 -25.16 -23.54 7.92
C VAL A 741 -24.06 -23.34 8.97
N SER A 742 -24.32 -23.82 10.18
CA SER A 742 -23.30 -23.89 11.24
C SER A 742 -22.34 -25.03 10.94
N LEU A 743 -21.04 -24.76 11.00
CA LEU A 743 -19.98 -25.75 10.78
C LEU A 743 -19.38 -26.16 12.12
N SER A 744 -19.12 -27.45 12.31
CA SER A 744 -18.35 -27.90 13.46
C SER A 744 -16.91 -27.37 13.40
N PRO A 745 -16.19 -27.21 14.54
CA PRO A 745 -14.82 -26.71 14.53
C PRO A 745 -13.88 -27.49 13.61
N SER A 746 -14.03 -28.82 13.53
CA SER A 746 -13.25 -29.65 12.59
C SER A 746 -13.56 -29.37 11.12
N GLU A 747 -14.82 -29.08 10.79
CA GLU A 747 -15.23 -28.68 9.45
C GLU A 747 -14.74 -27.28 9.08
N VAL A 748 -14.70 -26.36 10.05
CA VAL A 748 -14.09 -25.04 9.89
C VAL A 748 -12.59 -25.18 9.59
N VAL A 749 -11.85 -25.89 10.45
CA VAL A 749 -10.41 -26.14 10.27
C VAL A 749 -10.12 -26.84 8.94
N SER A 750 -11.00 -27.74 8.47
CA SER A 750 -10.81 -28.39 7.15
C SER A 750 -10.86 -27.43 5.96
N ARG A 751 -11.43 -26.23 6.14
CA ARG A 751 -11.52 -25.15 5.14
C ARG A 751 -10.47 -24.06 5.37
N GLU A 752 -9.71 -24.13 6.45
CA GLU A 752 -8.54 -23.28 6.71
C GLU A 752 -7.33 -23.89 5.99
N TRP A 753 -6.84 -23.20 4.96
CA TRP A 753 -5.56 -23.47 4.34
C TRP A 753 -4.91 -22.14 3.95
N PHE A 754 -3.59 -22.13 3.72
CA PHE A 754 -2.83 -20.89 3.49
C PHE A 754 -3.07 -19.86 4.62
N ASP A 755 -3.46 -18.63 4.28
CA ASP A 755 -3.72 -17.54 5.22
C ASP A 755 -5.24 -17.33 5.43
N ILE A 756 -6.05 -18.37 5.21
CA ILE A 756 -7.48 -18.34 5.49
C ILE A 756 -7.70 -18.61 6.98
N GLU A 757 -8.01 -17.54 7.71
CA GLU A 757 -8.45 -17.62 9.10
C GLU A 757 -9.97 -17.51 9.16
N LEU A 758 -10.63 -18.53 9.72
CA LEU A 758 -12.08 -18.58 9.89
C LEU A 758 -12.45 -18.45 11.36
N ASN A 759 -13.63 -17.89 11.62
CA ASN A 759 -14.18 -17.87 12.98
C ASN A 759 -14.69 -19.27 13.35
N PHE A 760 -14.77 -19.55 14.65
CA PHE A 760 -15.27 -20.82 15.20
C PHE A 760 -14.44 -22.07 14.88
N SER A 761 -13.13 -21.91 14.59
CA SER A 761 -12.18 -23.01 14.45
C SER A 761 -11.79 -23.68 15.78
N LYS A 762 -12.16 -23.07 16.91
CA LYS A 762 -11.87 -23.54 18.28
C LYS A 762 -13.11 -24.07 19.00
N VAL B 36 22.86 -3.04 -34.02
CA VAL B 36 22.49 -1.66 -33.67
C VAL B 36 23.69 -0.72 -33.81
N ALA B 37 23.55 0.29 -34.66
CA ALA B 37 24.55 1.32 -34.96
C ALA B 37 25.90 0.78 -35.45
N GLU B 38 25.89 -0.38 -36.14
CA GLU B 38 27.10 -1.03 -36.64
C GLU B 38 27.92 -0.11 -37.56
N HIS B 39 27.29 0.54 -38.54
CA HIS B 39 28.03 1.39 -39.48
C HIS B 39 28.57 2.65 -38.82
N TRP B 40 27.82 3.28 -37.92
CA TRP B 40 28.24 4.47 -37.18
C TRP B 40 29.43 4.17 -36.26
N LEU B 41 29.34 3.11 -35.45
CA LEU B 41 30.35 2.81 -34.41
C LEU B 41 31.65 2.22 -34.97
N LEU B 42 31.63 1.73 -36.21
CA LEU B 42 32.82 1.23 -36.91
C LEU B 42 33.55 2.31 -37.72
N GLN B 43 33.02 3.54 -37.79
CA GLN B 43 33.73 4.66 -38.41
C GLN B 43 35.02 5.01 -37.65
N PRO B 44 36.03 5.58 -38.34
CA PRO B 44 37.14 6.24 -37.68
C PRO B 44 36.65 7.44 -36.85
N LEU B 45 37.46 7.88 -35.89
CA LEU B 45 37.13 9.07 -35.10
C LEU B 45 36.94 10.29 -36.03
N PRO B 46 35.93 11.15 -35.76
CA PRO B 46 35.63 12.31 -36.60
C PRO B 46 36.70 13.41 -36.54
N GLU B 47 37.63 13.34 -35.59
CA GLU B 47 38.69 14.32 -35.37
C GLU B 47 40.01 13.62 -34.97
N PRO B 48 41.17 14.27 -35.18
CA PRO B 48 42.46 13.75 -34.71
C PRO B 48 42.51 13.56 -33.19
N GLU B 49 43.25 12.55 -32.73
CA GLU B 49 43.38 12.23 -31.29
C GLU B 49 43.88 13.40 -30.45
N SER B 50 44.73 14.27 -31.00
CA SER B 50 45.24 15.46 -30.30
C SER B 50 44.13 16.40 -29.84
N ARG B 51 43.03 16.53 -30.59
CA ARG B 51 41.87 17.33 -30.19
C ARG B 51 41.14 16.71 -29.00
N TYR B 52 40.98 15.38 -28.99
CA TYR B 52 40.40 14.68 -27.85
C TYR B 52 41.28 14.82 -26.61
N SER B 53 42.59 14.63 -26.75
CA SER B 53 43.56 14.79 -25.66
C SER B 53 43.56 16.20 -25.08
N PHE B 54 43.44 17.23 -25.93
CA PHE B 54 43.31 18.62 -25.48
C PHE B 54 42.06 18.82 -24.61
N TRP B 55 40.88 18.46 -25.14
CA TRP B 55 39.62 18.70 -24.45
C TRP B 55 39.44 17.88 -23.18
N VAL B 56 39.87 16.60 -23.18
CA VAL B 56 39.80 15.75 -21.98
C VAL B 56 40.69 16.31 -20.86
N THR B 57 41.86 16.85 -21.21
CA THR B 57 42.76 17.48 -20.24
C THR B 57 42.12 18.71 -19.62
N ILE B 58 41.56 19.62 -20.44
CA ILE B 58 40.90 20.84 -19.95
C ILE B 58 39.75 20.51 -19.00
N VAL B 59 38.82 19.63 -19.40
CA VAL B 59 37.65 19.32 -18.56
C VAL B 59 38.02 18.56 -17.29
N THR B 60 39.07 17.73 -17.33
CA THR B 60 39.59 17.04 -16.14
C THR B 60 40.25 18.03 -15.17
N LEU B 61 40.99 19.02 -15.66
CA LEU B 61 41.56 20.08 -14.83
C LEU B 61 40.49 20.95 -14.17
N LEU B 62 39.40 21.28 -14.89
CA LEU B 62 38.25 21.98 -14.32
C LEU B 62 37.58 21.15 -13.22
N ALA B 63 37.38 19.84 -13.46
CA ALA B 63 36.80 18.93 -12.48
C ALA B 63 37.66 18.79 -11.21
N PHE B 64 38.98 18.73 -11.39
CA PHE B 64 39.96 18.71 -10.30
C PHE B 64 39.87 19.99 -9.48
N ALA B 65 39.92 21.16 -10.14
CA ALA B 65 39.82 22.45 -9.46
C ALA B 65 38.51 22.59 -8.66
N ALA B 66 37.38 22.20 -9.23
CA ALA B 66 36.08 22.28 -8.56
C ALA B 66 35.97 21.37 -7.32
N ARG B 67 36.61 20.20 -7.31
CA ARG B 67 36.51 19.24 -6.19
C ARG B 67 37.54 19.52 -5.09
N PHE B 68 38.76 19.90 -5.47
CA PHE B 68 39.85 20.17 -4.53
C PHE B 68 39.85 21.58 -3.95
N TYR B 69 39.04 22.50 -4.49
CA TYR B 69 38.89 23.83 -3.91
C TYR B 69 38.47 23.72 -2.43
N LYS B 70 39.30 24.27 -1.55
CA LYS B 70 39.13 24.30 -0.09
C LYS B 70 38.69 22.95 0.51
N ILE B 71 39.30 21.85 0.08
CA ILE B 71 38.91 20.50 0.52
C ILE B 71 39.06 20.27 2.04
N TRP B 72 39.90 21.04 2.71
CA TRP B 72 40.08 21.02 4.16
C TRP B 72 38.92 21.69 4.94
N TYR B 73 38.02 22.41 4.24
CA TYR B 73 36.92 23.15 4.84
C TYR B 73 35.57 22.49 4.54
N PRO B 74 34.62 22.44 5.49
CA PRO B 74 34.75 22.82 6.91
C PRO B 74 35.62 21.81 7.67
N LYS B 75 36.25 22.22 8.77
CA LYS B 75 37.03 21.34 9.65
C LYS B 75 36.14 20.58 10.64
N GLU B 76 34.95 20.23 10.20
CA GLU B 76 33.91 19.61 11.00
C GLU B 76 33.24 18.49 10.21
N VAL B 77 32.62 17.57 10.94
CA VAL B 77 31.81 16.49 10.38
C VAL B 77 30.57 17.08 9.68
N VAL B 78 30.35 16.68 8.42
CA VAL B 78 29.26 17.17 7.56
C VAL B 78 28.30 16.04 7.21
N PHE B 79 26.98 16.27 7.33
CA PHE B 79 25.95 15.35 6.83
C PHE B 79 26.25 13.87 7.19
N ASP B 80 26.14 12.96 6.22
CA ASP B 80 26.38 11.52 6.35
C ASP B 80 27.86 11.13 6.60
N GLU B 81 28.80 12.08 6.74
CA GLU B 81 30.13 11.78 7.29
C GLU B 81 30.00 11.15 8.70
N VAL B 82 28.92 11.47 9.43
CA VAL B 82 28.57 10.84 10.73
C VAL B 82 28.40 9.33 10.65
N HIS B 83 28.00 8.81 9.49
CA HIS B 83 27.80 7.38 9.27
C HIS B 83 29.05 6.76 8.66
N PHE B 84 29.55 7.31 7.55
CA PHE B 84 30.62 6.65 6.80
C PHE B 84 32.01 6.84 7.44
N GLY B 85 32.24 7.95 8.12
CA GLY B 85 33.42 8.14 8.97
C GLY B 85 33.40 7.16 10.16
N LYS B 86 32.25 7.04 10.82
CA LYS B 86 32.04 6.07 11.92
C LYS B 86 32.28 4.63 11.48
N PHE B 87 31.77 4.22 10.32
CA PHE B 87 32.01 2.90 9.77
C PHE B 87 33.49 2.66 9.43
N ALA B 88 34.19 3.68 8.94
CA ALA B 88 35.63 3.60 8.71
C ALA B 88 36.39 3.32 10.02
N SER B 89 36.03 4.03 11.10
CA SER B 89 36.56 3.80 12.44
C SER B 89 36.30 2.38 12.94
N TYR B 90 35.08 1.85 12.79
CA TYR B 90 34.79 0.46 13.21
C TYR B 90 35.56 -0.61 12.43
N TYR B 91 35.85 -0.38 11.15
CA TYR B 91 36.73 -1.30 10.40
C TYR B 91 38.15 -1.33 10.96
N LEU B 92 38.70 -0.18 11.33
CA LEU B 92 40.06 -0.05 11.87
C LEU B 92 40.16 -0.69 13.26
N GLU B 93 39.13 -0.55 14.08
CA GLU B 93 39.02 -1.21 15.38
C GLU B 93 38.62 -2.69 15.31
N ARG B 94 38.20 -3.15 14.13
CA ARG B 94 37.68 -4.52 13.89
C ARG B 94 36.37 -4.82 14.62
N SER B 95 35.63 -3.78 14.99
CA SER B 95 34.35 -3.85 15.72
C SER B 95 33.20 -4.10 14.76
N TYR B 96 32.40 -5.14 15.02
CA TYR B 96 31.28 -5.48 14.17
C TYR B 96 30.19 -4.42 14.19
N PHE B 97 29.79 -3.96 13.00
CA PHE B 97 28.68 -3.03 12.81
C PHE B 97 27.74 -3.54 11.72
N PHE B 98 26.48 -3.13 11.82
CA PHE B 98 25.46 -3.43 10.82
C PHE B 98 25.17 -2.19 9.99
N ASP B 99 24.93 -2.38 8.70
CA ASP B 99 24.46 -1.33 7.79
C ASP B 99 23.57 -1.96 6.71
N VAL B 100 22.67 -1.15 6.16
CA VAL B 100 21.70 -1.56 5.12
C VAL B 100 22.31 -1.64 3.72
N HIS B 101 23.55 -1.15 3.54
CA HIS B 101 24.28 -1.20 2.28
C HIS B 101 25.46 -2.19 2.29
N PRO B 102 25.82 -2.76 1.12
CA PRO B 102 26.94 -3.69 1.05
C PRO B 102 28.29 -3.03 1.40
N PRO B 103 29.32 -3.83 1.72
CA PRO B 103 30.47 -3.33 2.47
C PRO B 103 31.55 -2.62 1.64
N PHE B 104 31.58 -2.78 0.31
CA PHE B 104 32.74 -2.41 -0.51
C PHE B 104 33.15 -0.94 -0.37
N ALA B 105 32.21 -0.01 -0.56
CA ALA B 105 32.53 1.41 -0.51
C ALA B 105 33.01 1.88 0.87
N LYS B 106 32.39 1.37 1.95
CA LYS B 106 32.83 1.64 3.33
C LYS B 106 34.23 1.08 3.61
N MET B 107 34.55 -0.12 3.08
CA MET B 107 35.90 -0.67 3.17
C MET B 107 36.92 0.14 2.39
N MET B 108 36.56 0.73 1.24
CA MET B 108 37.46 1.63 0.52
C MET B 108 37.77 2.89 1.34
N ILE B 109 36.76 3.49 1.99
CA ILE B 109 36.98 4.62 2.89
C ILE B 109 37.89 4.19 4.04
N ALA B 110 37.56 3.10 4.75
CA ALA B 110 38.40 2.57 5.82
C ALA B 110 39.84 2.28 5.39
N PHE B 111 40.04 1.79 4.17
CA PHE B 111 41.36 1.52 3.62
C PHE B 111 42.23 2.78 3.49
N ILE B 112 41.63 3.94 3.18
CA ILE B 112 42.36 5.22 3.19
C ILE B 112 42.80 5.58 4.61
N GLY B 113 41.96 5.35 5.60
CA GLY B 113 42.29 5.57 7.01
C GLY B 113 43.44 4.68 7.46
N TRP B 114 43.38 3.42 7.06
CA TRP B 114 44.44 2.44 7.30
C TRP B 114 45.77 2.86 6.67
N LEU B 115 45.77 3.37 5.44
CA LEU B 115 46.97 3.91 4.78
C LEU B 115 47.54 5.14 5.50
N CYS B 116 46.69 5.94 6.15
CA CYS B 116 47.11 7.08 6.97
C CYS B 116 47.56 6.69 8.39
N GLY B 117 47.51 5.41 8.77
CA GLY B 117 47.82 4.96 10.13
C GLY B 117 46.80 5.39 11.18
N TYR B 118 45.57 5.70 10.76
CA TYR B 118 44.48 6.05 11.66
C TYR B 118 43.96 4.80 12.40
N ASP B 119 43.69 4.94 13.70
CA ASP B 119 43.34 3.85 14.61
C ASP B 119 41.82 3.65 14.78
N GLY B 120 41.01 4.62 14.34
CA GLY B 120 39.55 4.58 14.51
C GLY B 120 39.02 5.21 15.80
N SER B 121 39.86 5.93 16.55
CA SER B 121 39.49 6.58 17.82
C SER B 121 38.31 7.55 17.68
N PHE B 122 38.29 8.40 16.65
CA PHE B 122 37.21 9.37 16.40
C PHE B 122 35.96 8.73 15.80
N LYS B 123 34.78 9.00 16.38
CA LYS B 123 33.52 8.32 16.03
C LYS B 123 32.59 9.08 15.10
N PHE B 124 32.84 10.34 14.77
CA PHE B 124 31.97 11.13 13.90
C PHE B 124 30.50 11.13 14.42
N ASP B 125 30.29 11.33 15.73
CA ASP B 125 28.96 11.09 16.32
C ASP B 125 27.88 12.07 15.84
N GLU B 126 28.23 13.34 15.65
CA GLU B 126 27.29 14.39 15.27
C GLU B 126 27.86 15.32 14.18
N ILE B 127 26.96 15.98 13.45
CA ILE B 127 27.30 17.04 12.51
C ILE B 127 27.84 18.23 13.32
N GLY B 128 28.93 18.85 12.84
CA GLY B 128 29.56 19.99 13.50
C GLY B 128 30.70 19.62 14.45
N TYR B 129 30.94 18.32 14.71
CA TYR B 129 32.10 17.90 15.50
C TYR B 129 33.41 18.31 14.84
N SER B 130 34.27 18.97 15.61
CA SER B 130 35.57 19.44 15.12
C SER B 130 36.54 18.28 14.88
N TYR B 131 37.22 18.31 13.73
CA TYR B 131 38.34 17.42 13.44
C TYR B 131 39.65 17.85 14.13
N GLU B 132 39.67 18.97 14.85
CA GLU B 132 40.88 19.47 15.53
C GLU B 132 41.09 18.82 16.91
N THR B 133 40.01 18.51 17.64
CA THR B 133 40.09 17.92 18.98
C THR B 133 40.46 16.43 18.94
N HIS B 134 40.01 15.71 17.91
CA HIS B 134 40.30 14.29 17.68
C HIS B 134 40.64 14.06 16.20
N PRO B 135 41.94 14.04 15.83
CA PRO B 135 42.35 14.11 14.43
C PRO B 135 42.06 12.80 13.67
N ALA B 136 40.89 12.73 13.03
CA ALA B 136 40.65 11.79 11.94
C ALA B 136 41.31 12.29 10.64
N PRO B 137 41.78 11.42 9.72
CA PRO B 137 42.40 11.83 8.46
C PRO B 137 41.35 12.29 7.42
N TYR B 138 40.47 13.22 7.80
CA TYR B 138 39.33 13.68 7.02
C TYR B 138 39.74 14.29 5.67
N ILE B 139 40.88 15.00 5.61
CA ILE B 139 41.41 15.54 4.35
C ILE B 139 41.76 14.40 3.39
N ALA B 140 42.33 13.29 3.88
CA ALA B 140 42.67 12.14 3.06
C ALA B 140 41.41 11.45 2.54
N TYR B 141 40.39 11.26 3.40
CA TYR B 141 39.10 10.71 3.00
C TYR B 141 38.39 11.58 1.94
N ARG B 142 38.29 12.89 2.18
CA ARG B 142 37.71 13.84 1.23
C ARG B 142 38.49 13.88 -0.09
N SER B 143 39.82 13.85 -0.01
CA SER B 143 40.70 13.81 -1.20
C SER B 143 40.50 12.54 -2.01
N PHE B 144 40.34 11.38 -1.36
CA PHE B 144 40.03 10.13 -2.06
C PHE B 144 38.73 10.26 -2.88
N ASN B 145 37.67 10.77 -2.28
CA ASN B 145 36.41 11.00 -3.00
C ASN B 145 36.56 12.04 -4.12
N ALA B 146 37.31 13.12 -3.87
CA ALA B 146 37.57 14.15 -4.88
C ALA B 146 38.35 13.60 -6.09
N ILE B 147 39.28 12.66 -5.87
CA ILE B 147 39.98 11.93 -6.94
C ILE B 147 38.97 11.11 -7.75
N LEU B 148 38.11 10.34 -7.10
CA LEU B 148 37.13 9.50 -7.81
C LEU B 148 36.11 10.34 -8.60
N GLY B 149 35.61 11.43 -8.00
CA GLY B 149 34.75 12.39 -8.68
C GLY B 149 35.44 13.04 -9.88
N THR B 150 36.72 13.38 -9.77
CA THR B 150 37.52 13.94 -10.87
C THR B 150 37.72 12.91 -11.97
N LEU B 151 38.05 11.66 -11.65
CA LEU B 151 38.28 10.57 -12.61
C LEU B 151 37.00 10.10 -13.33
N THR B 152 35.83 10.37 -12.75
CA THR B 152 34.54 10.13 -13.44
C THR B 152 34.47 10.92 -14.74
N VAL B 153 34.91 12.18 -14.75
CA VAL B 153 34.82 13.11 -15.90
C VAL B 153 35.55 12.59 -17.16
N PRO B 154 36.82 12.17 -17.13
CA PRO B 154 37.48 11.60 -18.31
C PRO B 154 36.89 10.24 -18.74
N ILE B 155 36.28 9.45 -17.84
CA ILE B 155 35.58 8.22 -18.22
C ILE B 155 34.33 8.55 -19.05
N MET B 156 33.57 9.56 -18.62
CA MET B 156 32.40 10.07 -19.35
C MET B 156 32.80 10.61 -20.74
N PHE B 157 33.87 11.40 -20.79
CA PHE B 157 34.44 11.92 -22.04
C PHE B 157 34.79 10.78 -23.00
N ASN B 158 35.53 9.78 -22.51
CA ASN B 158 35.97 8.66 -23.34
C ASN B 158 34.83 7.74 -23.74
N THR B 159 33.73 7.68 -22.98
CA THR B 159 32.52 6.95 -23.38
C THR B 159 31.94 7.53 -24.66
N LEU B 160 31.77 8.85 -24.75
CA LEU B 160 31.29 9.49 -25.98
C LEU B 160 32.31 9.44 -27.13
N LYS B 161 33.60 9.56 -26.83
CA LYS B 161 34.66 9.37 -27.82
C LYS B 161 34.55 8.00 -28.48
N GLU B 162 34.35 6.96 -27.68
CA GLU B 162 34.20 5.60 -28.20
C GLU B 162 32.88 5.40 -28.95
N LEU B 163 31.84 6.17 -28.64
CA LEU B 163 30.61 6.23 -29.44
C LEU B 163 30.71 7.12 -30.68
N ASN B 164 31.95 7.49 -31.09
CA ASN B 164 32.30 8.25 -32.30
C ASN B 164 31.77 9.70 -32.34
N PHE B 165 31.45 10.30 -31.18
CA PHE B 165 31.11 11.73 -31.11
C PHE B 165 32.35 12.63 -31.18
N ARG B 166 32.17 13.90 -31.57
CA ARG B 166 33.25 14.88 -31.69
C ARG B 166 33.86 15.24 -30.34
N ALA B 167 35.09 15.74 -30.34
CA ALA B 167 35.81 16.06 -29.11
C ALA B 167 35.11 17.15 -28.29
N ILE B 168 34.53 18.16 -28.94
CA ILE B 168 33.76 19.23 -28.27
C ILE B 168 32.49 18.69 -27.59
N THR B 169 31.84 17.70 -28.20
CA THR B 169 30.65 17.03 -27.67
C THR B 169 31.00 16.24 -26.41
N CYS B 170 32.11 15.50 -26.47
CA CYS B 170 32.67 14.77 -25.33
C CYS B 170 33.02 15.73 -24.19
N ALA B 171 33.63 16.87 -24.51
CA ALA B 171 34.01 17.91 -23.55
C ALA B 171 32.78 18.49 -22.86
N PHE B 172 31.76 18.86 -23.63
CA PHE B 172 30.54 19.46 -23.12
C PHE B 172 29.76 18.53 -22.18
N ALA B 173 29.50 17.29 -22.60
CA ALA B 173 28.81 16.32 -21.75
C ALA B 173 29.55 16.06 -20.43
N SER B 174 30.88 16.03 -20.49
CA SER B 174 31.72 15.83 -19.30
C SER B 174 31.77 17.08 -18.43
N LEU B 175 31.72 18.28 -19.03
CA LEU B 175 31.65 19.56 -18.34
C LEU B 175 30.36 19.66 -17.51
N LEU B 176 29.22 19.20 -18.05
CA LEU B 176 27.96 19.16 -17.30
C LEU B 176 28.05 18.35 -16.00
N VAL B 177 28.98 17.40 -15.87
CA VAL B 177 29.25 16.66 -14.62
C VAL B 177 30.40 17.30 -13.83
N ALA B 178 31.39 17.86 -14.52
CA ALA B 178 32.56 18.48 -13.90
C ALA B 178 32.19 19.65 -12.98
N ILE B 179 31.22 20.46 -13.40
CA ILE B 179 30.75 21.68 -12.73
C ILE B 179 29.25 21.63 -12.36
N ASP B 180 28.71 20.43 -12.15
CA ASP B 180 27.39 20.29 -11.51
C ASP B 180 27.53 20.43 -10.00
N THR B 181 26.69 21.26 -9.39
CA THR B 181 26.78 21.57 -7.96
C THR B 181 26.54 20.35 -7.08
N ALA B 182 25.62 19.46 -7.44
CA ALA B 182 25.32 18.26 -6.67
C ALA B 182 26.45 17.23 -6.76
N HIS B 183 26.93 16.93 -7.97
CA HIS B 183 28.08 16.04 -8.19
C HIS B 183 29.34 16.58 -7.51
N VAL B 184 29.57 17.89 -7.53
CA VAL B 184 30.70 18.48 -6.82
C VAL B 184 30.50 18.30 -5.31
N THR B 185 29.43 18.80 -4.69
CA THR B 185 29.19 18.68 -3.24
C THR B 185 29.36 17.26 -2.71
N GLU B 186 28.74 16.26 -3.34
CA GLU B 186 28.81 14.85 -2.91
C GLU B 186 30.22 14.26 -3.01
N THR B 187 30.94 14.58 -4.10
CA THR B 187 32.24 13.95 -4.37
C THR B 187 33.43 14.61 -3.65
N ARG B 188 33.21 15.61 -2.79
CA ARG B 188 34.27 16.20 -1.93
C ARG B 188 34.10 15.87 -0.45
N LEU B 189 32.99 15.27 -0.05
CA LEU B 189 32.69 14.88 1.32
C LEU B 189 32.87 13.36 1.50
N ILE B 190 32.94 12.85 2.73
CA ILE B 190 33.16 11.42 3.02
C ILE B 190 31.86 10.61 2.82
N LEU B 191 31.45 10.45 1.56
CA LEU B 191 30.21 9.80 1.13
C LEU B 191 30.49 8.60 0.22
N LEU B 192 29.52 7.68 0.07
CA LEU B 192 29.67 6.49 -0.78
C LEU B 192 29.49 6.82 -2.28
N ASP B 193 28.89 7.96 -2.59
CA ASP B 193 28.40 8.29 -3.92
C ASP B 193 29.51 8.53 -4.93
N ALA B 194 30.69 9.01 -4.50
CA ALA B 194 31.87 9.11 -5.35
C ALA B 194 32.29 7.74 -5.93
N ILE B 195 32.27 6.69 -5.09
CA ILE B 195 32.60 5.31 -5.47
C ILE B 195 31.50 4.71 -6.35
N LEU B 196 30.23 5.02 -6.06
CA LEU B 196 29.10 4.58 -6.87
C LEU B 196 29.15 5.17 -8.28
N ILE B 197 29.26 6.49 -8.40
CA ILE B 197 29.19 7.24 -9.65
C ILE B 197 30.35 6.88 -10.58
N ILE B 198 31.59 6.78 -10.07
CA ILE B 198 32.72 6.34 -10.90
C ILE B 198 32.54 4.90 -11.38
N SER B 199 31.97 4.01 -10.56
CA SER B 199 31.72 2.61 -10.94
C SER B 199 30.63 2.51 -12.02
N ILE B 200 29.61 3.38 -11.98
CA ILE B 200 28.58 3.47 -13.03
C ILE B 200 29.19 4.01 -14.32
N ALA B 201 29.98 5.08 -14.26
CA ALA B 201 30.69 5.63 -15.42
C ALA B 201 31.60 4.58 -16.07
N ALA B 202 32.40 3.87 -15.24
CA ALA B 202 33.27 2.79 -15.69
C ALA B 202 32.47 1.65 -16.33
N THR B 203 31.31 1.29 -15.78
CA THR B 203 30.41 0.28 -16.35
C THR B 203 29.95 0.66 -17.75
N MET B 204 29.47 1.88 -17.93
CA MET B 204 29.02 2.39 -19.24
C MET B 204 30.16 2.39 -20.25
N TYR B 205 31.32 2.91 -19.87
CA TYR B 205 32.51 2.93 -20.71
C TYR B 205 32.96 1.50 -21.11
N CYS B 206 33.13 0.60 -20.15
CA CYS B 206 33.55 -0.77 -20.40
C CYS B 206 32.56 -1.51 -21.31
N TYR B 207 31.26 -1.31 -21.11
CA TYR B 207 30.24 -1.92 -21.98
C TYR B 207 30.30 -1.39 -23.42
N VAL B 208 30.47 -0.08 -23.62
CA VAL B 208 30.68 0.51 -24.95
C VAL B 208 31.92 -0.10 -25.63
N ARG B 209 33.03 -0.23 -24.90
CA ARG B 209 34.26 -0.86 -25.41
C ARG B 209 34.04 -2.33 -25.78
N PHE B 210 33.35 -3.07 -24.92
CA PHE B 210 32.94 -4.45 -25.19
C PHE B 210 32.09 -4.55 -26.45
N TYR B 211 31.09 -3.68 -26.60
CA TYR B 211 30.19 -3.68 -27.75
C TYR B 211 30.94 -3.36 -29.05
N LYS B 212 31.86 -2.41 -29.07
CA LYS B 212 32.72 -2.19 -30.26
C LYS B 212 33.58 -3.39 -30.61
N CYS B 213 34.15 -4.08 -29.61
CA CYS B 213 34.87 -5.33 -29.85
C CYS B 213 33.95 -6.42 -30.40
N GLN B 214 32.70 -6.50 -29.90
CA GLN B 214 31.68 -7.42 -30.40
C GLN B 214 31.34 -7.15 -31.88
N LEU B 215 31.20 -5.88 -32.28
CA LEU B 215 30.92 -5.50 -33.67
C LEU B 215 32.10 -5.82 -34.60
N ARG B 216 33.34 -5.58 -34.17
CA ARG B 216 34.54 -5.84 -34.99
C ARG B 216 34.85 -7.32 -35.13
N GLN B 217 35.07 -7.99 -33.99
CA GLN B 217 35.46 -9.39 -33.95
C GLN B 217 35.18 -9.99 -32.57
N PRO B 218 34.12 -10.81 -32.42
CA PRO B 218 33.82 -11.46 -31.16
C PRO B 218 34.86 -12.51 -30.78
N PHE B 219 34.94 -12.83 -29.48
CA PHE B 219 35.85 -13.82 -28.92
C PHE B 219 37.35 -13.54 -29.09
N THR B 220 37.73 -12.31 -29.40
CA THR B 220 39.12 -11.84 -29.30
C THR B 220 39.54 -11.66 -27.84
N TRP B 221 40.83 -11.58 -27.57
CA TRP B 221 41.34 -11.30 -26.22
C TRP B 221 40.78 -9.97 -25.67
N SER B 222 40.74 -8.92 -26.49
CA SER B 222 40.13 -7.65 -26.13
C SER B 222 38.65 -7.77 -25.80
N TRP B 223 37.89 -8.62 -26.54
CA TRP B 223 36.48 -8.88 -26.23
C TRP B 223 36.30 -9.47 -24.82
N TYR B 224 37.16 -10.41 -24.42
CA TYR B 224 37.13 -10.99 -23.07
C TYR B 224 37.51 -9.96 -22.00
N ILE B 225 38.57 -9.18 -22.23
CA ILE B 225 38.99 -8.12 -21.29
C ILE B 225 37.83 -7.16 -21.01
N TRP B 226 37.20 -6.63 -22.06
CA TRP B 226 36.13 -5.65 -21.87
C TRP B 226 34.87 -6.25 -21.28
N LEU B 227 34.52 -7.50 -21.62
CA LEU B 227 33.41 -8.21 -20.99
C LEU B 227 33.61 -8.36 -19.47
N HIS B 228 34.78 -8.82 -19.05
CA HIS B 228 35.08 -9.01 -17.64
C HIS B 228 35.29 -7.67 -16.91
N ALA B 229 35.80 -6.63 -17.59
CA ALA B 229 35.86 -5.29 -17.05
C ALA B 229 34.46 -4.69 -16.82
N THR B 230 33.51 -4.92 -17.73
CA THR B 230 32.10 -4.53 -17.51
C THR B 230 31.53 -5.25 -16.29
N GLY B 231 31.76 -6.57 -16.16
CA GLY B 231 31.33 -7.34 -15.01
C GLY B 231 31.93 -6.86 -13.69
N LEU B 232 33.24 -6.59 -13.68
CA LEU B 232 33.95 -6.07 -12.51
C LEU B 232 33.35 -4.73 -12.05
N SER B 233 33.17 -3.79 -12.99
CA SER B 233 32.55 -2.49 -12.70
C SER B 233 31.11 -2.63 -12.20
N LEU B 234 30.31 -3.51 -12.81
CA LEU B 234 28.95 -3.84 -12.32
C LEU B 234 28.99 -4.39 -10.90
N SER B 235 29.96 -5.24 -10.57
CA SER B 235 30.13 -5.74 -9.20
C SER B 235 30.39 -4.60 -8.22
N PHE B 236 31.23 -3.63 -8.55
CA PHE B 236 31.51 -2.48 -7.68
C PHE B 236 30.28 -1.59 -7.47
N VAL B 237 29.45 -1.45 -8.50
CA VAL B 237 28.18 -0.70 -8.41
C VAL B 237 27.25 -1.33 -7.37
N ILE B 238 26.94 -2.63 -7.50
CA ILE B 238 26.02 -3.31 -6.55
C ILE B 238 26.65 -3.53 -5.17
N SER B 239 27.98 -3.64 -5.09
CA SER B 239 28.70 -3.74 -3.80
C SER B 239 28.80 -2.40 -3.06
N THR B 240 28.46 -1.29 -3.71
CA THR B 240 28.40 0.03 -3.08
C THR B 240 27.01 0.33 -2.54
N LYS B 241 25.96 0.25 -3.38
CA LYS B 241 24.56 0.46 -2.99
C LYS B 241 23.64 -0.43 -3.83
N TYR B 242 22.53 -0.90 -3.24
CA TYR B 242 21.56 -1.77 -3.96
C TYR B 242 20.85 -1.09 -5.13
N VAL B 243 20.80 0.25 -5.16
CA VAL B 243 20.37 1.02 -6.34
C VAL B 243 21.18 0.66 -7.59
N GLY B 244 22.38 0.08 -7.43
CA GLY B 244 23.18 -0.47 -8.50
C GLY B 244 22.49 -1.55 -9.36
N VAL B 245 21.39 -2.15 -8.88
CA VAL B 245 20.53 -3.02 -9.70
C VAL B 245 19.98 -2.32 -10.95
N MET B 246 19.83 -0.99 -10.90
CA MET B 246 19.39 -0.18 -12.04
C MET B 246 20.45 -0.18 -13.15
N THR B 247 21.73 -0.18 -12.78
CA THR B 247 22.85 -0.27 -13.72
C THR B 247 22.93 -1.68 -14.33
N TYR B 248 22.71 -2.73 -13.53
CA TYR B 248 22.55 -4.09 -14.05
C TYR B 248 21.39 -4.20 -15.03
N SER B 249 20.27 -3.53 -14.75
CA SER B 249 19.10 -3.54 -15.63
C SER B 249 19.38 -2.83 -16.96
N ALA B 250 20.05 -1.68 -16.91
CA ALA B 250 20.45 -0.92 -18.11
C ALA B 250 21.40 -1.73 -19.03
N ILE B 251 22.49 -2.28 -18.47
CA ILE B 251 23.44 -3.09 -19.22
C ILE B 251 22.82 -4.43 -19.64
N GLY B 252 22.02 -5.05 -18.77
CA GLY B 252 21.31 -6.29 -19.04
C GLY B 252 20.36 -6.15 -20.21
N PHE B 253 19.57 -5.06 -20.27
CA PHE B 253 18.71 -4.77 -21.40
C PHE B 253 19.51 -4.66 -22.70
N ALA B 254 20.58 -3.87 -22.72
CA ALA B 254 21.42 -3.71 -23.90
C ALA B 254 22.08 -5.05 -24.33
N ALA B 255 22.51 -5.86 -23.37
CA ALA B 255 23.10 -7.17 -23.63
C ALA B 255 22.09 -8.17 -24.20
N VAL B 256 20.84 -8.13 -23.71
CA VAL B 256 19.72 -8.96 -24.21
C VAL B 256 19.31 -8.52 -25.62
N VAL B 257 19.20 -7.22 -25.89
CA VAL B 257 18.95 -6.69 -27.25
C VAL B 257 20.01 -7.19 -28.22
N ASN B 258 21.28 -7.13 -27.84
CA ASN B 258 22.33 -7.63 -28.71
C ASN B 258 22.31 -9.17 -28.85
N LEU B 259 22.02 -9.92 -27.78
CA LEU B 259 21.82 -11.37 -27.90
C LEU B 259 20.64 -11.73 -28.80
N TRP B 260 19.57 -10.93 -28.78
CA TRP B 260 18.43 -11.09 -29.68
C TRP B 260 18.82 -10.92 -31.15
N GLN B 261 19.65 -9.92 -31.47
CA GLN B 261 20.21 -9.76 -32.83
C GLN B 261 21.08 -10.93 -33.25
N LEU B 262 21.88 -11.49 -32.33
CA LEU B 262 22.74 -12.66 -32.61
C LEU B 262 21.95 -13.98 -32.75
N LEU B 263 20.73 -14.04 -32.22
CA LEU B 263 19.84 -15.20 -32.35
C LEU B 263 19.13 -15.23 -33.71
N ASP B 264 19.00 -14.09 -34.38
CA ASP B 264 18.41 -14.00 -35.72
C ASP B 264 19.17 -14.87 -36.72
N ILE B 265 18.45 -15.65 -37.52
CA ILE B 265 19.00 -16.48 -38.61
C ILE B 265 19.84 -15.62 -39.58
N LYS B 266 19.45 -14.36 -39.77
CA LYS B 266 20.18 -13.39 -40.62
C LYS B 266 21.56 -13.02 -40.06
N ALA B 267 21.84 -13.26 -38.77
CA ALA B 267 23.17 -13.06 -38.19
C ALA B 267 24.18 -14.10 -38.70
N GLY B 268 23.70 -15.22 -39.27
CA GLY B 268 24.54 -16.27 -39.85
C GLY B 268 25.26 -17.13 -38.81
N LEU B 269 24.81 -17.11 -37.55
CA LEU B 269 25.37 -17.90 -36.47
C LEU B 269 24.63 -19.25 -36.34
N SER B 270 25.40 -20.31 -36.14
CA SER B 270 24.86 -21.61 -35.67
C SER B 270 24.39 -21.50 -34.22
N LEU B 271 23.47 -22.38 -33.80
CA LEU B 271 22.99 -22.39 -32.42
C LEU B 271 24.14 -22.63 -31.41
N ARG B 272 25.16 -23.41 -31.79
CA ARG B 272 26.37 -23.61 -30.96
C ARG B 272 27.17 -22.32 -30.75
N GLN B 273 27.32 -21.50 -31.80
CA GLN B 273 28.01 -20.21 -31.71
C GLN B 273 27.21 -19.21 -30.86
N PHE B 274 25.89 -19.17 -31.03
CA PHE B 274 25.01 -18.39 -30.17
C PHE B 274 25.13 -18.81 -28.70
N MET B 275 25.05 -20.11 -28.41
CA MET B 275 25.20 -20.61 -27.02
C MET B 275 26.57 -20.26 -26.44
N ARG B 276 27.64 -20.23 -27.25
CA ARG B 276 28.96 -19.74 -26.82
C ARG B 276 28.90 -18.26 -26.42
N HIS B 277 28.22 -17.39 -27.18
CA HIS B 277 28.01 -16.00 -26.79
C HIS B 277 27.24 -15.90 -25.48
N PHE B 278 26.12 -16.61 -25.37
CA PHE B 278 25.27 -16.61 -24.18
C PHE B 278 26.05 -17.04 -22.92
N SER B 279 26.69 -18.22 -22.94
CA SER B 279 27.41 -18.72 -21.76
C SER B 279 28.57 -17.83 -21.34
N LYS B 280 29.31 -17.23 -22.29
CA LYS B 280 30.41 -16.32 -21.95
C LYS B 280 29.90 -15.01 -21.34
N ARG B 281 28.81 -14.44 -21.87
CA ARG B 281 28.20 -13.22 -21.30
C ARG B 281 27.58 -13.48 -19.93
N LEU B 282 26.89 -14.61 -19.74
CA LEU B 282 26.38 -15.04 -18.43
C LEU B 282 27.51 -15.13 -17.40
N ASN B 283 28.63 -15.73 -17.78
CA ASN B 283 29.79 -15.82 -16.90
C ASN B 283 30.40 -14.45 -16.57
N GLY B 284 30.63 -13.61 -17.58
CA GLY B 284 31.27 -12.30 -17.41
C GLY B 284 30.39 -11.23 -16.76
N LEU B 285 29.07 -11.25 -16.97
CA LEU B 285 28.14 -10.22 -16.50
C LEU B 285 27.31 -10.64 -15.27
N VAL B 286 27.29 -11.91 -14.89
CA VAL B 286 26.49 -12.40 -13.75
C VAL B 286 27.33 -13.21 -12.76
N LEU B 287 27.95 -14.31 -13.20
CA LEU B 287 28.61 -15.24 -12.28
C LEU B 287 29.86 -14.66 -11.62
N ILE B 288 30.79 -14.10 -12.40
CA ILE B 288 32.02 -13.49 -11.86
C ILE B 288 31.69 -12.27 -10.97
N PRO B 289 30.83 -11.32 -11.40
CA PRO B 289 30.44 -10.21 -10.55
C PRO B 289 29.80 -10.66 -9.23
N PHE B 290 28.99 -11.72 -9.25
CA PHE B 290 28.43 -12.28 -8.01
C PHE B 290 29.50 -12.85 -7.07
N VAL B 291 30.53 -13.52 -7.59
CA VAL B 291 31.66 -13.99 -6.78
C VAL B 291 32.43 -12.82 -6.15
N ILE B 292 32.66 -11.74 -6.90
CA ILE B 292 33.34 -10.54 -6.40
C ILE B 292 32.49 -9.84 -5.34
N TYR B 293 31.17 -9.78 -5.53
CA TYR B 293 30.24 -9.30 -4.51
C TYR B 293 30.33 -10.09 -3.20
N LEU B 294 30.34 -11.44 -3.28
CA LEU B 294 30.54 -12.30 -2.10
C LEU B 294 31.92 -12.11 -1.46
N PHE B 295 32.96 -11.89 -2.26
CA PHE B 295 34.31 -11.64 -1.77
C PHE B 295 34.36 -10.44 -0.82
N TRP B 296 33.65 -9.35 -1.12
CA TRP B 296 33.61 -8.18 -0.23
C TRP B 296 32.95 -8.47 1.12
N PHE B 297 31.94 -9.33 1.16
CA PHE B 297 31.37 -9.80 2.43
C PHE B 297 32.32 -10.72 3.19
N TRP B 298 33.06 -11.56 2.48
CA TRP B 298 34.09 -12.39 3.11
C TRP B 298 35.17 -11.53 3.77
N VAL B 299 35.67 -10.49 3.08
CA VAL B 299 36.60 -9.51 3.67
C VAL B 299 35.96 -8.83 4.87
N HIS B 300 34.73 -8.32 4.73
CA HIS B 300 33.99 -7.64 5.80
C HIS B 300 33.93 -8.48 7.09
N PHE B 301 33.52 -9.75 7.00
CA PHE B 301 33.45 -10.64 8.18
C PHE B 301 34.82 -11.06 8.71
N THR B 302 35.87 -11.03 7.89
CA THR B 302 37.24 -11.37 8.30
C THR B 302 37.90 -10.20 9.05
N VAL B 303 37.61 -8.97 8.60
CA VAL B 303 38.10 -7.75 9.25
C VAL B 303 37.34 -7.53 10.55
N LEU B 304 36.00 -7.56 10.53
CA LEU B 304 35.13 -7.36 11.70
C LEU B 304 34.93 -8.66 12.48
N ASN B 305 35.88 -8.96 13.37
CA ASN B 305 35.93 -10.19 14.15
C ASN B 305 35.70 -9.98 15.65
N THR B 306 35.38 -8.76 16.05
CA THR B 306 35.13 -8.35 17.44
C THR B 306 33.70 -7.88 17.60
N SER B 307 33.10 -8.15 18.76
CA SER B 307 31.75 -7.69 19.13
C SER B 307 31.65 -6.16 19.07
N GLY B 308 30.51 -5.64 18.62
CA GLY B 308 30.33 -4.22 18.38
C GLY B 308 28.86 -3.79 18.25
N PRO B 309 28.58 -2.53 17.83
CA PRO B 309 27.22 -2.00 17.78
C PRO B 309 26.29 -2.74 16.81
N GLY B 310 26.84 -3.55 15.89
CA GLY B 310 26.07 -4.37 14.96
C GLY B 310 25.46 -5.63 15.57
N ASP B 311 25.88 -6.02 16.77
CA ASP B 311 25.51 -7.30 17.37
C ASP B 311 23.99 -7.41 17.55
N ALA B 312 23.33 -6.31 17.94
CA ALA B 312 21.89 -6.25 18.17
C ALA B 312 21.02 -6.61 16.95
N PHE B 313 21.60 -6.59 15.75
CA PHE B 313 20.90 -6.90 14.50
C PHE B 313 21.04 -8.36 14.06
N MET B 314 21.89 -9.13 14.74
CA MET B 314 22.27 -10.49 14.37
C MET B 314 21.82 -11.49 15.43
N SER B 315 21.72 -12.75 15.02
CA SER B 315 21.42 -13.87 15.92
C SER B 315 22.53 -14.13 16.93
N ALA B 316 22.19 -14.77 18.04
CA ALA B 316 23.17 -15.24 19.02
C ALA B 316 24.24 -16.16 18.38
N GLU B 317 23.84 -17.01 17.42
CA GLU B 317 24.77 -17.89 16.70
C GLU B 317 25.81 -17.10 15.89
N PHE B 318 25.41 -16.01 15.23
CA PHE B 318 26.33 -15.10 14.57
C PHE B 318 27.25 -14.41 15.58
N GLN B 319 26.70 -13.90 16.68
CA GLN B 319 27.46 -13.22 17.73
C GLN B 319 28.50 -14.16 18.36
N GLU B 320 28.25 -15.47 18.45
CA GLU B 320 29.24 -16.46 18.92
C GLU B 320 30.49 -16.56 18.02
N THR B 321 30.42 -16.08 16.77
CA THR B 321 31.58 -15.99 15.86
C THR B 321 32.49 -14.80 16.14
N LEU B 322 32.03 -13.85 16.96
CA LEU B 322 32.74 -12.62 17.30
C LEU B 322 33.48 -12.81 18.63
N LYS B 323 34.73 -12.34 18.65
CA LYS B 323 35.50 -12.20 19.88
C LYS B 323 34.86 -11.14 20.78
N ASP B 324 35.07 -11.28 22.08
CA ASP B 324 34.76 -10.21 23.02
C ASP B 324 35.59 -8.96 22.65
N SER B 325 35.00 -7.79 22.84
CA SER B 325 35.77 -6.55 22.65
C SER B 325 36.89 -6.47 23.70
N PRO B 326 38.08 -5.91 23.38
CA PRO B 326 39.12 -5.74 24.39
C PRO B 326 38.56 -4.89 25.54
N LEU B 327 37.34 -4.38 25.39
CA LEU B 327 36.74 -3.50 26.42
C LEU B 327 35.89 -4.32 27.38
N SER B 328 34.62 -3.95 27.55
CA SER B 328 33.73 -4.66 28.49
C SER B 328 32.46 -5.13 27.77
N VAL B 329 31.95 -6.32 28.12
CA VAL B 329 30.70 -6.84 27.50
C VAL B 329 29.73 -7.22 28.61
N ASP B 330 28.49 -6.73 28.55
CA ASP B 330 27.49 -7.03 29.60
C ASP B 330 26.66 -8.24 29.17
N SER B 331 27.07 -8.92 28.10
CA SER B 331 26.36 -10.14 27.65
C SER B 331 26.49 -11.22 28.73
N LYS B 332 25.84 -11.02 29.89
CA LYS B 332 25.99 -11.98 31.02
C LYS B 332 25.04 -13.16 30.82
N THR B 333 25.54 -14.38 30.96
CA THR B 333 24.68 -15.57 30.84
C THR B 333 23.60 -15.52 31.89
N VAL B 334 22.34 -15.74 31.50
CA VAL B 334 21.20 -15.87 32.40
C VAL B 334 21.11 -17.32 32.85
N ASN B 335 21.10 -17.53 34.16
CA ASN B 335 20.97 -18.84 34.79
C ASN B 335 19.58 -19.00 35.42
N TYR B 336 19.17 -20.24 35.63
CA TYR B 336 18.01 -20.50 36.49
C TYR B 336 18.25 -19.95 37.90
N PHE B 337 17.19 -19.42 38.50
CA PHE B 337 17.15 -18.69 39.77
C PHE B 337 17.85 -17.32 39.75
N ASP B 338 18.23 -16.81 38.57
CA ASP B 338 18.59 -15.41 38.42
C ASP B 338 17.32 -14.53 38.47
N ILE B 339 17.44 -13.38 39.12
CA ILE B 339 16.42 -12.32 39.14
C ILE B 339 16.78 -11.34 38.03
N ILE B 340 15.88 -11.18 37.07
CA ILE B 340 16.11 -10.42 35.85
C ILE B 340 15.07 -9.31 35.67
N THR B 341 15.45 -8.29 34.92
CA THR B 341 14.52 -7.32 34.33
C THR B 341 14.39 -7.61 32.84
N ILE B 342 13.16 -7.60 32.32
CA ILE B 342 12.87 -7.90 30.92
C ILE B 342 12.35 -6.62 30.28
N LYS B 343 13.02 -6.15 29.23
CA LYS B 343 12.76 -4.87 28.58
C LYS B 343 12.30 -5.06 27.14
N HIS B 344 11.27 -4.32 26.76
CA HIS B 344 10.72 -4.30 25.41
C HIS B 344 11.64 -3.51 24.48
N GLN B 345 11.88 -4.01 23.26
CA GLN B 345 12.84 -3.37 22.36
C GLN B 345 12.32 -2.07 21.73
N ASP B 346 11.03 -2.01 21.41
CA ASP B 346 10.47 -0.88 20.65
C ASP B 346 10.01 0.28 21.56
N THR B 347 9.54 -0.03 22.78
CA THR B 347 8.96 0.97 23.69
C THR B 347 9.83 1.27 24.90
N ASP B 348 10.96 0.57 25.04
CA ASP B 348 11.86 0.62 26.20
C ASP B 348 11.19 0.29 27.56
N ALA B 349 9.96 -0.21 27.57
CA ALA B 349 9.23 -0.53 28.79
C ALA B 349 9.68 -1.87 29.40
N PHE B 350 9.74 -1.93 30.72
CA PHE B 350 10.01 -3.15 31.46
C PHE B 350 8.72 -3.91 31.73
N LEU B 351 8.78 -5.25 31.66
CA LEU B 351 7.73 -6.12 32.16
C LEU B 351 7.57 -5.88 33.66
N HIS B 352 6.39 -5.42 34.07
CA HIS B 352 6.13 -4.90 35.40
C HIS B 352 4.84 -5.49 35.97
N SER B 353 4.77 -5.68 37.29
CA SER B 353 3.52 -6.08 37.94
C SER B 353 3.42 -5.49 39.34
N HIS B 354 2.20 -5.31 39.84
CA HIS B 354 1.95 -4.77 41.17
C HIS B 354 0.63 -5.31 41.73
N LEU B 355 0.34 -5.05 43.00
CA LEU B 355 -0.85 -5.57 43.69
C LEU B 355 -2.22 -5.09 43.14
N ALA B 356 -2.25 -4.09 42.24
CA ALA B 356 -3.50 -3.67 41.63
C ALA B 356 -4.04 -4.74 40.66
N ARG B 357 -5.36 -4.79 40.52
CA ARG B 357 -6.07 -5.83 39.76
C ARG B 357 -6.80 -5.25 38.57
N TYR B 358 -6.97 -6.03 37.51
CA TYR B 358 -7.82 -5.65 36.39
C TYR B 358 -9.25 -5.39 36.87
N PRO B 359 -9.97 -4.40 36.31
CA PRO B 359 -11.36 -4.15 36.65
C PRO B 359 -12.21 -5.33 36.18
N GLN B 360 -13.23 -5.74 36.94
CA GLN B 360 -14.07 -6.90 36.60
C GLN B 360 -14.67 -6.83 35.19
N ARG B 361 -14.93 -5.62 34.69
CA ARG B 361 -15.33 -5.36 33.31
C ARG B 361 -14.49 -4.22 32.74
N TYR B 362 -14.04 -4.37 31.50
CA TYR B 362 -13.46 -3.28 30.74
C TYR B 362 -14.54 -2.32 30.23
N GLU B 363 -14.14 -1.18 29.67
CA GLU B 363 -15.07 -0.12 29.23
C GLU B 363 -16.03 -0.56 28.12
N ASP B 364 -15.62 -1.53 27.30
CA ASP B 364 -16.45 -2.13 26.25
C ASP B 364 -17.39 -3.24 26.76
N GLY B 365 -17.36 -3.53 28.06
CA GLY B 365 -18.23 -4.49 28.72
C GLY B 365 -17.71 -5.93 28.73
N ARG B 366 -16.56 -6.24 28.12
CA ARG B 366 -15.89 -7.54 28.25
C ARG B 366 -15.48 -7.79 29.69
N ILE B 367 -15.51 -9.06 30.09
CA ILE B 367 -15.20 -9.50 31.46
C ILE B 367 -13.71 -9.85 31.51
N SER B 368 -13.00 -9.24 32.45
CA SER B 368 -11.60 -9.59 32.74
C SER B 368 -11.53 -10.73 33.74
N SER B 369 -10.34 -11.24 34.01
CA SER B 369 -10.13 -12.21 35.10
C SER B 369 -10.27 -11.61 36.50
N ALA B 370 -10.28 -10.28 36.63
CA ALA B 370 -10.04 -9.55 37.88
C ALA B 370 -8.73 -9.98 38.60
N GLY B 371 -7.78 -10.51 37.82
CA GLY B 371 -6.45 -10.92 38.24
C GLY B 371 -5.52 -9.73 38.50
N GLN B 372 -4.31 -10.02 38.95
CA GLN B 372 -3.27 -9.01 39.16
C GLN B 372 -2.83 -8.40 37.82
N GLN B 373 -2.60 -7.10 37.79
CA GLN B 373 -2.18 -6.42 36.56
C GLN B 373 -0.72 -6.72 36.22
N VAL B 374 -0.47 -6.99 34.94
CA VAL B 374 0.87 -6.98 34.35
C VAL B 374 0.90 -5.88 33.29
N THR B 375 1.86 -4.98 33.42
CA THR B 375 1.93 -3.72 32.66
C THR B 375 3.35 -3.47 32.15
N GLY B 376 3.50 -2.53 31.23
CA GLY B 376 4.79 -2.03 30.77
C GLY B 376 5.13 -0.72 31.46
N TYR B 377 6.24 -0.70 32.20
CA TYR B 377 6.68 0.48 32.94
C TYR B 377 8.06 0.94 32.48
N THR B 378 8.22 2.22 32.15
CA THR B 378 9.45 2.74 31.53
C THR B 378 10.56 3.09 32.52
N HIS B 379 10.29 3.04 33.83
CA HIS B 379 11.27 3.34 34.86
C HIS B 379 11.69 2.08 35.61
N PRO B 380 12.98 1.91 35.94
CA PRO B 380 13.45 0.77 36.70
C PRO B 380 12.99 0.85 38.16
N ASP B 381 12.33 -0.20 38.64
CA ASP B 381 11.89 -0.35 40.01
C ASP B 381 11.92 -1.83 40.49
N PHE B 382 11.49 -2.07 41.73
CA PHE B 382 11.46 -3.42 42.30
C PHE B 382 10.37 -4.31 41.69
N ASN B 383 9.32 -3.70 41.11
CA ASN B 383 8.22 -4.38 40.46
C ASN B 383 8.56 -4.81 39.01
N ASN B 384 9.75 -4.50 38.52
CA ASN B 384 10.28 -5.03 37.26
C ASN B 384 11.04 -6.36 37.41
N GLN B 385 11.16 -6.87 38.63
CA GLN B 385 12.03 -8.00 38.94
C GLN B 385 11.29 -9.33 38.85
N TRP B 386 11.78 -10.19 37.96
CA TRP B 386 11.26 -11.53 37.72
C TRP B 386 12.34 -12.56 37.97
N GLU B 387 12.05 -13.58 38.77
CA GLU B 387 12.96 -14.72 38.92
C GLU B 387 12.66 -15.78 37.86
N VAL B 388 13.71 -16.24 37.17
CA VAL B 388 13.59 -17.30 36.17
C VAL B 388 13.65 -18.66 36.86
N LEU B 389 12.54 -19.38 36.83
CA LEU B 389 12.42 -20.69 37.44
C LEU B 389 12.31 -21.79 36.39
N PRO B 390 12.85 -22.98 36.66
CA PRO B 390 12.68 -24.08 35.75
C PRO B 390 11.27 -24.70 35.91
N PRO B 391 10.80 -25.48 34.93
CA PRO B 391 9.54 -26.20 35.04
C PRO B 391 9.55 -27.15 36.25
N HIS B 392 8.37 -27.39 36.83
CA HIS B 392 8.21 -28.29 37.95
C HIS B 392 8.74 -29.70 37.63
N GLY B 393 9.52 -30.28 38.54
CA GLY B 393 10.10 -31.63 38.38
C GLY B 393 11.35 -31.71 37.49
N SER B 394 11.91 -30.58 37.05
CA SER B 394 13.20 -30.58 36.33
C SER B 394 14.39 -30.72 37.29
N ASP B 395 15.41 -31.48 36.88
CA ASP B 395 16.67 -31.67 37.64
C ASP B 395 17.63 -30.46 37.54
N VAL B 396 17.14 -29.32 37.05
CA VAL B 396 17.96 -28.15 36.72
C VAL B 396 18.18 -27.31 37.98
N GLY B 397 19.45 -27.19 38.39
CA GLY B 397 19.84 -26.50 39.61
C GLY B 397 20.34 -25.06 39.40
N LYS B 398 20.58 -24.37 40.52
CA LYS B 398 21.16 -23.02 40.57
C LYS B 398 22.52 -22.96 39.87
N GLY B 399 22.67 -22.00 38.96
CA GLY B 399 23.92 -21.77 38.19
C GLY B 399 23.96 -22.42 36.81
N GLN B 400 22.96 -23.23 36.44
CA GLN B 400 22.82 -23.73 35.08
C GLN B 400 22.23 -22.65 34.17
N ALA B 401 22.81 -22.51 32.98
CA ALA B 401 22.36 -21.53 31.99
C ALA B 401 20.97 -21.88 31.43
N VAL B 402 20.13 -20.86 31.26
CA VAL B 402 18.86 -20.97 30.55
C VAL B 402 19.14 -21.03 29.05
N LEU B 403 18.55 -22.01 28.35
CA LEU B 403 18.67 -22.10 26.89
C LEU B 403 17.41 -21.54 26.22
N LEU B 404 17.59 -20.95 25.05
CA LEU B 404 16.49 -20.46 24.22
C LEU B 404 15.54 -21.60 23.83
N ASN B 405 14.25 -21.28 23.82
CA ASN B 405 13.13 -22.19 23.54
C ASN B 405 12.90 -23.30 24.59
N GLN B 406 13.57 -23.26 25.75
CA GLN B 406 13.22 -24.12 26.88
C GLN B 406 12.06 -23.54 27.67
N HIS B 407 11.21 -24.43 28.20
CA HIS B 407 10.13 -24.02 29.08
C HIS B 407 10.72 -23.48 30.38
N ILE B 408 10.14 -22.39 30.86
CA ILE B 408 10.49 -21.68 32.07
C ILE B 408 9.19 -21.20 32.75
N ARG B 409 9.33 -20.74 33.99
CA ARG B 409 8.30 -19.99 34.70
C ARG B 409 8.93 -18.68 35.19
N LEU B 410 8.16 -17.62 35.23
CA LEU B 410 8.60 -16.32 35.74
C LEU B 410 7.83 -16.04 37.03
N ARG B 411 8.56 -15.85 38.13
CA ARG B 411 7.97 -15.44 39.41
C ARG B 411 8.23 -13.97 39.64
N HIS B 412 7.17 -13.20 39.83
CA HIS B 412 7.29 -11.80 40.20
C HIS B 412 7.80 -11.68 41.63
N VAL B 413 8.96 -11.06 41.84
CA VAL B 413 9.65 -11.05 43.13
C VAL B 413 8.86 -10.27 44.19
N ALA B 414 8.20 -9.17 43.81
CA ALA B 414 7.54 -8.29 44.77
C ALA B 414 6.21 -8.84 45.30
N THR B 415 5.47 -9.59 44.47
CA THR B 415 4.15 -10.14 44.86
C THR B 415 4.16 -11.64 45.09
N ASP B 416 5.29 -12.31 44.82
CA ASP B 416 5.45 -13.76 44.96
C ASP B 416 4.39 -14.57 44.20
N THR B 417 4.16 -14.17 42.95
CA THR B 417 3.17 -14.77 42.04
C THR B 417 3.83 -15.22 40.73
N TYR B 418 3.30 -16.26 40.09
CA TYR B 418 3.77 -16.70 38.78
C TYR B 418 3.10 -15.90 37.67
N LEU B 419 3.85 -15.49 36.65
CA LEU B 419 3.30 -14.97 35.40
C LEU B 419 2.36 -16.01 34.78
N LEU B 420 1.22 -15.56 34.26
CA LEU B 420 0.20 -16.41 33.65
C LEU B 420 -0.43 -15.71 32.44
N ALA B 421 -0.73 -16.50 31.41
CA ALA B 421 -1.57 -16.10 30.30
C ALA B 421 -2.69 -17.13 30.10
N HIS B 422 -3.88 -16.64 29.72
CA HIS B 422 -5.10 -17.45 29.64
C HIS B 422 -6.03 -16.96 28.54
N ASP B 423 -7.07 -17.73 28.23
CA ASP B 423 -8.10 -17.37 27.24
C ASP B 423 -9.09 -16.31 27.78
N VAL B 424 -8.56 -15.18 28.21
CA VAL B 424 -9.29 -13.95 28.57
C VAL B 424 -8.75 -12.84 27.69
N ALA B 425 -9.64 -12.05 27.07
CA ALA B 425 -9.21 -11.01 26.15
C ALA B 425 -8.56 -9.81 26.88
N SER B 426 -7.53 -9.21 26.29
CA SER B 426 -6.82 -8.04 26.84
C SER B 426 -7.67 -6.75 26.82
N PRO B 427 -7.40 -5.76 27.69
CA PRO B 427 -8.14 -4.50 27.77
C PRO B 427 -8.42 -3.82 26.42
N PHE B 428 -7.40 -3.58 25.59
CA PHE B 428 -7.56 -2.83 24.33
C PHE B 428 -7.75 -3.72 23.11
N TYR B 429 -7.21 -4.94 23.10
CA TYR B 429 -7.24 -5.83 21.93
C TYR B 429 -8.09 -7.09 22.21
N PRO B 430 -9.34 -7.16 21.70
CA PRO B 430 -10.24 -8.31 21.92
C PRO B 430 -9.71 -9.66 21.44
N THR B 431 -8.78 -9.65 20.48
CA THR B 431 -8.17 -10.86 19.93
C THR B 431 -6.94 -11.34 20.70
N ASN B 432 -6.35 -10.48 21.52
CA ASN B 432 -5.13 -10.76 22.28
C ASN B 432 -5.51 -11.16 23.70
N GLU B 433 -4.62 -11.88 24.36
CA GLU B 433 -4.87 -12.41 25.70
C GLU B 433 -4.44 -11.43 26.79
N GLU B 434 -5.19 -11.37 27.89
CA GLU B 434 -4.81 -10.69 29.11
C GLU B 434 -3.64 -11.45 29.74
N ILE B 435 -2.62 -10.72 30.17
CA ILE B 435 -1.49 -11.27 30.92
C ILE B 435 -1.67 -10.89 32.38
N THR B 436 -1.61 -11.88 33.27
CA THR B 436 -1.83 -11.69 34.70
C THR B 436 -0.79 -12.47 35.51
N THR B 437 -1.01 -12.59 36.82
CA THR B 437 -0.22 -13.47 37.68
C THR B 437 -1.12 -14.28 38.60
N VAL B 438 -0.65 -15.45 39.00
CA VAL B 438 -1.35 -16.41 39.87
C VAL B 438 -0.54 -16.72 41.13
N THR B 439 -1.21 -17.12 42.21
CA THR B 439 -0.52 -17.53 43.44
C THR B 439 0.32 -18.79 43.21
N LEU B 440 1.34 -19.02 44.06
CA LEU B 440 2.21 -20.18 43.94
C LEU B 440 1.43 -21.50 44.04
N GLU B 441 0.45 -21.57 44.95
CA GLU B 441 -0.37 -22.76 45.19
C GLU B 441 -1.23 -23.14 43.97
N GLU B 442 -1.90 -22.16 43.36
CA GLU B 442 -2.73 -22.36 42.17
C GLU B 442 -1.87 -22.65 40.93
N GLY B 443 -0.75 -21.95 40.78
CA GLY B 443 0.18 -22.15 39.68
C GLY B 443 0.93 -23.48 39.75
N ASP B 444 1.12 -24.06 40.94
CA ASP B 444 1.68 -25.42 41.12
C ASP B 444 0.57 -26.50 41.06
N GLY B 445 -0.69 -26.09 40.98
CA GLY B 445 -1.88 -26.94 40.86
C GLY B 445 -2.40 -27.02 39.43
N GLU B 446 -3.70 -26.74 39.26
CA GLU B 446 -4.40 -26.90 37.98
C GLU B 446 -3.93 -25.93 36.89
N LEU B 447 -3.49 -24.73 37.27
CA LEU B 447 -3.07 -23.67 36.34
C LEU B 447 -1.61 -23.80 35.92
N TYR B 448 -0.93 -24.89 36.28
CA TYR B 448 0.47 -25.11 35.93
C TYR B 448 0.79 -24.92 34.44
N PRO B 449 0.01 -25.47 33.48
CA PRO B 449 0.27 -25.28 32.04
C PRO B 449 0.27 -23.81 31.61
N GLU B 450 -0.61 -22.99 32.21
CA GLU B 450 -0.78 -21.56 31.91
C GLU B 450 0.33 -20.67 32.49
N THR B 451 1.24 -21.25 33.30
CA THR B 451 2.42 -20.55 33.82
C THR B 451 3.70 -20.85 33.02
N LEU B 452 3.61 -21.67 31.97
CA LEU B 452 4.76 -22.08 31.17
C LEU B 452 5.03 -21.09 30.05
N PHE B 453 6.21 -20.49 30.09
CA PHE B 453 6.72 -19.61 29.04
C PHE B 453 7.99 -20.15 28.44
N ALA B 454 8.42 -19.59 27.31
CA ALA B 454 9.71 -19.84 26.72
C ALA B 454 10.31 -18.53 26.21
N PHE B 455 11.63 -18.39 26.37
CA PHE B 455 12.38 -17.37 25.65
C PHE B 455 12.58 -17.85 24.21
N GLN B 456 11.60 -17.61 23.35
CA GLN B 456 11.61 -18.08 21.98
C GLN B 456 12.59 -17.24 21.15
N PRO B 457 13.56 -17.85 20.47
CA PRO B 457 14.51 -17.10 19.66
C PRO B 457 13.85 -16.45 18.45
N LEU B 458 14.39 -15.31 18.00
CA LEU B 458 13.90 -14.65 16.78
C LEU B 458 14.13 -15.50 15.52
N LYS B 459 15.23 -16.26 15.51
CA LYS B 459 15.61 -17.19 14.45
C LYS B 459 15.61 -18.62 14.96
N LYS B 460 15.05 -19.55 14.19
CA LYS B 460 15.07 -20.99 14.50
C LYS B 460 16.47 -21.57 14.63
N SER B 461 17.47 -20.97 13.96
CA SER B 461 18.88 -21.37 14.10
C SER B 461 19.44 -21.19 15.50
N ASP B 462 18.79 -20.35 16.31
CA ASP B 462 19.30 -19.96 17.61
C ASP B 462 18.70 -20.77 18.76
N GLU B 463 17.78 -21.70 18.46
CA GLU B 463 17.20 -22.62 19.43
C GLU B 463 18.29 -23.44 20.14
N GLY B 464 18.20 -23.53 21.47
CA GLY B 464 19.18 -24.23 22.30
C GLY B 464 20.45 -23.45 22.63
N HIS B 465 20.64 -22.23 22.09
CA HIS B 465 21.72 -21.37 22.55
C HIS B 465 21.48 -20.84 23.97
N VAL B 466 22.57 -20.52 24.66
CA VAL B 466 22.55 -19.91 25.99
C VAL B 466 21.97 -18.50 25.93
N LEU B 467 20.96 -18.22 26.74
CA LEU B 467 20.41 -16.88 26.93
C LEU B 467 21.44 -15.98 27.62
N LYS B 468 21.63 -14.77 27.09
CA LYS B 468 22.50 -13.74 27.66
C LYS B 468 21.78 -12.41 27.73
N SER B 469 22.01 -11.66 28.81
CA SER B 469 21.50 -10.29 28.95
C SER B 469 22.04 -9.38 27.83
N LYS B 470 21.25 -8.37 27.47
CA LYS B 470 21.52 -7.27 26.52
C LYS B 470 21.75 -7.64 25.06
N THR B 471 22.24 -8.85 24.78
CA THR B 471 22.66 -9.28 23.44
C THR B 471 21.67 -10.20 22.73
N VAL B 472 20.88 -10.97 23.49
CA VAL B 472 19.96 -11.95 22.93
C VAL B 472 18.55 -11.39 23.02
N SER B 473 18.00 -11.00 21.86
CA SER B 473 16.58 -10.72 21.72
C SER B 473 15.77 -12.01 21.63
N PHE B 474 14.58 -12.02 22.19
CA PHE B 474 13.65 -13.16 22.16
C PHE B 474 12.20 -12.66 22.18
N ARG B 475 11.28 -13.55 21.85
CA ARG B 475 9.85 -13.38 22.13
C ARG B 475 9.54 -14.11 23.42
N LEU B 476 8.83 -13.49 24.34
CA LEU B 476 8.37 -14.15 25.55
C LEU B 476 7.09 -14.91 25.20
N PHE B 477 7.24 -16.19 24.86
CA PHE B 477 6.21 -17.03 24.27
C PHE B 477 5.48 -17.83 25.35
N HIS B 478 4.16 -17.78 25.36
CA HIS B 478 3.33 -18.60 26.23
C HIS B 478 3.07 -19.97 25.59
N VAL B 479 3.36 -21.04 26.32
CA VAL B 479 3.39 -22.41 25.77
C VAL B 479 1.98 -22.93 25.47
N ASP B 480 1.03 -22.71 26.36
CA ASP B 480 -0.30 -23.33 26.27
C ASP B 480 -1.15 -22.70 25.14
N THR B 481 -1.29 -21.38 25.14
CA THR B 481 -2.14 -20.66 24.16
C THR B 481 -1.39 -20.21 22.90
N SER B 482 -0.07 -20.41 22.84
CA SER B 482 0.78 -20.07 21.69
C SER B 482 0.76 -18.59 21.28
N VAL B 483 0.73 -17.69 22.26
CA VAL B 483 0.84 -16.23 22.06
C VAL B 483 2.20 -15.71 22.48
N ALA B 484 2.61 -14.55 21.98
CA ALA B 484 3.81 -13.84 22.43
C ALA B 484 3.41 -12.59 23.22
N LEU B 485 4.10 -12.33 24.33
CA LEU B 485 3.91 -11.09 25.08
C LEU B 485 4.31 -9.89 24.24
N TRP B 486 3.47 -8.87 24.26
CA TRP B 486 3.58 -7.67 23.46
C TRP B 486 3.14 -6.44 24.26
N THR B 487 3.66 -5.27 23.88
CA THR B 487 3.28 -3.99 24.44
C THR B 487 3.40 -2.88 23.41
N HIS B 488 2.71 -1.77 23.65
CA HIS B 488 2.61 -0.62 22.76
C HIS B 488 2.54 0.67 23.58
N ASN B 489 2.78 1.81 22.93
CA ASN B 489 2.84 3.12 23.58
C ASN B 489 2.03 4.20 22.83
N ASP B 490 1.19 3.81 21.88
CA ASP B 490 0.23 4.68 21.20
C ASP B 490 -1.00 4.97 22.05
N GLU B 491 -1.40 4.03 22.90
CA GLU B 491 -2.46 4.22 23.89
C GLU B 491 -2.05 3.62 25.25
N LEU B 492 -2.29 4.37 26.34
CA LEU B 492 -1.94 3.95 27.70
C LEU B 492 -3.19 3.50 28.45
N LEU B 493 -3.02 2.58 29.40
CA LEU B 493 -4.14 2.10 30.23
C LEU B 493 -4.82 3.27 30.97
N PRO B 494 -6.14 3.21 31.24
CA PRO B 494 -6.84 4.25 31.99
C PRO B 494 -6.32 4.40 33.44
N ASP B 495 -6.93 5.27 34.23
CA ASP B 495 -6.52 5.57 35.61
C ASP B 495 -6.38 4.31 36.50
N TRP B 496 -7.20 3.27 36.27
CA TRP B 496 -7.12 2.00 37.01
C TRP B 496 -5.83 1.21 36.72
N GLY B 497 -5.18 1.46 35.59
CA GLY B 497 -3.89 0.90 35.18
C GLY B 497 -2.74 1.92 35.25
N PHE B 498 -2.93 3.01 36.01
CA PHE B 498 -1.92 4.03 36.28
C PHE B 498 -1.27 4.68 35.05
N GLN B 499 -1.96 4.71 33.90
CA GLN B 499 -1.39 5.22 32.64
C GLN B 499 -0.09 4.51 32.23
N GLN B 500 0.02 3.22 32.58
CA GLN B 500 1.12 2.36 32.14
C GLN B 500 0.77 1.71 30.79
N GLN B 501 1.79 1.15 30.12
CA GLN B 501 1.56 0.42 28.86
C GLN B 501 0.83 -0.89 29.16
N GLU B 502 -0.04 -1.32 28.25
CA GLU B 502 -0.67 -2.63 28.32
C GLU B 502 0.34 -3.73 27.96
N ILE B 503 0.34 -4.83 28.71
CA ILE B 503 1.02 -6.08 28.31
C ILE B 503 -0.07 -7.08 27.95
N ASN B 504 -0.03 -7.59 26.72
CA ASN B 504 -1.00 -8.56 26.23
C ASN B 504 -0.33 -9.71 25.46
N GLY B 505 -1.06 -10.81 25.27
CA GLY B 505 -0.66 -11.98 24.50
C GLY B 505 -1.07 -11.85 23.04
N ASN B 506 -0.15 -11.40 22.19
CA ASN B 506 -0.36 -11.24 20.76
C ASN B 506 -0.32 -12.59 20.03
N LYS B 507 -1.40 -12.90 19.30
CA LYS B 507 -1.52 -14.12 18.47
C LYS B 507 -0.63 -14.07 17.22
N LYS B 508 -0.25 -12.87 16.75
CA LYS B 508 0.74 -12.71 15.68
C LYS B 508 2.15 -12.86 16.23
N VAL B 509 2.51 -14.06 16.66
CA VAL B 509 3.78 -14.35 17.35
C VAL B 509 5.00 -13.81 16.60
N ILE B 510 5.03 -13.94 15.27
CA ILE B 510 6.20 -13.60 14.45
C ILE B 510 6.42 -12.08 14.34
N ASP B 511 5.45 -11.25 14.75
CA ASP B 511 5.53 -9.79 14.72
C ASP B 511 6.83 -9.29 15.39
N PRO B 512 7.66 -8.49 14.69
CA PRO B 512 8.90 -7.95 15.23
C PRO B 512 8.71 -7.05 16.45
N SER B 513 7.52 -6.45 16.61
CA SER B 513 7.21 -5.69 17.81
C SER B 513 7.04 -6.56 19.05
N ASN B 514 7.03 -7.90 18.96
CA ASN B 514 6.98 -8.79 20.14
C ASN B 514 8.36 -9.07 20.75
N ASN B 515 9.37 -8.26 20.45
CA ASN B 515 10.75 -8.55 20.83
C ASN B 515 11.11 -7.94 22.18
N TRP B 516 11.73 -8.76 23.02
CA TRP B 516 12.20 -8.45 24.36
C TRP B 516 13.68 -8.78 24.51
N VAL B 517 14.32 -8.18 25.50
CA VAL B 517 15.69 -8.49 25.92
C VAL B 517 15.75 -8.53 27.45
N VAL B 518 16.60 -9.40 28.00
CA VAL B 518 16.95 -9.30 29.43
C VAL B 518 17.91 -8.12 29.60
N ASP B 519 17.51 -7.09 30.32
CA ASP B 519 18.31 -5.86 30.49
C ASP B 519 19.38 -6.04 31.57
N GLU B 520 18.96 -6.41 32.78
CA GLU B 520 19.84 -6.59 33.94
C GLU B 520 19.58 -7.92 34.66
N ILE B 521 20.63 -8.48 35.26
CA ILE B 521 20.55 -9.58 36.25
C ILE B 521 20.87 -8.97 37.62
N VAL B 522 19.84 -8.80 38.45
CA VAL B 522 19.89 -8.06 39.72
C VAL B 522 20.73 -8.80 40.77
N ASN B 523 20.61 -10.12 40.85
CA ASN B 523 21.26 -10.96 41.86
C ASN B 523 22.58 -11.60 41.37
N LEU B 524 23.32 -10.90 40.50
CA LEU B 524 24.55 -11.42 39.91
C LEU B 524 25.69 -11.59 40.93
N ASP B 525 26.29 -12.78 41.01
CA ASP B 525 27.43 -13.06 41.88
C ASP B 525 28.68 -12.24 41.48
N GLU B 526 29.50 -11.83 42.47
CA GLU B 526 30.73 -11.02 42.25
C GLU B 526 31.70 -11.65 41.23
N VAL B 527 31.79 -12.99 41.19
CA VAL B 527 32.64 -13.70 40.23
C VAL B 527 32.14 -13.52 38.79
N ARG B 528 30.82 -13.48 38.59
CA ARG B 528 30.18 -13.29 37.28
C ARG B 528 30.22 -11.82 36.84
N LYS B 529 30.41 -10.86 37.76
CA LYS B 529 30.56 -9.43 37.44
C LYS B 529 31.85 -9.12 36.68
N VAL B 530 32.95 -9.78 37.07
CA VAL B 530 34.26 -9.58 36.37
C VAL B 530 34.17 -10.19 34.97
N TYR B 531 35.07 -9.77 34.08
CA TYR B 531 35.02 -10.21 32.65
C TYR B 531 35.18 -11.73 32.56
N ILE B 532 34.50 -12.36 31.60
CA ILE B 532 34.66 -13.83 31.37
C ILE B 532 34.95 -14.05 29.89
N PRO B 533 35.98 -14.84 29.51
CA PRO B 533 36.34 -15.02 28.11
C PRO B 533 35.24 -15.73 27.30
N LYS B 534 35.47 -15.92 25.99
CA LYS B 534 34.48 -16.57 25.14
C LYS B 534 35.18 -17.45 24.11
N VAL B 535 34.72 -18.68 24.00
CA VAL B 535 35.18 -19.60 22.95
C VAL B 535 34.45 -19.24 21.66
N VAL B 536 35.20 -18.70 20.69
CA VAL B 536 34.66 -18.35 19.37
C VAL B 536 34.22 -19.62 18.64
N LYS B 537 32.96 -19.69 18.23
CA LYS B 537 32.43 -20.80 17.44
C LYS B 537 32.36 -20.42 15.96
N PRO B 538 32.84 -21.26 15.03
CA PRO B 538 32.82 -20.94 13.61
C PRO B 538 31.41 -21.08 13.03
N LEU B 539 31.06 -20.20 12.09
CA LEU B 539 29.84 -20.29 11.28
C LEU B 539 30.22 -20.36 9.78
N PRO B 540 29.60 -21.24 8.97
CA PRO B 540 29.86 -21.26 7.54
C PRO B 540 29.57 -19.91 6.88
N PHE B 541 30.46 -19.47 6.00
CA PHE B 541 30.37 -18.15 5.34
C PHE B 541 29.00 -17.88 4.71
N LEU B 542 28.46 -18.84 3.94
CA LEU B 542 27.18 -18.65 3.25
C LEU B 542 26.02 -18.46 4.24
N LYS B 543 26.04 -19.13 5.40
CA LYS B 543 25.03 -18.95 6.43
C LYS B 543 25.12 -17.54 7.03
N LYS B 544 26.35 -17.12 7.36
CA LYS B 544 26.67 -15.78 7.87
C LYS B 544 26.22 -14.69 6.88
N TRP B 545 26.53 -14.86 5.59
CA TRP B 545 26.14 -13.94 4.53
C TRP B 545 24.62 -13.89 4.31
N ILE B 546 23.92 -15.04 4.27
CA ILE B 546 22.46 -15.08 4.09
C ILE B 546 21.75 -14.37 5.23
N GLU B 547 22.18 -14.57 6.48
CA GLU B 547 21.62 -13.89 7.65
C GLU B 547 21.80 -12.38 7.54
N THR B 548 23.03 -11.91 7.35
CA THR B 548 23.31 -10.47 7.18
C THR B 548 22.51 -9.89 6.02
N GLN B 549 22.39 -10.61 4.90
CA GLN B 549 21.64 -10.13 3.73
C GLN B 549 20.15 -9.98 3.98
N LYS B 550 19.53 -10.95 4.68
CA LYS B 550 18.13 -10.85 5.07
C LYS B 550 17.93 -9.65 5.99
N SER B 551 18.78 -9.49 7.01
CA SER B 551 18.72 -8.34 7.91
C SER B 551 18.86 -7.02 7.14
N MET B 552 19.78 -6.93 6.16
CA MET B 552 19.96 -5.74 5.32
C MET B 552 18.66 -5.37 4.58
N PHE B 553 18.02 -6.32 3.91
CA PHE B 553 16.78 -6.05 3.16
C PHE B 553 15.60 -5.72 4.08
N GLU B 554 15.46 -6.43 5.20
CA GLU B 554 14.40 -6.18 6.17
C GLU B 554 14.49 -4.79 6.79
N HIS B 555 15.69 -4.36 7.21
CA HIS B 555 15.89 -3.03 7.79
C HIS B 555 15.78 -1.91 6.74
N ASN B 556 16.27 -2.14 5.52
CA ASN B 556 16.12 -1.16 4.43
C ASN B 556 14.63 -0.91 4.10
N ASN B 557 13.81 -1.95 4.09
CA ASN B 557 12.36 -1.82 3.85
C ASN B 557 11.61 -1.13 5.00
N LYS B 558 12.16 -1.10 6.22
CA LYS B 558 11.57 -0.44 7.39
C LYS B 558 11.92 1.05 7.51
N LEU B 559 12.80 1.58 6.65
CA LEU B 559 13.14 3.01 6.59
C LEU B 559 12.01 3.82 5.93
N SER B 560 10.87 3.91 6.63
CA SER B 560 9.66 4.59 6.19
C SER B 560 9.22 5.72 7.12
N SER B 561 10.08 6.14 8.06
CA SER B 561 9.80 7.33 8.87
C SER B 561 9.67 8.57 7.97
N GLU B 562 9.19 9.70 8.48
CA GLU B 562 9.20 10.96 7.74
C GLU B 562 10.54 11.68 7.98
N HIS B 563 11.17 12.18 6.92
CA HIS B 563 12.38 13.01 7.02
C HIS B 563 12.15 14.32 6.29
N PRO B 564 12.47 15.49 6.88
CA PRO B 564 12.15 16.80 6.30
C PRO B 564 12.69 17.01 4.87
N PHE B 565 13.88 16.46 4.60
CA PHE B 565 14.54 16.57 3.29
C PHE B 565 14.23 15.43 2.32
N ALA B 566 13.31 14.52 2.64
CA ALA B 566 12.89 13.48 1.70
C ALA B 566 12.22 14.12 0.48
N SER B 567 12.49 13.58 -0.71
CA SER B 567 11.92 14.10 -1.96
C SER B 567 11.47 12.99 -2.89
N GLU B 568 10.39 13.27 -3.63
CA GLU B 568 9.77 12.32 -4.53
C GLU B 568 10.36 12.39 -5.94
N PRO B 569 10.35 11.27 -6.71
CA PRO B 569 10.99 11.19 -8.01
C PRO B 569 10.58 12.29 -9.00
N TYR B 570 9.31 12.73 -8.96
CA TYR B 570 8.82 13.76 -9.87
C TYR B 570 9.55 15.11 -9.73
N SER B 571 10.12 15.41 -8.55
CA SER B 571 10.81 16.69 -8.30
C SER B 571 12.27 16.67 -8.72
N TRP B 572 12.86 15.47 -8.92
CA TRP B 572 14.30 15.35 -9.13
C TRP B 572 14.76 15.96 -10.45
N PRO B 573 14.21 15.65 -11.65
CA PRO B 573 14.76 16.21 -12.88
C PRO B 573 14.74 17.74 -12.94
N GLY B 574 13.84 18.39 -12.18
CA GLY B 574 13.79 19.84 -12.04
C GLY B 574 14.71 20.42 -10.96
N SER B 575 15.32 19.57 -10.11
CA SER B 575 16.06 19.94 -8.90
C SER B 575 15.30 20.95 -8.03
N LEU B 576 14.00 20.69 -7.81
CA LEU B 576 13.06 21.65 -7.19
C LEU B 576 13.27 21.87 -5.69
N SER B 577 13.91 20.92 -5.01
CA SER B 577 14.30 20.99 -3.60
C SER B 577 15.69 20.39 -3.41
N GLY B 578 16.37 20.77 -2.33
CA GLY B 578 17.69 20.24 -1.97
C GLY B 578 17.75 19.75 -0.52
N VAL B 579 18.98 19.51 -0.04
CA VAL B 579 19.22 18.95 1.29
C VAL B 579 20.28 19.79 2.02
N SER B 580 20.01 20.20 3.25
CA SER B 580 21.02 20.87 4.08
C SER B 580 22.03 19.85 4.58
N PHE B 581 23.31 20.09 4.31
CA PHE B 581 24.40 19.17 4.68
C PHE B 581 25.15 19.65 5.93
N TRP B 582 25.28 20.97 6.10
CA TRP B 582 25.99 21.55 7.22
C TRP B 582 25.61 23.02 7.39
N THR B 583 25.64 23.51 8.63
CA THR B 583 25.38 24.91 8.99
C THR B 583 26.29 25.31 10.14
N ASN B 584 26.87 26.50 10.07
CA ASN B 584 27.56 27.16 11.19
C ASN B 584 26.79 28.43 11.55
N GLY B 585 26.21 28.45 12.76
CA GLY B 585 25.36 29.52 13.25
C GLY B 585 26.10 30.84 13.48
N ASP B 586 27.34 30.77 13.97
CA ASP B 586 28.15 31.94 14.33
C ASP B 586 28.63 32.69 13.08
N GLU B 587 29.11 31.96 12.08
CA GLU B 587 29.60 32.54 10.82
C GLU B 587 28.49 32.72 9.76
N LYS B 588 27.27 32.21 10.03
CA LYS B 588 26.15 32.15 9.08
C LYS B 588 26.53 31.50 7.74
N LYS B 589 27.23 30.38 7.82
CA LYS B 589 27.69 29.61 6.65
C LYS B 589 26.95 28.28 6.54
N GLN B 590 26.75 27.78 5.32
CA GLN B 590 26.03 26.53 5.10
C GLN B 590 26.49 25.80 3.84
N ILE B 591 26.40 24.47 3.87
CA ILE B 591 26.50 23.61 2.69
C ILE B 591 25.10 23.11 2.34
N TYR B 592 24.71 23.28 1.09
CA TYR B 592 23.41 22.88 0.57
C TYR B 592 23.57 22.04 -0.71
N PHE B 593 22.99 20.84 -0.68
CA PHE B 593 23.02 19.90 -1.79
C PHE B 593 21.89 20.17 -2.77
N ILE B 594 22.23 20.63 -3.97
CA ILE B 594 21.31 20.90 -5.07
C ILE B 594 22.01 20.72 -6.42
N GLY B 595 21.26 20.35 -7.46
CA GLY B 595 21.76 20.25 -8.83
C GLY B 595 21.98 21.61 -9.50
N ASN B 596 22.78 21.64 -10.56
CA ASN B 596 22.92 22.83 -11.40
C ASN B 596 21.66 22.99 -12.24
N ILE B 597 20.72 23.82 -11.80
CA ILE B 597 19.36 23.90 -12.35
C ILE B 597 19.35 24.18 -13.86
N ILE B 598 20.24 25.04 -14.35
CA ILE B 598 20.36 25.30 -15.79
C ILE B 598 20.77 24.02 -16.54
N GLY B 599 21.76 23.30 -16.01
CA GLY B 599 22.21 22.02 -16.58
C GLY B 599 21.11 20.95 -16.55
N TRP B 600 20.37 20.84 -15.46
CA TRP B 600 19.31 19.84 -15.29
C TRP B 600 18.13 20.14 -16.20
N TRP B 601 17.69 21.39 -16.29
CA TRP B 601 16.60 21.79 -17.19
C TRP B 601 16.99 21.63 -18.66
N PHE B 602 18.23 21.94 -19.01
CA PHE B 602 18.75 21.66 -20.34
C PHE B 602 18.67 20.16 -20.68
N GLN B 603 18.91 19.27 -19.72
CA GLN B 603 18.77 17.83 -19.92
C GLN B 603 17.29 17.40 -20.02
N VAL B 604 16.39 17.96 -19.22
CA VAL B 604 14.93 17.70 -19.35
C VAL B 604 14.43 18.10 -20.74
N ILE B 605 14.82 19.28 -21.23
CA ILE B 605 14.51 19.73 -22.60
C ILE B 605 15.09 18.75 -23.62
N SER B 606 16.33 18.31 -23.44
CA SER B 606 16.97 17.34 -24.34
C SER B 606 16.19 16.03 -24.41
N LEU B 607 15.78 15.47 -23.27
CA LEU B 607 14.98 14.25 -23.21
C LEU B 607 13.63 14.42 -23.94
N ALA B 608 12.94 15.55 -23.71
CA ALA B 608 11.67 15.85 -24.37
C ALA B 608 11.82 16.00 -25.90
N VAL B 609 12.86 16.72 -26.35
CA VAL B 609 13.17 16.90 -27.79
C VAL B 609 13.45 15.56 -28.46
N PHE B 610 14.22 14.68 -27.82
CA PHE B 610 14.49 13.34 -28.36
C PHE B 610 13.22 12.51 -28.52
N VAL B 611 12.35 12.48 -27.50
CA VAL B 611 11.06 11.78 -27.61
C VAL B 611 10.24 12.33 -28.77
N GLY B 612 10.21 13.66 -28.94
CA GLY B 612 9.58 14.31 -30.08
C GLY B 612 10.18 13.88 -31.43
N ILE B 613 11.51 13.79 -31.54
CA ILE B 613 12.21 13.33 -32.74
C ILE B 613 11.86 11.87 -33.07
N ILE B 614 11.89 10.97 -32.08
CA ILE B 614 11.57 9.55 -32.28
C ILE B 614 10.11 9.39 -32.72
N VAL B 615 9.17 10.07 -32.05
CA VAL B 615 7.74 10.01 -32.43
C VAL B 615 7.54 10.56 -33.84
N ALA B 616 8.18 11.67 -34.20
CA ALA B 616 8.10 12.23 -35.55
C ALA B 616 8.68 11.30 -36.61
N ASP B 617 9.84 10.69 -36.37
CA ASP B 617 10.45 9.68 -37.26
C ASP B 617 9.52 8.47 -37.47
N LEU B 618 8.92 7.93 -36.40
CA LEU B 618 7.98 6.81 -36.48
C LEU B 618 6.72 7.17 -37.28
N ILE B 619 6.12 8.34 -37.03
CA ILE B 619 4.93 8.80 -37.75
C ILE B 619 5.23 9.02 -39.23
N THR B 620 6.32 9.72 -39.55
CA THR B 620 6.69 10.02 -40.94
C THR B 620 7.00 8.76 -41.74
N ARG B 621 7.76 7.82 -41.17
CA ARG B 621 7.99 6.51 -41.79
C ARG B 621 6.71 5.74 -42.05
N HIS B 622 5.79 5.73 -41.09
CA HIS B 622 4.50 5.05 -41.28
C HIS B 622 3.67 5.66 -42.42
N ARG B 623 3.96 6.90 -42.81
CA ARG B 623 3.37 7.60 -43.95
C ARG B 623 4.18 7.45 -45.25
N GLY B 624 5.24 6.65 -45.26
CA GLY B 624 6.14 6.49 -46.41
C GLY B 624 7.04 7.69 -46.67
N TYR B 625 7.22 8.57 -45.67
CA TYR B 625 8.09 9.73 -45.74
C TYR B 625 9.34 9.51 -44.89
N TYR B 626 10.51 9.40 -45.53
CA TYR B 626 11.77 9.04 -44.89
C TYR B 626 12.63 10.29 -44.69
N ALA B 627 12.33 11.07 -43.66
CA ALA B 627 12.97 12.37 -43.43
C ALA B 627 14.45 12.26 -43.05
N LEU B 628 14.79 11.25 -42.24
CA LEU B 628 16.10 11.12 -41.60
C LEU B 628 17.01 10.16 -42.37
N ASN B 629 18.25 10.58 -42.60
CA ASN B 629 19.33 9.74 -43.12
C ASN B 629 19.60 8.54 -42.20
N LYS B 630 19.93 7.39 -42.79
CA LYS B 630 20.41 6.18 -42.09
C LYS B 630 21.43 6.46 -40.98
N MET B 631 22.48 7.25 -41.22
CA MET B 631 23.50 7.52 -40.19
C MET B 631 22.94 8.31 -39.00
N THR B 632 22.02 9.25 -39.24
CA THR B 632 21.33 9.96 -38.17
C THR B 632 20.50 8.99 -37.34
N ARG B 633 19.81 8.05 -37.98
CA ARG B 633 19.04 7.02 -37.27
C ARG B 633 19.91 6.07 -36.49
N GLU B 634 21.07 5.67 -37.00
CA GLU B 634 22.01 4.85 -36.24
C GLU B 634 22.46 5.55 -34.95
N LYS B 635 22.66 6.88 -34.99
CA LYS B 635 22.94 7.67 -33.77
C LYS B 635 21.74 7.71 -32.82
N LEU B 636 20.53 7.93 -33.34
CA LEU B 636 19.29 8.04 -32.56
C LEU B 636 18.89 6.71 -31.89
N TYR B 637 18.84 5.62 -32.67
CA TYR B 637 18.41 4.30 -32.22
C TYR B 637 19.54 3.45 -31.62
N GLY B 638 20.79 3.88 -31.75
CA GLY B 638 21.96 3.27 -31.11
C GLY B 638 22.34 3.97 -29.81
N PRO B 639 23.37 4.84 -29.81
CA PRO B 639 23.88 5.45 -28.59
C PRO B 639 22.84 6.28 -27.83
N LEU B 640 22.02 7.08 -28.51
CA LEU B 640 21.02 7.91 -27.84
C LEU B 640 19.91 7.08 -27.20
N MET B 641 19.40 6.07 -27.90
CA MET B 641 18.43 5.13 -27.32
C MET B 641 19.04 4.33 -26.17
N PHE B 642 20.30 3.89 -26.28
CA PHE B 642 21.01 3.21 -25.19
C PHE B 642 21.07 4.08 -23.93
N PHE B 643 21.45 5.35 -24.07
CA PHE B 643 21.45 6.29 -22.95
C PHE B 643 20.05 6.61 -22.43
N PHE B 644 19.07 6.80 -23.32
CA PHE B 644 17.69 7.06 -22.94
C PHE B 644 17.10 5.92 -22.11
N VAL B 645 17.23 4.67 -22.57
CA VAL B 645 16.79 3.49 -21.82
C VAL B 645 17.58 3.36 -20.51
N SER B 646 18.88 3.62 -20.53
CA SER B 646 19.69 3.60 -19.31
C SER B 646 19.22 4.65 -18.30
N TRP B 647 18.87 5.86 -18.74
CA TRP B 647 18.26 6.90 -17.91
C TRP B 647 16.92 6.44 -17.35
N CYS B 648 16.04 5.87 -18.18
CA CYS B 648 14.76 5.28 -17.75
C CYS B 648 14.95 4.25 -16.64
N CYS B 649 15.93 3.34 -16.77
CA CYS B 649 16.25 2.35 -15.75
C CYS B 649 16.72 2.97 -14.43
N HIS B 650 17.36 4.14 -14.45
CA HIS B 650 17.83 4.84 -13.24
C HIS B 650 16.81 5.85 -12.70
N TYR B 651 15.67 6.06 -13.36
CA TYR B 651 14.66 7.04 -12.95
C TYR B 651 13.31 6.42 -12.61
N PHE B 652 12.67 5.72 -13.55
CA PHE B 652 11.30 5.25 -13.38
C PHE B 652 11.09 4.21 -12.27
N PRO B 653 12.02 3.28 -11.97
CA PRO B 653 11.82 2.33 -10.88
C PRO B 653 11.61 2.97 -9.50
N PHE B 654 12.07 4.21 -9.29
CA PHE B 654 11.87 4.91 -8.02
C PHE B 654 10.41 5.31 -7.76
N PHE B 655 9.56 5.41 -8.79
CA PHE B 655 8.11 5.61 -8.62
C PHE B 655 7.41 4.38 -8.03
N LEU B 656 8.04 3.20 -8.13
CA LEU B 656 7.51 1.95 -7.57
C LEU B 656 8.01 1.68 -6.14
N MET B 657 8.92 2.52 -5.62
CA MET B 657 9.51 2.37 -4.29
C MET B 657 8.74 3.21 -3.25
N ALA B 658 8.25 2.54 -2.21
CA ALA B 658 7.48 3.15 -1.11
C ALA B 658 8.36 3.62 0.08
N ARG B 659 9.66 3.30 0.09
CA ARG B 659 10.59 3.77 1.13
C ARG B 659 10.94 5.25 0.94
N GLN B 660 11.58 5.84 1.95
CA GLN B 660 12.17 7.19 1.82
C GLN B 660 13.15 7.29 0.65
N LYS B 661 13.07 8.40 -0.09
CA LYS B 661 13.95 8.70 -1.24
C LYS B 661 14.43 10.15 -1.13
N PHE B 662 15.54 10.44 -1.81
CA PHE B 662 16.25 11.71 -1.73
C PHE B 662 16.84 12.05 -3.09
N LEU B 663 17.11 13.34 -3.33
CA LEU B 663 17.61 13.86 -4.61
C LEU B 663 18.89 13.15 -5.10
N HIS B 664 19.80 12.73 -4.20
CA HIS B 664 21.03 12.05 -4.59
C HIS B 664 20.79 10.74 -5.35
N HIS B 665 19.63 10.10 -5.17
CA HIS B 665 19.23 8.90 -5.91
C HIS B 665 19.11 9.14 -7.42
N TYR B 666 18.93 10.40 -7.84
CA TYR B 666 18.86 10.77 -9.25
C TYR B 666 20.25 11.01 -9.88
N LEU B 667 21.33 11.15 -9.11
CA LEU B 667 22.66 11.43 -9.68
C LEU B 667 23.14 10.40 -10.71
N PRO B 668 22.89 9.08 -10.55
CA PRO B 668 23.12 8.10 -11.61
C PRO B 668 22.36 8.39 -12.91
N ALA B 669 21.10 8.80 -12.82
CA ALA B 669 20.29 9.15 -13.98
C ALA B 669 20.81 10.45 -14.61
N HIS B 670 21.10 11.48 -13.82
CA HIS B 670 21.71 12.73 -14.27
C HIS B 670 23.04 12.48 -15.01
N LEU B 671 23.91 11.60 -14.47
CA LEU B 671 25.17 11.22 -15.11
C LEU B 671 24.93 10.72 -16.55
N ILE B 672 23.95 9.84 -16.75
CA ILE B 672 23.58 9.31 -18.07
C ILE B 672 22.94 10.41 -18.93
N ALA B 673 22.11 11.27 -18.34
CA ALA B 673 21.48 12.40 -19.03
C ALA B 673 22.51 13.41 -19.55
N CYS B 674 23.66 13.60 -18.88
CA CYS B 674 24.75 14.41 -19.40
C CYS B 674 25.34 13.84 -20.71
N LEU B 675 25.61 12.53 -20.77
CA LEU B 675 26.09 11.85 -21.99
C LEU B 675 25.08 12.00 -23.12
N PHE B 676 23.82 11.71 -22.78
CA PHE B 676 22.69 11.78 -23.69
C PHE B 676 22.54 13.17 -24.30
N SER B 677 22.51 14.22 -23.48
CA SER B 677 22.30 15.59 -23.96
C SER B 677 23.43 16.06 -24.85
N GLY B 678 24.69 15.79 -24.49
CA GLY B 678 25.81 16.11 -25.38
C GLY B 678 25.66 15.45 -26.74
N ALA B 679 25.40 14.14 -26.76
CA ALA B 679 25.19 13.37 -27.99
C ALA B 679 24.01 13.90 -28.83
N LEU B 680 22.87 14.22 -28.20
CA LEU B 680 21.65 14.63 -28.89
C LEU B 680 21.86 15.91 -29.68
N TRP B 681 22.47 16.92 -29.05
CA TRP B 681 22.67 18.20 -29.69
C TRP B 681 23.69 18.13 -30.83
N GLU B 682 24.67 17.22 -30.81
CA GLU B 682 25.51 16.98 -32.00
C GLU B 682 24.65 16.46 -33.18
N VAL B 683 23.72 15.54 -32.90
CA VAL B 683 22.81 15.02 -33.93
C VAL B 683 21.93 16.13 -34.49
N ILE B 684 21.32 16.97 -33.65
CA ILE B 684 20.46 18.09 -34.08
C ILE B 684 21.24 19.07 -34.99
N PHE B 685 22.50 19.34 -34.68
CA PHE B 685 23.37 20.20 -35.49
C PHE B 685 24.11 19.45 -36.61
N SER B 686 23.66 18.24 -36.98
CA SER B 686 24.17 17.49 -38.13
C SER B 686 23.22 17.56 -39.32
N ASP B 687 23.73 17.35 -40.53
CA ASP B 687 22.92 17.18 -41.73
C ASP B 687 22.11 15.88 -41.67
N CYS B 688 20.90 15.99 -41.13
CA CYS B 688 20.06 14.83 -40.85
C CYS B 688 19.21 14.36 -42.04
N LYS B 689 19.20 15.10 -43.15
CA LYS B 689 18.26 14.85 -44.26
C LYS B 689 18.63 13.58 -45.02
N SER B 690 17.62 12.77 -45.32
CA SER B 690 17.77 11.70 -46.31
C SER B 690 18.05 12.28 -47.70
N LEU B 691 18.76 11.49 -48.52
CA LEU B 691 19.01 11.81 -49.93
C LEU B 691 17.73 11.81 -50.78
N ASP B 692 16.77 10.93 -50.43
CA ASP B 692 15.51 10.76 -51.14
C ASP B 692 14.39 10.47 -50.15
N LEU B 693 13.50 11.44 -49.96
CA LEU B 693 12.43 11.40 -48.95
C LEU B 693 11.38 10.30 -49.21
N GLU B 694 11.33 9.73 -50.41
CA GLU B 694 10.40 8.67 -50.79
C GLU B 694 11.00 7.27 -50.64
N LYS B 695 12.30 7.16 -50.35
CA LYS B 695 13.00 5.87 -50.23
C LYS B 695 13.55 5.64 -48.84
N ASP B 696 13.29 4.46 -48.30
CA ASP B 696 13.88 4.05 -47.03
C ASP B 696 15.34 3.65 -47.22
N GLU B 697 16.25 4.47 -46.69
CA GLU B 697 17.71 4.21 -46.72
C GLU B 697 18.13 2.98 -45.89
N ASP B 698 17.25 2.44 -45.05
CA ASP B 698 17.48 1.18 -44.33
C ASP B 698 17.33 -0.06 -45.20
N ILE B 699 16.71 0.06 -46.38
CA ILE B 699 16.59 -1.06 -47.31
C ILE B 699 17.97 -1.43 -47.83
N SER B 700 18.27 -2.73 -47.86
CA SER B 700 19.55 -3.22 -48.35
C SER B 700 19.80 -2.78 -49.80
N GLY B 701 20.94 -2.14 -50.02
CA GLY B 701 21.36 -1.61 -51.33
C GLY B 701 20.97 -0.14 -51.58
N ALA B 702 20.19 0.49 -50.70
CA ALA B 702 19.91 1.93 -50.81
C ALA B 702 21.19 2.76 -50.59
N SER B 703 21.34 3.82 -51.38
CA SER B 703 22.40 4.81 -51.20
C SER B 703 22.03 5.75 -50.07
N TYR B 704 22.99 6.08 -49.20
CA TYR B 704 22.84 7.02 -48.09
C TYR B 704 24.15 7.79 -47.86
N GLU B 705 24.06 8.99 -47.28
CA GLU B 705 25.24 9.78 -46.92
C GLU B 705 25.91 9.17 -45.68
N ARG B 706 27.15 8.69 -45.84
CA ARG B 706 27.90 7.98 -44.80
C ARG B 706 28.55 8.92 -43.79
N ASN B 707 28.87 10.15 -44.17
CA ASN B 707 29.54 11.12 -43.31
C ASN B 707 28.73 12.42 -43.23
N PRO B 708 27.56 12.41 -42.57
CA PRO B 708 26.75 13.61 -42.40
C PRO B 708 27.56 14.76 -41.80
N LYS B 709 27.50 15.92 -42.44
CA LYS B 709 28.25 17.09 -42.00
C LYS B 709 27.67 17.63 -40.70
N VAL B 710 28.51 17.80 -39.68
CA VAL B 710 28.15 18.58 -38.49
C VAL B 710 28.37 20.07 -38.78
N TYR B 711 27.37 20.90 -38.51
CA TYR B 711 27.46 22.35 -38.60
C TYR B 711 28.27 22.91 -37.41
N VAL B 712 29.58 22.68 -37.43
CA VAL B 712 30.48 22.90 -36.28
C VAL B 712 30.42 24.33 -35.73
N LYS B 713 30.40 25.36 -36.58
CA LYS B 713 30.38 26.76 -36.11
C LYS B 713 29.16 27.09 -35.24
N PRO B 714 27.91 26.96 -35.73
CA PRO B 714 26.74 27.23 -34.88
C PRO B 714 26.63 26.25 -33.72
N TYR B 715 27.04 24.99 -33.91
CA TYR B 715 27.06 24.00 -32.82
C TYR B 715 27.99 24.42 -31.68
N THR B 716 29.23 24.83 -31.99
CA THR B 716 30.19 25.29 -30.99
C THR B 716 29.70 26.55 -30.28
N VAL B 717 29.11 27.52 -31.00
CA VAL B 717 28.53 28.72 -30.38
C VAL B 717 27.42 28.32 -29.39
N PHE B 718 26.52 27.43 -29.81
CA PHE B 718 25.46 26.91 -28.94
C PHE B 718 26.01 26.25 -27.68
N LEU B 719 26.98 25.33 -27.82
CA LEU B 719 27.60 24.66 -26.67
C LEU B 719 28.32 25.63 -25.73
N VAL B 720 29.01 26.64 -26.28
CA VAL B 720 29.67 27.68 -25.47
C VAL B 720 28.64 28.48 -24.69
N CYS B 721 27.54 28.90 -25.30
CA CYS B 721 26.46 29.62 -24.60
C CYS B 721 25.88 28.81 -23.44
N VAL B 722 25.56 27.53 -23.66
CA VAL B 722 25.04 26.66 -22.59
C VAL B 722 26.11 26.43 -21.51
N SER B 723 27.37 26.20 -21.89
CA SER B 723 28.48 26.01 -20.94
C SER B 723 28.70 27.25 -20.06
N CYS B 724 28.64 28.45 -20.65
CA CYS B 724 28.75 29.71 -19.91
C CYS B 724 27.59 29.88 -18.93
N ALA B 725 26.36 29.52 -19.31
CA ALA B 725 25.21 29.58 -18.40
C ALA B 725 25.34 28.60 -17.22
N VAL B 726 25.73 27.35 -17.49
CA VAL B 726 25.99 26.34 -16.45
C VAL B 726 27.12 26.77 -15.51
N ALA B 727 28.21 27.31 -16.07
CA ALA B 727 29.33 27.83 -15.28
C ALA B 727 28.94 29.05 -14.43
N TRP B 728 28.15 29.97 -14.99
CA TRP B 728 27.60 31.10 -14.23
C TRP B 728 26.77 30.64 -13.04
N PHE B 729 25.88 29.67 -13.24
CA PHE B 729 25.08 29.10 -12.15
C PHE B 729 25.96 28.44 -11.07
N PHE B 730 26.95 27.65 -11.49
CA PHE B 730 27.88 27.01 -10.56
C PHE B 730 28.62 28.04 -9.70
N VAL B 731 29.10 29.13 -10.29
CA VAL B 731 29.74 30.23 -9.55
C VAL B 731 28.75 30.91 -8.61
N TYR B 732 27.52 31.18 -9.06
CA TYR B 732 26.48 31.82 -8.25
C TYR B 732 26.09 31.00 -7.01
N PHE B 733 26.04 29.66 -7.13
CA PHE B 733 25.76 28.72 -6.03
C PHE B 733 27.01 28.22 -5.29
N SER B 734 28.21 28.60 -5.73
CA SER B 734 29.46 28.11 -5.12
C SER B 734 29.56 28.35 -3.60
N PRO B 735 29.07 29.46 -3.01
CA PRO B 735 29.03 29.61 -1.55
C PRO B 735 28.28 28.49 -0.83
N LEU B 736 27.22 27.94 -1.45
CA LEU B 736 26.42 26.84 -0.90
C LEU B 736 27.02 25.45 -1.19
N VAL B 737 27.86 25.33 -2.22
CA VAL B 737 28.60 24.09 -2.52
C VAL B 737 29.78 23.90 -1.57
N TYR B 738 30.48 24.98 -1.26
CA TYR B 738 31.70 24.97 -0.45
C TYR B 738 31.46 25.34 1.02
N GLY B 739 30.39 26.07 1.32
CA GLY B 739 30.08 26.58 2.66
C GLY B 739 31.08 27.61 3.17
N ASP B 740 31.96 28.14 2.32
CA ASP B 740 33.15 28.89 2.72
C ASP B 740 32.93 30.41 2.78
N VAL B 741 31.81 30.89 2.28
CA VAL B 741 31.43 32.31 2.22
C VAL B 741 30.12 32.51 2.97
N SER B 742 30.11 33.49 3.88
CA SER B 742 28.88 33.93 4.55
C SER B 742 28.07 34.78 3.57
N LEU B 743 26.78 34.49 3.45
CA LEU B 743 25.85 35.23 2.60
C LEU B 743 24.97 36.13 3.46
N SER B 744 24.74 37.37 3.01
CA SER B 744 23.74 38.22 3.66
C SER B 744 22.32 37.63 3.50
N PRO B 745 21.38 37.93 4.40
CA PRO B 745 20.02 37.39 4.29
C PRO B 745 19.34 37.65 2.94
N SER B 746 19.57 38.83 2.32
CA SER B 746 19.07 39.14 0.98
C SER B 746 19.69 38.28 -0.11
N GLU B 747 20.98 37.94 0.01
CA GLU B 747 21.67 37.02 -0.91
C GLU B 747 21.21 35.58 -0.73
N VAL B 748 20.90 35.16 0.51
CA VAL B 748 20.29 33.86 0.79
C VAL B 748 18.91 33.78 0.13
N VAL B 749 18.03 34.75 0.40
CA VAL B 749 16.67 34.81 -0.18
C VAL B 749 16.73 34.86 -1.72
N SER B 750 17.73 35.52 -2.32
CA SER B 750 17.88 35.53 -3.79
C SER B 750 18.16 34.15 -4.42
N ARG B 751 18.62 33.18 -3.61
CA ARG B 751 18.88 31.80 -3.99
C ARG B 751 17.76 30.84 -3.58
N GLU B 752 16.77 31.33 -2.82
CA GLU B 752 15.54 30.60 -2.51
C GLU B 752 14.56 30.78 -3.67
N TRP B 753 14.29 29.68 -4.38
CA TRP B 753 13.19 29.58 -5.34
C TRP B 753 12.59 28.18 -5.25
N PHE B 754 11.36 27.99 -5.75
CA PHE B 754 10.62 26.74 -5.59
C PHE B 754 10.55 26.31 -4.11
N ASP B 755 10.94 25.07 -3.79
CA ASP B 755 10.93 24.51 -2.43
C ASP B 755 12.35 24.50 -1.81
N ILE B 756 13.23 25.39 -2.28
CA ILE B 756 14.57 25.56 -1.70
C ILE B 756 14.44 26.44 -0.46
N GLU B 757 14.53 25.82 0.71
CA GLU B 757 14.64 26.51 1.99
C GLU B 757 16.10 26.53 2.45
N LEU B 758 16.66 27.73 2.64
CA LEU B 758 18.03 27.92 3.10
C LEU B 758 18.06 28.46 4.53
N ASN B 759 19.11 28.12 5.27
CA ASN B 759 19.34 28.71 6.57
C ASN B 759 19.81 30.17 6.43
N PHE B 760 19.59 30.98 7.46
CA PHE B 760 20.03 32.39 7.50
C PHE B 760 19.35 33.34 6.49
N SER B 761 18.14 32.99 6.02
CA SER B 761 17.29 33.87 5.21
C SER B 761 16.63 35.02 6.00
N LYS B 762 16.71 34.98 7.34
CA LYS B 762 16.14 35.96 8.26
C LYS B 762 17.19 36.83 8.95
N THR C 1 -13.55 -13.17 29.19
CA THR C 1 -13.98 -13.04 27.78
C THR C 1 -13.08 -13.88 26.90
N SER C 2 -13.64 -14.88 26.22
CA SER C 2 -12.82 -15.70 25.28
C SER C 2 -12.21 -14.78 24.21
N THR C 3 -10.93 -14.98 23.91
CA THR C 3 -10.25 -14.13 22.91
C THR C 3 -10.77 -14.46 21.53
N ASN C 4 -10.85 -13.45 20.65
CA ASN C 4 -11.44 -13.66 19.29
C ASN C 4 -10.51 -14.47 18.40
N ALA C 5 -11.06 -15.17 17.41
CA ALA C 5 -10.22 -15.90 16.43
C ALA C 5 -9.78 -14.89 15.37
N THR C 6 -10.62 -14.61 14.37
CA THR C 6 -10.27 -13.55 13.40
C THR C 6 -10.55 -12.22 14.05
N SER C 7 -9.58 -11.30 14.03
CA SER C 7 -9.74 -9.99 14.70
C SER C 7 -11.22 -9.68 14.93
N SER C 8 -11.95 -9.30 13.87
CA SER C 8 -13.40 -9.02 13.97
C SER C 8 -13.97 -8.71 12.58
N SER C 9 -15.21 -9.10 12.30
CA SER C 9 -15.83 -8.72 11.01
C SER C 9 -16.06 -7.20 11.04
N CYS C 10 -15.26 -6.44 10.28
CA CYS C 10 -15.36 -4.95 10.35
C CYS C 10 -15.51 -4.35 8.95
N ALA C 11 -15.83 -3.05 8.88
CA ALA C 11 -16.02 -2.36 7.59
C ALA C 11 -14.74 -1.69 7.12
N THR C 12 -14.77 -1.09 5.92
CA THR C 12 -13.61 -0.32 5.41
C THR C 12 -13.85 1.12 5.77
N PRO C 13 -12.83 1.98 6.00
CA PRO C 13 -13.07 3.37 6.51
C PRO C 13 -13.50 4.31 5.40
N SER C 14 -14.15 5.41 5.78
CA SER C 14 -14.58 6.43 4.78
C SER C 14 -14.04 7.80 5.22
N LEU C 15 -13.01 7.81 6.07
CA LEU C 15 -12.39 9.07 6.58
C LEU C 15 -13.22 9.64 7.74
N LYS C 16 -12.68 10.62 8.46
CA LYS C 16 -13.39 11.25 9.61
C LYS C 16 -14.88 10.86 9.58
C6 NNM D . -6.63 5.84 -6.37
C9 NNM D . -8.48 8.21 -6.94
C8 NNM D . -7.26 8.27 -6.41
C7 NNM D . -6.70 7.13 -5.61
C31 NNM D . -7.88 7.27 -25.55
C12 NNM D . -5.18 9.05 -8.70
C14 NNM D . -5.62 10.48 -10.68
C16 NNM D . -4.56 7.97 -12.14
C17 NNM D . -4.41 8.82 -13.39
C18 NNM D . -4.63 8.05 -14.66
C19 NNM D . -4.94 6.77 -14.67
C20 NNM D . -4.44 8.83 -15.94
C22 NNM D . -5.76 7.73 -17.80
C23 NNM D . -6.91 7.83 -18.75
C28 NNM D . -6.59 6.39 -23.56
C29 NNM D . -5.64 5.71 -24.17
C30 NNM D . -7.24 7.59 -24.21
C11 NNM D . -6.18 9.94 -7.97
C10 NNM D . -6.40 9.49 -6.53
C13 NNM D . -4.97 9.46 -10.14
C15 NNM D . -3.98 8.64 -10.91
C21 NNM D . -5.70 8.88 -16.81
C24 NNM D . -7.76 8.84 -18.72
C25 NNM D . -7.05 6.71 -19.75
C26 NNM D . -6.90 7.19 -21.19
C27 NNM D . -7.07 6.05 -22.19
C32 NNM D . -8.59 8.47 -26.15
C33 NNM D . -9.17 8.20 -27.51
C34 NNM D . -9.05 7.01 -28.10
#